data_2N7S
#
_entry.id   2N7S
#
_entity_poly.entity_id   1
_entity_poly.type   'polypeptide(L)'
_entity_poly.pdbx_seq_one_letter_code
;MPAALVSISVSPTNSTVAKGLQENFKATGIFTDNSNSDITDQVTWDSSNTDILSISNASDSHGLASTLNQGNVKVTASIG
GIQGSTDFKVTQ
;
_entity_poly.pdbx_strand_id   A
#
# COMPACT_ATOMS: atom_id res chain seq x y z
N MET A 1 0.45 -28.64 -1.41
CA MET A 1 -0.29 -28.53 -0.16
C MET A 1 -0.40 -27.07 0.28
N PRO A 2 -1.37 -26.80 1.16
CA PRO A 2 -1.60 -25.44 1.67
C PRO A 2 -0.48 -24.97 2.60
N ALA A 3 -0.37 -23.66 2.75
CA ALA A 3 0.66 -23.08 3.61
C ALA A 3 0.10 -21.92 4.44
N ALA A 4 0.94 -21.35 5.29
CA ALA A 4 0.53 -20.23 6.13
C ALA A 4 1.55 -19.09 6.07
N LEU A 5 1.06 -17.87 5.87
CA LEU A 5 1.93 -16.71 5.79
C LEU A 5 2.77 -16.56 7.05
N VAL A 6 3.59 -15.53 7.10
CA VAL A 6 4.46 -15.27 8.25
C VAL A 6 4.73 -13.79 8.43
N SER A 7 5.16 -13.15 7.34
CA SER A 7 5.47 -11.72 7.38
C SER A 7 5.50 -11.14 5.96
N ILE A 8 5.47 -9.81 5.87
CA ILE A 8 5.50 -9.13 4.58
C ILE A 8 6.44 -7.93 4.61
N SER A 9 7.13 -7.71 3.51
CA SER A 9 8.06 -6.59 3.40
C SER A 9 7.40 -5.39 2.72
N VAL A 10 7.07 -4.38 3.51
CA VAL A 10 6.44 -3.17 2.99
C VAL A 10 7.27 -1.94 3.29
N SER A 11 7.41 -1.07 2.31
CA SER A 11 8.19 0.17 2.47
C SER A 11 7.29 1.39 2.35
N PRO A 12 6.40 1.57 3.34
CA PRO A 12 5.47 2.69 3.37
C PRO A 12 6.17 4.03 3.64
N THR A 13 5.56 5.12 3.20
CA THR A 13 6.13 6.45 3.39
C THR A 13 5.24 7.30 4.29
N ASN A 14 5.74 7.62 5.48
CA ASN A 14 4.99 8.43 6.43
C ASN A 14 5.49 9.87 6.42
N SER A 15 5.06 10.63 5.42
CA SER A 15 5.47 12.03 5.30
C SER A 15 4.34 12.87 4.70
N THR A 16 4.66 14.11 4.34
CA THR A 16 3.67 15.01 3.76
C THR A 16 4.13 15.53 2.41
N VAL A 17 3.16 15.74 1.51
CA VAL A 17 3.47 16.24 0.17
C VAL A 17 2.51 17.34 -0.24
N ALA A 18 2.95 18.20 -1.15
CA ALA A 18 2.13 19.30 -1.63
C ALA A 18 0.97 18.80 -2.48
N LYS A 19 0.05 19.69 -2.80
CA LYS A 19 -1.11 19.34 -3.61
C LYS A 19 -0.70 18.62 -4.88
N GLY A 20 -1.21 17.41 -5.07
CA GLY A 20 -0.89 16.64 -6.25
C GLY A 20 0.45 15.93 -6.13
N LEU A 21 0.41 14.64 -5.85
CA LEU A 21 1.63 13.85 -5.69
C LEU A 21 1.30 12.36 -5.53
N GLN A 22 2.01 11.53 -6.29
CA GLN A 22 1.79 10.09 -6.23
C GLN A 22 3.09 9.35 -5.91
N GLU A 23 2.97 8.14 -5.39
CA GLU A 23 4.13 7.33 -5.04
C GLU A 23 3.88 5.86 -5.32
N ASN A 24 4.93 5.15 -5.71
CA ASN A 24 4.82 3.72 -6.00
C ASN A 24 4.91 2.89 -4.73
N PHE A 25 4.09 1.84 -4.65
CA PHE A 25 4.08 0.98 -3.47
C PHE A 25 4.45 -0.45 -3.86
N LYS A 26 5.16 -1.14 -2.96
CA LYS A 26 5.58 -2.51 -3.20
C LYS A 26 5.55 -3.32 -1.92
N ALA A 27 4.95 -4.51 -1.98
CA ALA A 27 4.86 -5.39 -0.82
C ALA A 27 5.14 -6.84 -1.21
N THR A 28 5.95 -7.51 -0.40
CA THR A 28 6.29 -8.90 -0.65
C THR A 28 5.82 -9.81 0.48
N GLY A 29 5.04 -10.83 0.14
CA GLY A 29 4.54 -11.75 1.14
C GLY A 29 5.48 -12.91 1.39
N ILE A 30 5.56 -13.34 2.65
CA ILE A 30 6.44 -14.45 3.01
C ILE A 30 5.65 -15.58 3.65
N PHE A 31 5.99 -16.82 3.28
CA PHE A 31 5.31 -17.99 3.80
C PHE A 31 6.23 -18.78 4.74
N THR A 32 5.63 -19.55 5.64
CA THR A 32 6.39 -20.35 6.59
C THR A 32 7.13 -21.48 5.89
N ASP A 33 6.79 -21.71 4.62
CA ASP A 33 7.42 -22.76 3.84
C ASP A 33 8.68 -22.25 3.16
N ASN A 34 9.20 -21.13 3.65
CA ASN A 34 10.40 -20.53 3.09
C ASN A 34 10.17 -20.09 1.64
N SER A 35 8.91 -20.01 1.26
CA SER A 35 8.55 -19.61 -0.10
C SER A 35 7.94 -18.20 -0.11
N ASN A 36 8.74 -17.22 -0.51
CA ASN A 36 8.30 -15.84 -0.56
C ASN A 36 7.74 -15.50 -1.95
N SER A 37 6.69 -14.70 -1.97
CA SER A 37 6.06 -14.31 -3.23
C SER A 37 5.73 -12.82 -3.23
N ASP A 38 5.76 -12.20 -4.41
CA ASP A 38 5.48 -10.79 -4.54
C ASP A 38 3.98 -10.56 -4.77
N ILE A 39 3.38 -9.72 -3.93
CA ILE A 39 1.96 -9.41 -4.04
C ILE A 39 1.16 -10.65 -4.45
N THR A 40 1.48 -11.79 -3.84
CA THR A 40 0.80 -13.03 -4.14
C THR A 40 -0.71 -12.88 -3.98
N ASP A 41 -1.12 -12.22 -2.90
CA ASP A 41 -2.54 -12.01 -2.63
C ASP A 41 -3.00 -10.67 -3.17
N GLN A 42 -2.12 -9.99 -3.89
CA GLN A 42 -2.43 -8.69 -4.47
C GLN A 42 -2.78 -7.68 -3.38
N VAL A 43 -1.75 -7.18 -2.69
CA VAL A 43 -1.93 -6.21 -1.63
C VAL A 43 -2.80 -5.05 -2.09
N THR A 44 -3.99 -4.94 -1.50
CA THR A 44 -4.92 -3.87 -1.86
C THR A 44 -4.75 -2.66 -0.95
N TRP A 45 -4.40 -1.52 -1.54
CA TRP A 45 -4.20 -0.30 -0.77
C TRP A 45 -5.45 0.58 -0.82
N ASP A 46 -5.71 1.30 0.27
CA ASP A 46 -6.87 2.17 0.35
C ASP A 46 -6.54 3.41 1.18
N SER A 47 -7.13 4.55 0.79
CA SER A 47 -6.91 5.80 1.50
C SER A 47 -8.20 6.30 2.14
N SER A 48 -8.06 6.96 3.28
CA SER A 48 -9.22 7.50 4.01
C SER A 48 -10.06 8.38 3.11
N ASN A 49 -9.43 8.97 2.09
CA ASN A 49 -10.12 9.84 1.15
C ASN A 49 -10.64 11.10 1.86
N THR A 50 -10.03 12.24 1.55
CA THR A 50 -10.43 13.50 2.15
C THR A 50 -11.14 14.39 1.13
N ASP A 51 -10.51 14.61 -0.01
CA ASP A 51 -11.09 15.43 -1.06
C ASP A 51 -11.31 14.63 -2.33
N ILE A 52 -10.21 14.14 -2.91
CA ILE A 52 -10.29 13.35 -4.14
C ILE A 52 -8.95 12.69 -4.45
N LEU A 53 -8.89 11.38 -4.25
CA LEU A 53 -7.66 10.62 -4.50
C LEU A 53 -7.98 9.26 -5.11
N SER A 54 -7.06 8.74 -5.92
CA SER A 54 -7.25 7.45 -6.56
C SER A 54 -5.97 6.63 -6.51
N ILE A 55 -6.10 5.35 -6.21
CA ILE A 55 -4.95 4.46 -6.12
C ILE A 55 -5.12 3.25 -7.05
N SER A 56 -4.11 3.00 -7.88
CA SER A 56 -4.15 1.89 -8.81
C SER A 56 -2.94 0.97 -8.62
N ASN A 57 -3.20 -0.23 -8.13
CA ASN A 57 -2.14 -1.20 -7.90
C ASN A 57 -2.43 -2.52 -8.60
N ALA A 58 -2.87 -2.43 -9.85
CA ALA A 58 -3.19 -3.62 -10.64
C ALA A 58 -2.78 -3.43 -12.10
N SER A 59 -2.00 -2.39 -12.36
CA SER A 59 -1.54 -2.10 -13.72
C SER A 59 -0.73 -3.28 -14.28
N ASP A 60 -0.18 -4.09 -13.38
CA ASP A 60 0.60 -5.25 -13.79
C ASP A 60 1.14 -6.00 -12.57
N SER A 61 1.44 -5.25 -11.51
CA SER A 61 1.97 -5.84 -10.29
C SER A 61 2.30 -4.76 -9.26
N HIS A 62 3.21 -3.86 -9.63
CA HIS A 62 3.62 -2.78 -8.74
C HIS A 62 2.43 -1.90 -8.37
N GLY A 63 2.47 -1.34 -7.17
CA GLY A 63 1.39 -0.48 -6.72
C GLY A 63 1.69 1.00 -6.91
N LEU A 64 0.64 1.81 -6.90
CA LEU A 64 0.79 3.25 -7.09
C LEU A 64 -0.41 4.01 -6.54
N ALA A 65 -0.16 5.01 -5.72
CA ALA A 65 -1.22 5.82 -5.13
C ALA A 65 -1.06 7.29 -5.48
N SER A 66 -2.16 7.92 -5.89
CA SER A 66 -2.13 9.32 -6.26
C SER A 66 -3.16 10.12 -5.45
N THR A 67 -2.68 11.06 -4.65
CA THR A 67 -3.55 11.88 -3.82
C THR A 67 -3.78 13.24 -4.46
N LEU A 68 -4.90 13.87 -4.11
CA LEU A 68 -5.23 15.19 -4.65
C LEU A 68 -6.20 15.92 -3.72
N ASN A 69 -5.95 15.84 -2.42
CA ASN A 69 -6.80 16.49 -1.43
C ASN A 69 -6.02 17.57 -0.67
N GLN A 70 -6.71 18.30 0.18
CA GLN A 70 -6.08 19.37 0.95
C GLN A 70 -6.20 19.08 2.45
N GLY A 71 -5.67 17.94 2.88
CA GLY A 71 -5.73 17.58 4.28
C GLY A 71 -4.87 16.37 4.60
N ASN A 72 -5.35 15.54 5.52
CA ASN A 72 -4.62 14.34 5.92
C ASN A 72 -5.36 13.08 5.50
N VAL A 73 -4.63 12.13 4.93
CA VAL A 73 -5.23 10.88 4.48
C VAL A 73 -4.59 9.68 5.18
N LYS A 74 -5.34 8.60 5.30
CA LYS A 74 -4.84 7.39 5.95
C LYS A 74 -4.72 6.25 4.95
N VAL A 75 -3.48 5.91 4.59
CA VAL A 75 -3.24 4.84 3.64
C VAL A 75 -3.05 3.50 4.35
N THR A 76 -3.91 2.54 4.03
CA THR A 76 -3.85 1.22 4.65
C THR A 76 -4.08 0.12 3.61
N ALA A 77 -3.36 -0.98 3.75
CA ALA A 77 -3.48 -2.10 2.83
C ALA A 77 -3.34 -3.43 3.57
N SER A 78 -3.84 -4.50 2.95
CA SER A 78 -3.78 -5.82 3.55
C SER A 78 -3.48 -6.89 2.49
N ILE A 79 -2.59 -7.81 2.84
CA ILE A 79 -2.21 -8.87 1.91
C ILE A 79 -2.07 -10.21 2.65
N GLY A 80 -2.66 -11.25 2.08
CA GLY A 80 -2.58 -12.57 2.68
C GLY A 80 -3.02 -12.56 4.14
N GLY A 81 -2.05 -12.61 5.05
CA GLY A 81 -2.36 -12.60 6.47
C GLY A 81 -1.86 -11.35 7.16
N ILE A 82 -0.69 -10.88 6.76
CA ILE A 82 -0.10 -9.69 7.36
C ILE A 82 -0.56 -8.43 6.63
N GLN A 83 -0.55 -7.30 7.33
CA GLN A 83 -0.96 -6.03 6.75
C GLN A 83 -0.10 -4.88 7.28
N GLY A 84 -0.13 -3.75 6.59
CA GLY A 84 0.64 -2.60 7.01
C GLY A 84 -0.19 -1.33 7.04
N SER A 85 0.43 -0.23 7.48
CA SER A 85 -0.26 1.05 7.56
C SER A 85 0.70 2.20 7.25
N THR A 86 0.15 3.28 6.71
CA THR A 86 0.95 4.45 6.37
C THR A 86 0.15 5.74 6.58
N ASP A 87 0.88 6.83 6.82
CA ASP A 87 0.25 8.13 7.05
C ASP A 87 0.71 9.15 6.00
N PHE A 88 -0.24 9.76 5.31
CA PHE A 88 0.07 10.75 4.29
C PHE A 88 -0.71 12.04 4.54
N LYS A 89 -0.04 13.17 4.31
CA LYS A 89 -0.66 14.48 4.51
C LYS A 89 -0.49 15.35 3.27
N VAL A 90 -1.57 15.57 2.55
CA VAL A 90 -1.55 16.39 1.35
C VAL A 90 -1.95 17.84 1.65
N THR A 91 -1.09 18.77 1.27
CA THR A 91 -1.35 20.19 1.50
C THR A 91 -1.81 20.88 0.23
N GLN A 92 -2.20 22.14 0.35
CA GLN A 92 -2.66 22.92 -0.79
C GLN A 92 -1.49 23.50 -1.57
N MET A 1 5.49 -29.69 0.56
CA MET A 1 4.47 -29.33 1.54
C MET A 1 3.70 -28.09 1.09
N PRO A 2 2.52 -27.89 1.68
CA PRO A 2 1.66 -26.74 1.36
C PRO A 2 2.23 -25.43 1.86
N ALA A 3 1.89 -24.34 1.18
CA ALA A 3 2.38 -23.02 1.57
C ALA A 3 1.30 -22.24 2.32
N ALA A 4 1.69 -21.66 3.45
CA ALA A 4 0.76 -20.89 4.27
C ALA A 4 1.37 -19.55 4.66
N LEU A 5 0.52 -18.53 4.76
CA LEU A 5 0.98 -17.20 5.13
C LEU A 5 1.82 -17.24 6.40
N VAL A 6 2.70 -16.25 6.56
CA VAL A 6 3.56 -16.17 7.73
C VAL A 6 3.85 -14.72 8.11
N SER A 7 4.36 -13.97 7.15
CA SER A 7 4.67 -12.56 7.37
C SER A 7 4.76 -11.80 6.06
N ILE A 8 4.96 -10.49 6.14
CA ILE A 8 5.05 -9.64 4.96
C ILE A 8 6.01 -8.48 5.19
N SER A 9 6.58 -7.98 4.10
CA SER A 9 7.52 -6.86 4.19
C SER A 9 6.96 -5.63 3.48
N VAL A 10 6.60 -4.62 4.27
CA VAL A 10 6.06 -3.38 3.73
C VAL A 10 6.92 -2.19 4.11
N SER A 11 7.19 -1.32 3.14
CA SER A 11 8.01 -0.14 3.38
C SER A 11 7.20 1.13 3.14
N PRO A 12 6.21 1.37 4.02
CA PRO A 12 5.35 2.56 3.93
C PRO A 12 6.09 3.85 4.27
N THR A 13 5.60 4.96 3.74
CA THR A 13 6.22 6.26 3.99
C THR A 13 5.29 7.17 4.79
N ASN A 14 5.68 7.47 6.02
CA ASN A 14 4.88 8.34 6.89
C ASN A 14 5.39 9.78 6.84
N SER A 15 5.18 10.44 5.70
CA SER A 15 5.62 11.82 5.52
C SER A 15 4.53 12.64 4.85
N THR A 16 4.89 13.87 4.45
CA THR A 16 3.95 14.76 3.78
C THR A 16 4.36 15.00 2.34
N VAL A 17 3.37 15.32 1.50
CA VAL A 17 3.62 15.58 0.08
C VAL A 17 2.86 16.81 -0.39
N ALA A 18 3.38 17.45 -1.43
CA ALA A 18 2.74 18.64 -1.98
C ALA A 18 1.45 18.30 -2.71
N LYS A 19 0.68 19.32 -3.07
CA LYS A 19 -0.58 19.12 -3.76
C LYS A 19 -0.36 18.50 -5.14
N GLY A 20 -1.06 17.41 -5.41
CA GLY A 20 -0.92 16.74 -6.69
C GLY A 20 0.36 15.94 -6.80
N LEU A 21 0.38 14.76 -6.19
CA LEU A 21 1.55 13.90 -6.21
C LEU A 21 1.16 12.44 -5.97
N GLN A 22 1.94 11.53 -6.54
CA GLN A 22 1.67 10.10 -6.38
C GLN A 22 2.90 9.38 -5.83
N GLU A 23 2.66 8.31 -5.07
CA GLU A 23 3.74 7.53 -4.49
C GLU A 23 3.56 6.05 -4.76
N ASN A 24 4.67 5.36 -5.03
CA ASN A 24 4.64 3.94 -5.32
C ASN A 24 4.86 3.12 -4.04
N PHE A 25 4.10 2.03 -3.91
CA PHE A 25 4.21 1.17 -2.74
C PHE A 25 4.76 -0.20 -3.12
N LYS A 26 5.29 -0.93 -2.14
CA LYS A 26 5.83 -2.25 -2.38
C LYS A 26 5.57 -3.17 -1.18
N ALA A 27 5.06 -4.37 -1.47
CA ALA A 27 4.76 -5.34 -0.41
C ALA A 27 5.19 -6.74 -0.83
N THR A 28 5.86 -7.45 0.07
CA THR A 28 6.32 -8.81 -0.20
C THR A 28 5.67 -9.81 0.74
N GLY A 29 5.02 -10.82 0.17
CA GLY A 29 4.38 -11.84 0.98
C GLY A 29 5.29 -13.00 1.31
N ILE A 30 5.18 -13.51 2.53
CA ILE A 30 6.01 -14.62 2.98
C ILE A 30 5.17 -15.89 3.20
N PHE A 31 5.79 -17.04 3.02
CA PHE A 31 5.11 -18.31 3.21
C PHE A 31 5.89 -19.23 4.14
N THR A 32 5.21 -20.19 4.75
CA THR A 32 5.84 -21.13 5.66
C THR A 32 6.80 -22.05 4.93
N ASP A 33 6.71 -22.06 3.60
CA ASP A 33 7.57 -22.90 2.78
C ASP A 33 8.86 -22.16 2.41
N ASN A 34 9.13 -21.06 3.12
CA ASN A 34 10.33 -20.27 2.88
C ASN A 34 10.30 -19.67 1.47
N SER A 35 9.12 -19.67 0.86
CA SER A 35 8.96 -19.12 -0.49
C SER A 35 8.15 -17.83 -0.45
N ASN A 36 8.84 -16.71 -0.65
CA ASN A 36 8.20 -15.40 -0.64
C ASN A 36 7.80 -14.99 -2.05
N SER A 37 6.64 -14.33 -2.16
CA SER A 37 6.13 -13.89 -3.45
C SER A 37 5.63 -12.45 -3.37
N ASP A 38 5.68 -11.75 -4.50
CA ASP A 38 5.23 -10.37 -4.56
C ASP A 38 3.73 -10.29 -4.87
N ILE A 39 3.02 -9.47 -4.11
CA ILE A 39 1.58 -9.30 -4.32
C ILE A 39 0.94 -10.61 -4.78
N THR A 40 1.28 -11.70 -4.11
CA THR A 40 0.74 -13.01 -4.45
C THR A 40 -0.75 -13.08 -4.15
N ASP A 41 -1.16 -12.51 -3.02
CA ASP A 41 -2.56 -12.50 -2.63
C ASP A 41 -3.25 -11.21 -3.08
N GLN A 42 -2.52 -10.39 -3.83
CA GLN A 42 -3.06 -9.13 -4.32
C GLN A 42 -3.43 -8.21 -3.16
N VAL A 43 -2.44 -7.51 -2.62
CA VAL A 43 -2.67 -6.60 -1.50
C VAL A 43 -3.83 -5.65 -1.79
N THR A 44 -4.69 -5.45 -0.80
CA THR A 44 -5.84 -4.57 -0.95
C THR A 44 -5.46 -3.12 -0.69
N TRP A 45 -5.77 -2.24 -1.64
CA TRP A 45 -5.46 -0.83 -1.50
C TRP A 45 -6.70 -0.04 -1.08
N ASP A 46 -6.53 0.85 -0.11
CA ASP A 46 -7.63 1.67 0.38
C ASP A 46 -7.12 3.00 0.92
N SER A 47 -7.89 4.05 0.72
CA SER A 47 -7.52 5.38 1.17
C SER A 47 -8.65 6.02 1.98
N SER A 48 -8.28 6.86 2.94
CA SER A 48 -9.27 7.53 3.78
C SER A 48 -10.05 8.57 2.98
N ASN A 49 -9.40 9.11 1.95
CA ASN A 49 -10.04 10.11 1.10
C ASN A 49 -10.28 11.41 1.88
N THR A 50 -10.17 12.53 1.18
CA THR A 50 -10.38 13.83 1.81
C THR A 50 -11.05 14.81 0.85
N ASP A 51 -10.36 15.15 -0.23
CA ASP A 51 -10.89 16.06 -1.23
C ASP A 51 -10.97 15.39 -2.60
N ILE A 52 -9.93 14.64 -2.94
CA ILE A 52 -9.88 13.95 -4.22
C ILE A 52 -8.59 13.14 -4.36
N LEU A 53 -8.70 11.83 -4.27
CA LEU A 53 -7.54 10.95 -4.38
C LEU A 53 -7.96 9.55 -4.82
N SER A 54 -7.16 8.93 -5.68
CA SER A 54 -7.44 7.59 -6.18
C SER A 54 -6.18 6.73 -6.19
N ILE A 55 -6.33 5.46 -5.82
CA ILE A 55 -5.21 4.54 -5.79
C ILE A 55 -5.40 3.40 -6.80
N SER A 56 -4.39 3.18 -7.63
CA SER A 56 -4.46 2.13 -8.64
C SER A 56 -3.33 1.12 -8.44
N ASN A 57 -3.70 -0.10 -8.05
CA ASN A 57 -2.72 -1.16 -7.82
C ASN A 57 -3.25 -2.50 -8.30
N ALA A 58 -3.24 -2.71 -9.61
CA ALA A 58 -3.73 -3.96 -10.18
C ALA A 58 -3.63 -3.94 -11.70
N SER A 59 -3.79 -2.75 -12.28
CA SER A 59 -3.72 -2.59 -13.73
C SER A 59 -2.42 -3.18 -14.28
N ASP A 60 -1.41 -3.25 -13.43
CA ASP A 60 -0.11 -3.79 -13.83
C ASP A 60 0.42 -4.75 -12.77
N SER A 61 0.73 -4.22 -11.59
CA SER A 61 1.26 -5.02 -10.49
C SER A 61 1.65 -4.15 -9.31
N HIS A 62 2.66 -3.32 -9.50
CA HIS A 62 3.13 -2.42 -8.45
C HIS A 62 2.01 -1.53 -7.96
N GLY A 63 2.08 -1.15 -6.69
CA GLY A 63 1.05 -0.29 -6.11
C GLY A 63 1.37 1.18 -6.27
N LEU A 64 0.34 1.99 -6.50
CA LEU A 64 0.52 3.42 -6.67
C LEU A 64 -0.69 4.19 -6.15
N ALA A 65 -0.44 5.26 -5.41
CA ALA A 65 -1.51 6.08 -4.86
C ALA A 65 -1.34 7.54 -5.24
N SER A 66 -2.35 8.11 -5.89
CA SER A 66 -2.31 9.50 -6.33
C SER A 66 -3.26 10.35 -5.50
N THR A 67 -2.71 11.30 -4.75
CA THR A 67 -3.51 12.19 -3.92
C THR A 67 -3.52 13.61 -4.47
N LEU A 68 -4.52 14.38 -4.06
CA LEU A 68 -4.64 15.76 -4.52
C LEU A 68 -5.64 16.53 -3.66
N ASN A 69 -5.45 16.46 -2.35
CA ASN A 69 -6.34 17.15 -1.41
C ASN A 69 -5.54 18.06 -0.48
N GLN A 70 -6.25 18.83 0.34
CA GLN A 70 -5.61 19.75 1.28
C GLN A 70 -5.80 19.27 2.71
N GLY A 71 -5.34 18.05 2.99
CA GLY A 71 -5.47 17.50 4.32
C GLY A 71 -4.60 16.28 4.54
N ASN A 72 -5.05 15.38 5.42
CA ASN A 72 -4.30 14.16 5.71
C ASN A 72 -5.01 12.94 5.15
N VAL A 73 -4.26 12.10 4.44
CA VAL A 73 -4.82 10.88 3.85
C VAL A 73 -4.24 9.63 4.51
N LYS A 74 -5.10 8.66 4.75
CA LYS A 74 -4.67 7.41 5.38
C LYS A 74 -4.62 6.28 4.36
N VAL A 75 -3.43 5.75 4.13
CA VAL A 75 -3.24 4.66 3.18
C VAL A 75 -3.19 3.32 3.89
N THR A 76 -4.15 2.45 3.56
CA THR A 76 -4.22 1.13 4.17
C THR A 76 -3.89 0.03 3.15
N ALA A 77 -3.01 -0.89 3.53
CA ALA A 77 -2.62 -1.98 2.67
C ALA A 77 -2.49 -3.28 3.44
N SER A 78 -3.06 -4.35 2.90
CA SER A 78 -3.01 -5.66 3.54
C SER A 78 -2.95 -6.77 2.51
N ILE A 79 -2.11 -7.78 2.77
CA ILE A 79 -1.96 -8.90 1.85
C ILE A 79 -1.90 -10.22 2.62
N GLY A 80 -2.71 -11.18 2.20
CA GLY A 80 -2.72 -12.48 2.85
C GLY A 80 -3.26 -12.41 4.27
N GLY A 81 -2.37 -12.36 5.25
CA GLY A 81 -2.77 -12.30 6.64
C GLY A 81 -2.37 -11.00 7.30
N ILE A 82 -1.07 -10.71 7.29
CA ILE A 82 -0.55 -9.49 7.90
C ILE A 82 -1.03 -8.26 7.15
N GLN A 83 -1.10 -7.13 7.84
CA GLN A 83 -1.53 -5.88 7.23
C GLN A 83 -0.68 -4.71 7.72
N GLY A 84 -0.72 -3.61 6.98
CA GLY A 84 0.04 -2.43 7.35
C GLY A 84 -0.73 -1.15 7.16
N SER A 85 -0.16 -0.03 7.62
CA SER A 85 -0.80 1.27 7.50
C SER A 85 0.23 2.36 7.27
N THR A 86 -0.21 3.47 6.69
CA THR A 86 0.68 4.60 6.41
C THR A 86 -0.06 5.93 6.57
N ASP A 87 0.69 6.97 6.88
CA ASP A 87 0.12 8.30 7.06
C ASP A 87 0.72 9.30 6.07
N PHE A 88 -0.14 9.98 5.31
CA PHE A 88 0.31 10.95 4.33
C PHE A 88 -0.41 12.28 4.52
N LYS A 89 0.30 13.37 4.29
CA LYS A 89 -0.26 14.71 4.43
C LYS A 89 -0.12 15.50 3.12
N VAL A 90 -1.24 15.73 2.45
CA VAL A 90 -1.24 16.47 1.20
C VAL A 90 -1.60 17.93 1.43
N THR A 91 -0.61 18.81 1.34
CA THR A 91 -0.82 20.24 1.54
C THR A 91 -1.13 20.93 0.23
N GLN A 92 -1.46 22.22 0.31
CA GLN A 92 -1.78 23.00 -0.88
C GLN A 92 -2.85 22.32 -1.71
N MET A 1 3.19 -29.47 -2.27
CA MET A 1 3.73 -28.11 -2.23
C MET A 1 2.84 -27.19 -1.42
N PRO A 2 2.87 -27.36 -0.08
CA PRO A 2 2.06 -26.56 0.84
C PRO A 2 2.56 -25.11 0.92
N ALA A 3 1.64 -24.19 1.16
CA ALA A 3 1.97 -22.78 1.27
C ALA A 3 0.86 -22.00 1.95
N ALA A 4 1.16 -21.42 3.11
CA ALA A 4 0.17 -20.65 3.85
C ALA A 4 0.76 -19.30 4.30
N LEU A 5 -0.09 -18.28 4.33
CA LEU A 5 0.35 -16.95 4.73
C LEU A 5 1.06 -16.99 6.08
N VAL A 6 1.96 -16.03 6.30
CA VAL A 6 2.70 -15.96 7.55
C VAL A 6 3.07 -14.51 7.88
N SER A 7 3.95 -13.93 7.07
CA SER A 7 4.39 -12.57 7.28
C SER A 7 4.50 -11.82 5.96
N ILE A 8 4.67 -10.50 6.03
CA ILE A 8 4.79 -9.67 4.83
C ILE A 8 5.77 -8.53 5.06
N SER A 9 6.36 -8.05 3.97
CA SER A 9 7.32 -6.95 4.04
C SER A 9 6.74 -5.68 3.42
N VAL A 10 6.44 -4.70 4.27
CA VAL A 10 5.88 -3.43 3.80
C VAL A 10 6.79 -2.27 4.18
N SER A 11 7.02 -1.38 3.23
CA SER A 11 7.87 -0.21 3.45
C SER A 11 7.09 1.08 3.28
N PRO A 12 6.12 1.32 4.18
CA PRO A 12 5.28 2.52 4.15
C PRO A 12 6.05 3.78 4.51
N THR A 13 5.64 4.90 3.92
CA THR A 13 6.31 6.18 4.17
C THR A 13 5.36 7.16 4.84
N ASN A 14 5.65 7.51 6.09
CA ASN A 14 4.82 8.44 6.84
C ASN A 14 5.34 9.87 6.69
N SER A 15 5.21 10.43 5.49
CA SER A 15 5.67 11.78 5.22
C SER A 15 4.59 12.60 4.53
N THR A 16 4.96 13.78 4.05
CA THR A 16 4.02 14.67 3.37
C THR A 16 4.34 14.77 1.88
N VAL A 17 3.33 15.11 1.09
CA VAL A 17 3.51 15.23 -0.35
C VAL A 17 2.83 16.50 -0.88
N ALA A 18 3.32 17.00 -2.00
CA ALA A 18 2.76 18.21 -2.60
C ALA A 18 1.42 17.91 -3.27
N LYS A 19 0.71 18.97 -3.67
CA LYS A 19 -0.58 18.82 -4.31
C LYS A 19 -0.46 18.02 -5.61
N GLY A 20 -1.24 16.94 -5.70
CA GLY A 20 -1.21 16.11 -6.88
C GLY A 20 0.14 15.46 -7.10
N LEU A 21 0.29 14.23 -6.62
CA LEU A 21 1.54 13.49 -6.76
C LEU A 21 1.29 11.99 -6.77
N GLN A 22 2.33 11.23 -7.08
CA GLN A 22 2.23 9.77 -7.13
C GLN A 22 3.37 9.12 -6.37
N GLU A 23 3.06 8.07 -5.62
CA GLU A 23 4.05 7.36 -4.83
C GLU A 23 3.90 5.84 -4.98
N ASN A 24 4.95 5.19 -5.48
CA ASN A 24 4.92 3.75 -5.68
C ASN A 24 5.25 3.02 -4.38
N PHE A 25 4.52 1.93 -4.13
CA PHE A 25 4.73 1.14 -2.93
C PHE A 25 5.23 -0.26 -3.27
N LYS A 26 5.69 -0.99 -2.26
CA LYS A 26 6.19 -2.34 -2.46
C LYS A 26 5.80 -3.25 -1.30
N ALA A 27 5.29 -4.43 -1.61
CA ALA A 27 4.88 -5.38 -0.60
C ALA A 27 5.29 -6.80 -0.97
N THR A 28 5.89 -7.52 -0.03
CA THR A 28 6.34 -8.88 -0.26
C THR A 28 5.61 -9.86 0.66
N GLY A 29 4.99 -10.87 0.07
CA GLY A 29 4.27 -11.86 0.85
C GLY A 29 5.14 -13.04 1.22
N ILE A 30 4.94 -13.56 2.44
CA ILE A 30 5.72 -14.70 2.91
C ILE A 30 4.82 -15.92 3.16
N PHE A 31 5.39 -17.10 3.01
CA PHE A 31 4.64 -18.34 3.21
C PHE A 31 5.31 -19.20 4.28
N THR A 32 4.52 -20.09 4.89
CA THR A 32 5.03 -20.98 5.92
C THR A 32 6.02 -21.99 5.35
N ASP A 33 6.05 -22.09 4.02
CA ASP A 33 6.96 -23.02 3.35
C ASP A 33 8.31 -22.36 3.09
N ASN A 34 8.57 -21.26 3.78
CA ASN A 34 9.83 -20.54 3.62
C ASN A 34 9.95 -19.98 2.20
N SER A 35 8.84 -19.95 1.48
CA SER A 35 8.84 -19.45 0.11
C SER A 35 8.20 -18.07 0.05
N ASN A 36 9.00 -17.06 -0.30
CA ASN A 36 8.52 -15.69 -0.39
C ASN A 36 8.06 -15.37 -1.81
N SER A 37 6.98 -14.61 -1.92
CA SER A 37 6.44 -14.24 -3.22
C SER A 37 6.08 -12.76 -3.25
N ASP A 38 6.14 -12.16 -4.44
CA ASP A 38 5.82 -10.75 -4.60
C ASP A 38 4.34 -10.56 -4.89
N ILE A 39 3.72 -9.61 -4.20
CA ILE A 39 2.30 -9.32 -4.38
C ILE A 39 1.52 -10.60 -4.70
N THR A 40 1.79 -11.66 -3.94
CA THR A 40 1.12 -12.93 -4.14
C THR A 40 -0.36 -12.83 -3.82
N ASP A 41 -0.68 -12.13 -2.73
CA ASP A 41 -2.06 -11.97 -2.30
C ASP A 41 -2.63 -10.64 -2.82
N GLN A 42 -1.86 -9.98 -3.68
CA GLN A 42 -2.29 -8.69 -4.25
C GLN A 42 -2.37 -7.62 -3.17
N VAL A 43 -1.36 -6.77 -3.11
CA VAL A 43 -1.33 -5.70 -2.12
C VAL A 43 -2.64 -4.93 -2.09
N THR A 44 -3.35 -5.02 -0.96
CA THR A 44 -4.62 -4.34 -0.81
C THR A 44 -4.43 -2.87 -0.48
N TRP A 45 -5.06 -2.00 -1.25
CA TRP A 45 -4.96 -0.56 -1.04
C TRP A 45 -6.24 -0.01 -0.43
N ASP A 46 -6.09 1.00 0.42
CA ASP A 46 -7.24 1.63 1.09
C ASP A 46 -6.94 3.08 1.42
N SER A 47 -7.97 3.92 1.32
CA SER A 47 -7.81 5.35 1.61
C SER A 47 -8.86 5.80 2.62
N SER A 48 -8.44 6.65 3.55
CA SER A 48 -9.34 7.16 4.58
C SER A 48 -10.24 8.26 4.01
N ASN A 49 -10.01 8.63 2.75
CA ASN A 49 -10.79 9.67 2.10
C ASN A 49 -10.57 11.02 2.75
N THR A 50 -10.67 12.08 1.95
CA THR A 50 -10.48 13.44 2.47
C THR A 50 -11.08 14.47 1.51
N ASP A 51 -10.41 14.69 0.39
CA ASP A 51 -10.88 15.64 -0.61
C ASP A 51 -10.97 15.00 -1.98
N ILE A 52 -9.94 14.26 -2.36
CA ILE A 52 -9.91 13.59 -3.65
C ILE A 52 -8.61 12.81 -3.84
N LEU A 53 -8.60 11.55 -3.41
CA LEU A 53 -7.42 10.70 -3.53
C LEU A 53 -7.81 9.29 -3.96
N SER A 54 -7.02 8.70 -4.85
CA SER A 54 -7.27 7.36 -5.34
C SER A 54 -5.99 6.54 -5.40
N ILE A 55 -6.06 5.30 -4.95
CA ILE A 55 -4.90 4.42 -4.95
C ILE A 55 -5.12 3.22 -5.88
N SER A 56 -4.17 2.99 -6.78
CA SER A 56 -4.26 1.87 -7.71
C SER A 56 -3.03 0.97 -7.61
N ASN A 57 -3.25 -0.25 -7.11
CA ASN A 57 -2.17 -1.21 -6.96
C ASN A 57 -2.38 -2.42 -7.86
N ALA A 58 -3.59 -2.55 -8.41
CA ALA A 58 -3.93 -3.65 -9.29
C ALA A 58 -3.60 -3.31 -10.74
N SER A 59 -2.89 -2.21 -10.94
CA SER A 59 -2.52 -1.78 -12.28
C SER A 59 -1.76 -2.88 -13.01
N ASP A 60 -1.15 -3.79 -12.25
CA ASP A 60 -0.40 -4.88 -12.83
C ASP A 60 0.18 -5.78 -11.74
N SER A 61 0.64 -5.16 -10.65
CA SER A 61 1.22 -5.90 -9.54
C SER A 61 1.76 -4.93 -8.47
N HIS A 62 2.56 -3.97 -8.91
CA HIS A 62 3.14 -2.99 -8.01
C HIS A 62 2.08 -2.02 -7.50
N GLY A 63 2.27 -1.52 -6.28
CA GLY A 63 1.32 -0.59 -5.70
C GLY A 63 1.63 0.86 -6.05
N LEU A 64 0.59 1.68 -6.10
CA LEU A 64 0.76 3.10 -6.42
C LEU A 64 -0.39 3.92 -5.87
N ALA A 65 -0.07 5.04 -5.24
CA ALA A 65 -1.07 5.92 -4.67
C ALA A 65 -0.98 7.32 -5.27
N SER A 66 -2.13 7.87 -5.65
CA SER A 66 -2.19 9.21 -6.24
C SER A 66 -3.20 10.08 -5.51
N THR A 67 -2.70 11.03 -4.73
CA THR A 67 -3.56 11.94 -3.99
C THR A 67 -3.62 13.32 -4.64
N LEU A 68 -4.74 14.00 -4.47
CA LEU A 68 -4.92 15.33 -5.04
C LEU A 68 -5.76 16.22 -4.12
N ASN A 69 -5.60 16.02 -2.82
CA ASN A 69 -6.34 16.79 -1.84
C ASN A 69 -5.45 17.87 -1.21
N GLN A 70 -6.05 18.71 -0.38
CA GLN A 70 -5.31 19.79 0.28
C GLN A 70 -5.38 19.65 1.79
N GLY A 71 -5.19 18.42 2.28
CA GLY A 71 -5.25 18.18 3.71
C GLY A 71 -4.43 16.97 4.12
N ASN A 72 -4.97 16.17 5.03
CA ASN A 72 -4.28 14.97 5.51
C ASN A 72 -5.10 13.72 5.18
N VAL A 73 -4.45 12.76 4.54
CA VAL A 73 -5.10 11.51 4.16
C VAL A 73 -4.45 10.31 4.87
N LYS A 74 -5.24 9.27 5.07
CA LYS A 74 -4.74 8.06 5.73
C LYS A 74 -4.76 6.87 4.77
N VAL A 75 -3.57 6.37 4.44
CA VAL A 75 -3.45 5.23 3.53
C VAL A 75 -3.15 3.96 4.30
N THR A 76 -3.98 2.93 4.08
CA THR A 76 -3.79 1.65 4.76
C THR A 76 -3.81 0.50 3.76
N ALA A 77 -3.01 -0.53 4.05
CA ALA A 77 -2.93 -1.69 3.17
C ALA A 77 -2.94 -2.99 3.98
N SER A 78 -3.32 -4.08 3.33
CA SER A 78 -3.37 -5.38 3.99
C SER A 78 -3.06 -6.51 3.00
N ILE A 79 -2.27 -7.48 3.46
CA ILE A 79 -1.89 -8.61 2.61
C ILE A 79 -1.95 -9.91 3.40
N GLY A 80 -2.61 -10.91 2.84
CA GLY A 80 -2.72 -12.21 3.49
C GLY A 80 -3.23 -12.08 4.91
N GLY A 81 -2.31 -12.16 5.87
CA GLY A 81 -2.69 -12.06 7.28
C GLY A 81 -2.23 -10.77 7.91
N ILE A 82 -0.98 -10.39 7.63
CA ILE A 82 -0.42 -9.16 8.18
C ILE A 82 -1.01 -7.93 7.50
N GLN A 83 -1.02 -6.81 8.22
CA GLN A 83 -1.55 -5.56 7.69
C GLN A 83 -0.61 -4.41 7.95
N GLY A 84 -0.78 -3.31 7.22
CA GLY A 84 0.06 -2.15 7.40
C GLY A 84 -0.70 -0.85 7.30
N SER A 85 -0.10 0.24 7.79
CA SER A 85 -0.74 1.54 7.76
C SER A 85 0.29 2.64 7.54
N THR A 86 -0.15 3.72 6.90
CA THR A 86 0.73 4.85 6.62
C THR A 86 -0.02 6.17 6.68
N ASP A 87 0.70 7.24 6.98
CA ASP A 87 0.08 8.57 7.08
C ASP A 87 0.69 9.52 6.04
N PHE A 88 -0.17 10.14 5.24
CA PHE A 88 0.29 11.06 4.22
C PHE A 88 -0.43 12.41 4.34
N LYS A 89 0.29 13.49 4.09
CA LYS A 89 -0.27 14.83 4.17
C LYS A 89 -0.11 15.58 2.85
N VAL A 90 -1.22 15.78 2.15
CA VAL A 90 -1.19 16.48 0.88
C VAL A 90 -1.51 17.96 1.05
N THR A 91 -0.62 18.81 0.55
CA THR A 91 -0.81 20.25 0.66
C THR A 91 -0.95 20.89 -0.72
N GLN A 92 -1.25 22.18 -0.74
CA GLN A 92 -1.42 22.91 -2.00
C GLN A 92 -0.08 23.45 -2.50
N MET A 1 2.66 -30.49 -0.65
CA MET A 1 3.38 -29.22 -0.68
C MET A 1 2.49 -28.09 -0.17
N PRO A 2 2.19 -28.11 1.14
CA PRO A 2 1.35 -27.09 1.78
C PRO A 2 2.05 -25.73 1.86
N ALA A 3 1.26 -24.66 1.89
CA ALA A 3 1.81 -23.32 1.98
C ALA A 3 0.80 -22.35 2.58
N ALA A 4 1.17 -21.72 3.70
CA ALA A 4 0.30 -20.78 4.37
C ALA A 4 1.03 -19.47 4.68
N LEU A 5 0.36 -18.35 4.46
CA LEU A 5 0.95 -17.04 4.71
C LEU A 5 1.55 -16.98 6.11
N VAL A 6 2.39 -15.97 6.35
CA VAL A 6 3.03 -15.80 7.64
C VAL A 6 3.32 -14.33 7.91
N SER A 7 4.25 -13.76 7.16
CA SER A 7 4.62 -12.36 7.31
C SER A 7 4.79 -11.68 5.96
N ILE A 8 4.91 -10.36 5.98
CA ILE A 8 5.08 -9.59 4.75
C ILE A 8 6.05 -8.43 4.96
N SER A 9 6.68 -7.99 3.87
CA SER A 9 7.63 -6.89 3.93
C SER A 9 7.06 -5.64 3.26
N VAL A 10 6.72 -4.64 4.07
CA VAL A 10 6.16 -3.39 3.56
C VAL A 10 7.04 -2.21 3.94
N SER A 11 7.29 -1.33 2.97
CA SER A 11 8.11 -0.16 3.19
C SER A 11 7.30 1.13 2.99
N PRO A 12 6.34 1.36 3.88
CA PRO A 12 5.47 2.54 3.82
C PRO A 12 6.22 3.83 4.17
N THR A 13 5.81 4.93 3.54
CA THR A 13 6.44 6.22 3.79
C THR A 13 5.47 7.21 4.42
N ASN A 14 5.73 7.58 5.66
CA ASN A 14 4.88 8.52 6.38
C ASN A 14 5.44 9.93 6.30
N SER A 15 5.07 10.65 5.24
CA SER A 15 5.53 12.01 5.05
C SER A 15 4.46 12.86 4.37
N THR A 16 4.83 14.07 3.96
CA THR A 16 3.90 14.98 3.30
C THR A 16 4.29 15.22 1.85
N VAL A 17 3.32 15.59 1.03
CA VAL A 17 3.56 15.86 -0.38
C VAL A 17 2.87 17.13 -0.83
N ALA A 18 3.39 17.75 -1.89
CA ALA A 18 2.81 18.98 -2.42
C ALA A 18 1.51 18.69 -3.18
N LYS A 19 0.79 19.75 -3.53
CA LYS A 19 -0.46 19.63 -4.26
C LYS A 19 -0.29 18.73 -5.47
N GLY A 20 -1.09 17.66 -5.55
CA GLY A 20 -1.01 16.75 -6.67
C GLY A 20 0.30 15.98 -6.70
N LEU A 21 0.38 14.92 -5.91
CA LEU A 21 1.59 14.10 -5.86
C LEU A 21 1.24 12.62 -5.81
N GLN A 22 2.25 11.77 -6.00
CA GLN A 22 2.05 10.33 -5.98
C GLN A 22 3.31 9.60 -5.52
N GLU A 23 3.13 8.41 -4.95
CA GLU A 23 4.26 7.63 -4.46
C GLU A 23 4.08 6.15 -4.80
N ASN A 24 5.19 5.48 -5.06
CA ASN A 24 5.16 4.06 -5.41
C ASN A 24 5.86 3.23 -4.34
N PHE A 25 5.28 2.07 -4.02
CA PHE A 25 5.85 1.18 -3.01
C PHE A 25 5.79 -0.27 -3.48
N LYS A 26 6.29 -1.17 -2.64
CA LYS A 26 6.30 -2.59 -2.96
C LYS A 26 6.06 -3.43 -1.71
N ALA A 27 5.40 -4.58 -1.89
CA ALA A 27 5.11 -5.48 -0.78
C ALA A 27 5.52 -6.91 -1.10
N THR A 28 6.18 -7.57 -0.17
CA THR A 28 6.62 -8.95 -0.35
C THR A 28 5.93 -9.89 0.63
N GLY A 29 5.30 -10.92 0.09
CA GLY A 29 4.61 -11.89 0.93
C GLY A 29 5.47 -13.09 1.28
N ILE A 30 5.34 -13.56 2.51
CA ILE A 30 6.11 -14.70 2.97
C ILE A 30 5.20 -15.84 3.42
N PHE A 31 5.63 -17.08 3.15
CA PHE A 31 4.85 -18.25 3.54
C PHE A 31 5.60 -19.09 4.57
N THR A 32 4.87 -19.95 5.27
CA THR A 32 5.47 -20.81 6.28
C THR A 32 6.40 -21.84 5.65
N ASP A 33 6.31 -21.99 4.34
CA ASP A 33 7.14 -22.94 3.61
C ASP A 33 8.45 -22.29 3.18
N ASN A 34 8.78 -21.15 3.78
CA ASN A 34 10.00 -20.42 3.45
C ASN A 34 9.98 -19.94 2.01
N SER A 35 8.79 -19.95 1.41
CA SER A 35 8.62 -19.51 0.02
C SER A 35 8.01 -18.11 -0.03
N ASN A 36 8.77 -17.15 -0.53
CA ASN A 36 8.30 -15.78 -0.64
C ASN A 36 7.66 -15.53 -2.01
N SER A 37 6.61 -14.71 -2.03
CA SER A 37 5.91 -14.40 -3.26
C SER A 37 5.65 -12.90 -3.36
N ASP A 38 5.62 -12.39 -4.59
CA ASP A 38 5.37 -10.98 -4.83
C ASP A 38 3.88 -10.70 -4.98
N ILE A 39 3.31 -9.99 -4.02
CA ILE A 39 1.89 -9.65 -4.04
C ILE A 39 1.07 -10.81 -4.60
N THR A 40 1.39 -12.03 -4.15
CA THR A 40 0.69 -13.21 -4.60
C THR A 40 -0.82 -13.11 -4.31
N ASP A 41 -1.15 -12.59 -3.13
CA ASP A 41 -2.54 -12.43 -2.74
C ASP A 41 -3.08 -11.08 -3.18
N GLN A 42 -2.28 -10.35 -3.96
CA GLN A 42 -2.67 -9.03 -4.44
C GLN A 42 -2.90 -8.07 -3.28
N VAL A 43 -1.86 -7.31 -2.94
CA VAL A 43 -1.94 -6.35 -1.85
C VAL A 43 -3.16 -5.44 -2.01
N THR A 44 -4.10 -5.56 -1.06
CA THR A 44 -5.31 -4.76 -1.11
C THR A 44 -5.03 -3.32 -0.67
N TRP A 45 -5.44 -2.37 -1.51
CA TRP A 45 -5.24 -0.96 -1.22
C TRP A 45 -6.49 -0.34 -0.61
N ASP A 46 -6.30 0.63 0.27
CA ASP A 46 -7.41 1.31 0.93
C ASP A 46 -7.03 2.73 1.32
N SER A 47 -7.99 3.65 1.20
CA SER A 47 -7.74 5.05 1.55
C SER A 47 -8.82 5.56 2.50
N SER A 48 -8.44 6.50 3.36
CA SER A 48 -9.36 7.07 4.32
C SER A 48 -10.24 8.14 3.67
N ASN A 49 -9.84 8.58 2.48
CA ASN A 49 -10.60 9.60 1.75
C ASN A 49 -10.53 10.94 2.46
N THR A 50 -10.66 12.02 1.70
CA THR A 50 -10.61 13.36 2.25
C THR A 50 -11.23 14.38 1.29
N ASP A 51 -10.50 14.69 0.22
CA ASP A 51 -10.98 15.65 -0.76
C ASP A 51 -10.99 15.03 -2.16
N ILE A 52 -9.93 14.29 -2.47
CA ILE A 52 -9.81 13.63 -3.77
C ILE A 52 -8.50 12.85 -3.88
N LEU A 53 -8.57 11.55 -3.58
CA LEU A 53 -7.40 10.69 -3.64
C LEU A 53 -7.79 9.28 -4.07
N SER A 54 -6.94 8.66 -4.89
CA SER A 54 -7.18 7.31 -5.38
C SER A 54 -5.91 6.48 -5.33
N ILE A 55 -6.05 5.21 -4.96
CA ILE A 55 -4.91 4.30 -4.89
C ILE A 55 -5.06 3.16 -5.88
N SER A 56 -4.02 2.95 -6.69
CA SER A 56 -4.03 1.89 -7.68
C SER A 56 -2.83 0.97 -7.51
N ASN A 57 -3.10 -0.30 -7.18
CA ASN A 57 -2.04 -1.28 -6.98
C ASN A 57 -2.13 -2.40 -8.02
N ALA A 58 -3.32 -2.57 -8.59
CA ALA A 58 -3.54 -3.60 -9.59
C ALA A 58 -3.24 -3.08 -11.00
N SER A 59 -2.64 -1.90 -11.06
CA SER A 59 -2.31 -1.28 -12.34
C SER A 59 -1.45 -2.23 -13.19
N ASP A 60 -0.75 -3.14 -12.52
CA ASP A 60 0.11 -4.10 -13.21
C ASP A 60 0.78 -5.03 -12.21
N SER A 61 1.12 -4.50 -11.04
CA SER A 61 1.79 -5.28 -10.01
C SER A 61 2.16 -4.40 -8.82
N HIS A 62 3.21 -3.60 -8.98
CA HIS A 62 3.67 -2.70 -7.92
C HIS A 62 2.54 -1.79 -7.45
N GLY A 63 2.58 -1.43 -6.17
CA GLY A 63 1.55 -0.57 -5.61
C GLY A 63 1.89 0.90 -5.73
N LEU A 64 0.87 1.73 -5.88
CA LEU A 64 1.06 3.16 -6.01
C LEU A 64 -0.12 3.93 -5.41
N ALA A 65 0.10 5.22 -5.14
CA ALA A 65 -0.95 6.06 -4.57
C ALA A 65 -0.87 7.48 -5.13
N SER A 66 -2.03 8.03 -5.50
CA SER A 66 -2.09 9.38 -6.05
C SER A 66 -3.15 10.21 -5.33
N THR A 67 -2.70 11.22 -4.58
CA THR A 67 -3.61 12.08 -3.84
C THR A 67 -3.46 13.54 -4.29
N LEU A 68 -4.56 14.29 -4.20
CA LEU A 68 -4.55 15.69 -4.60
C LEU A 68 -5.50 16.50 -3.72
N ASN A 69 -5.28 16.46 -2.42
CA ASN A 69 -6.12 17.19 -1.47
C ASN A 69 -5.29 18.18 -0.66
N GLN A 70 -5.97 18.99 0.15
CA GLN A 70 -5.29 19.98 0.98
C GLN A 70 -5.35 19.60 2.46
N GLY A 71 -5.24 18.31 2.73
CA GLY A 71 -5.30 17.84 4.10
C GLY A 71 -4.43 16.60 4.33
N ASN A 72 -4.89 15.72 5.21
CA ASN A 72 -4.16 14.50 5.52
C ASN A 72 -4.98 13.26 5.15
N VAL A 73 -4.37 12.36 4.38
CA VAL A 73 -5.04 11.14 3.97
C VAL A 73 -4.40 9.91 4.61
N LYS A 74 -5.23 8.97 5.07
CA LYS A 74 -4.73 7.76 5.69
C LYS A 74 -4.71 6.61 4.69
N VAL A 75 -3.51 6.22 4.26
CA VAL A 75 -3.35 5.13 3.32
C VAL A 75 -3.11 3.81 4.03
N THR A 76 -4.02 2.86 3.84
CA THR A 76 -3.89 1.55 4.47
C THR A 76 -3.98 0.44 3.44
N ALA A 77 -3.04 -0.51 3.51
CA ALA A 77 -3.01 -1.63 2.58
C ALA A 77 -2.81 -2.95 3.32
N SER A 78 -3.62 -3.95 2.96
CA SER A 78 -3.53 -5.26 3.60
C SER A 78 -3.37 -6.36 2.56
N ILE A 79 -2.46 -7.29 2.83
CA ILE A 79 -2.21 -8.40 1.92
C ILE A 79 -2.06 -9.71 2.67
N GLY A 80 -2.64 -10.78 2.13
CA GLY A 80 -2.55 -12.08 2.75
C GLY A 80 -3.04 -12.06 4.19
N GLY A 81 -2.10 -11.99 5.13
CA GLY A 81 -2.45 -11.97 6.54
C GLY A 81 -2.09 -10.65 7.21
N ILE A 82 -0.81 -10.30 7.15
CA ILE A 82 -0.33 -9.06 7.76
C ILE A 82 -0.89 -7.85 7.03
N GLN A 83 -0.99 -6.73 7.74
CA GLN A 83 -1.50 -5.49 7.15
C GLN A 83 -0.54 -4.33 7.40
N GLY A 84 -0.70 -3.26 6.63
CA GLY A 84 0.16 -2.10 6.78
C GLY A 84 -0.61 -0.80 6.67
N SER A 85 -0.07 0.26 7.27
CA SER A 85 -0.70 1.57 7.24
C SER A 85 0.34 2.68 7.15
N THR A 86 -0.04 3.79 6.53
CA THR A 86 0.86 4.93 6.38
C THR A 86 0.10 6.24 6.44
N ASP A 87 0.80 7.30 6.85
CA ASP A 87 0.18 8.62 6.97
C ASP A 87 0.73 9.57 5.90
N PHE A 88 -0.17 10.21 5.16
CA PHE A 88 0.22 11.13 4.10
C PHE A 88 -0.49 12.47 4.27
N LYS A 89 0.22 13.55 3.97
CA LYS A 89 -0.35 14.89 4.08
C LYS A 89 -0.13 15.68 2.79
N VAL A 90 -1.21 15.93 2.07
CA VAL A 90 -1.14 16.67 0.82
C VAL A 90 -1.65 18.10 1.00
N THR A 91 -0.82 19.06 0.61
CA THR A 91 -1.17 20.47 0.73
C THR A 91 -1.69 21.02 -0.60
N GLN A 92 -2.25 22.23 -0.55
CA GLN A 92 -2.79 22.86 -1.75
C GLN A 92 -1.67 23.43 -2.61
N MET A 1 1.49 -26.20 -4.61
CA MET A 1 2.06 -26.75 -3.39
C MET A 1 1.44 -26.08 -2.16
N PRO A 2 1.56 -26.74 -1.00
CA PRO A 2 1.01 -26.22 0.26
C PRO A 2 1.78 -25.00 0.77
N ALA A 3 1.07 -24.10 1.45
CA ALA A 3 1.68 -22.90 1.99
C ALA A 3 0.67 -22.07 2.76
N ALA A 4 1.11 -21.49 3.88
CA ALA A 4 0.24 -20.68 4.71
C ALA A 4 0.92 -19.36 5.07
N LEU A 5 0.13 -18.29 5.13
CA LEU A 5 0.65 -16.98 5.47
C LEU A 5 1.46 -17.02 6.76
N VAL A 6 2.37 -16.06 6.92
CA VAL A 6 3.20 -15.99 8.11
C VAL A 6 3.58 -14.55 8.43
N SER A 7 4.16 -13.86 7.44
CA SER A 7 4.58 -12.47 7.63
C SER A 7 4.69 -11.76 6.28
N ILE A 8 4.87 -10.45 6.32
CA ILE A 8 5.00 -9.65 5.11
C ILE A 8 5.98 -8.50 5.30
N SER A 9 6.57 -8.04 4.20
CA SER A 9 7.53 -6.94 4.25
C SER A 9 7.02 -5.74 3.46
N VAL A 10 6.65 -4.69 4.17
CA VAL A 10 6.14 -3.47 3.55
C VAL A 10 7.00 -2.27 3.92
N SER A 11 7.31 -1.44 2.93
CA SER A 11 8.12 -0.25 3.15
C SER A 11 7.32 1.01 2.87
N PRO A 12 6.31 1.28 3.72
CA PRO A 12 5.46 2.46 3.60
C PRO A 12 6.19 3.75 3.92
N THR A 13 5.70 4.85 3.36
CA THR A 13 6.32 6.16 3.58
C THR A 13 5.36 7.10 4.29
N ASN A 14 5.69 7.46 5.53
CA ASN A 14 4.86 8.36 6.32
C ASN A 14 5.41 9.79 6.28
N SER A 15 4.92 10.59 5.35
CA SER A 15 5.36 11.97 5.21
C SER A 15 4.30 12.82 4.53
N THR A 16 4.66 14.05 4.20
CA THR A 16 3.74 14.97 3.54
C THR A 16 4.19 15.27 2.11
N VAL A 17 3.23 15.45 1.21
CA VAL A 17 3.53 15.74 -0.18
C VAL A 17 2.63 16.84 -0.71
N ALA A 18 3.10 17.55 -1.74
CA ALA A 18 2.33 18.63 -2.34
C ALA A 18 1.15 18.09 -3.14
N LYS A 19 0.15 18.93 -3.34
CA LYS A 19 -1.04 18.53 -4.09
C LYS A 19 -0.65 17.93 -5.44
N GLY A 20 -1.26 16.80 -5.77
CA GLY A 20 -0.98 16.14 -7.03
C GLY A 20 0.37 15.44 -7.02
N LEU A 21 0.37 14.16 -6.65
CA LEU A 21 1.60 13.39 -6.59
C LEU A 21 1.29 11.91 -6.38
N GLN A 22 2.14 11.05 -6.95
CA GLN A 22 1.96 9.60 -6.82
C GLN A 22 3.21 8.96 -6.24
N GLU A 23 3.00 7.99 -5.34
CA GLU A 23 4.10 7.28 -4.70
C GLU A 23 4.04 5.79 -5.00
N ASN A 24 5.20 5.20 -5.29
CA ASN A 24 5.28 3.78 -5.59
C ASN A 24 5.65 2.98 -4.35
N PHE A 25 5.02 1.82 -4.19
CA PHE A 25 5.29 0.95 -3.04
C PHE A 25 5.20 -0.52 -3.44
N LYS A 26 5.75 -1.38 -2.59
CA LYS A 26 5.74 -2.82 -2.85
C LYS A 26 5.59 -3.60 -1.55
N ALA A 27 5.07 -4.82 -1.66
CA ALA A 27 4.87 -5.67 -0.49
C ALA A 27 5.27 -7.11 -0.80
N THR A 28 6.01 -7.73 0.12
CA THR A 28 6.45 -9.11 -0.06
C THR A 28 5.72 -10.04 0.91
N GLY A 29 5.10 -11.08 0.36
CA GLY A 29 4.38 -12.03 1.18
C GLY A 29 5.24 -13.21 1.59
N ILE A 30 5.05 -13.69 2.81
CA ILE A 30 5.82 -14.81 3.32
C ILE A 30 4.90 -16.01 3.61
N PHE A 31 5.45 -17.20 3.47
CA PHE A 31 4.70 -18.43 3.71
C PHE A 31 5.46 -19.37 4.63
N THR A 32 4.73 -20.19 5.38
CA THR A 32 5.33 -21.14 6.30
C THR A 32 6.07 -22.24 5.55
N ASP A 33 5.83 -22.32 4.25
CA ASP A 33 6.47 -23.33 3.41
C ASP A 33 7.82 -22.84 2.91
N ASN A 34 8.33 -21.77 3.52
CA ASN A 34 9.61 -21.21 3.13
C ASN A 34 9.57 -20.67 1.71
N SER A 35 8.36 -20.52 1.17
CA SER A 35 8.18 -20.02 -0.19
C SER A 35 7.55 -18.63 -0.17
N ASN A 36 8.39 -17.60 -0.22
CA ASN A 36 7.91 -16.22 -0.22
C ASN A 36 7.71 -15.72 -1.64
N SER A 37 6.67 -14.91 -1.84
CA SER A 37 6.37 -14.35 -3.14
C SER A 37 6.04 -12.87 -3.05
N ASP A 38 6.08 -12.19 -4.18
CA ASP A 38 5.79 -10.76 -4.23
C ASP A 38 4.28 -10.52 -4.35
N ILE A 39 3.76 -9.64 -3.51
CA ILE A 39 2.34 -9.32 -3.52
C ILE A 39 1.50 -10.55 -3.83
N THR A 40 1.84 -11.66 -3.19
CA THR A 40 1.11 -12.91 -3.38
C THR A 40 -0.39 -12.71 -3.20
N ASP A 41 -0.76 -11.98 -2.16
CA ASP A 41 -2.16 -11.71 -1.87
C ASP A 41 -2.59 -10.38 -2.46
N GLN A 42 -1.65 -9.67 -3.07
CA GLN A 42 -1.93 -8.37 -3.68
C GLN A 42 -2.34 -7.35 -2.62
N VAL A 43 -1.35 -6.67 -2.05
CA VAL A 43 -1.61 -5.67 -1.02
C VAL A 43 -2.45 -4.52 -1.58
N THR A 44 -3.65 -4.35 -1.03
CA THR A 44 -4.54 -3.28 -1.47
C THR A 44 -4.41 -2.06 -0.58
N TRP A 45 -3.94 -0.96 -1.18
CA TRP A 45 -3.77 0.29 -0.44
C TRP A 45 -4.95 1.22 -0.67
N ASP A 46 -5.36 1.93 0.39
CA ASP A 46 -6.48 2.86 0.30
C ASP A 46 -6.32 3.99 1.31
N SER A 47 -6.77 5.18 0.93
CA SER A 47 -6.67 6.35 1.80
C SER A 47 -8.01 6.63 2.47
N SER A 48 -7.96 7.20 3.67
CA SER A 48 -9.17 7.52 4.42
C SER A 48 -10.13 8.33 3.56
N ASN A 49 -9.94 9.63 3.53
CA ASN A 49 -10.79 10.53 2.75
C ASN A 49 -10.46 11.99 3.03
N THR A 50 -10.75 12.85 2.05
CA THR A 50 -10.48 14.27 2.19
C THR A 50 -11.07 15.07 1.03
N ASP A 51 -10.40 15.01 -0.12
CA ASP A 51 -10.85 15.71 -1.30
C ASP A 51 -11.06 14.75 -2.46
N ILE A 52 -10.02 13.98 -2.79
CA ILE A 52 -10.10 13.02 -3.87
C ILE A 52 -8.85 12.14 -3.93
N LEU A 53 -9.01 10.87 -3.58
CA LEU A 53 -7.89 9.92 -3.58
C LEU A 53 -8.15 8.79 -4.57
N SER A 54 -7.09 8.39 -5.27
CA SER A 54 -7.19 7.32 -6.25
C SER A 54 -6.00 6.38 -6.15
N ILE A 55 -6.29 5.08 -6.08
CA ILE A 55 -5.24 4.06 -5.99
C ILE A 55 -5.24 3.16 -7.20
N SER A 56 -4.05 2.78 -7.65
CA SER A 56 -3.90 1.92 -8.81
C SER A 56 -3.09 0.67 -8.46
N ASN A 57 -3.70 -0.50 -8.64
CA ASN A 57 -3.04 -1.76 -8.34
C ASN A 57 -3.56 -2.88 -9.24
N ALA A 58 -3.78 -2.54 -10.51
CA ALA A 58 -4.28 -3.51 -11.48
C ALA A 58 -3.67 -3.27 -12.85
N SER A 59 -2.63 -2.46 -12.90
CA SER A 59 -1.96 -2.15 -14.17
C SER A 59 -1.00 -3.26 -14.56
N ASP A 60 -0.25 -3.76 -13.57
CA ASP A 60 0.71 -4.82 -13.82
C ASP A 60 1.39 -5.24 -12.51
N SER A 61 0.59 -5.60 -11.52
CA SER A 61 1.11 -6.02 -10.23
C SER A 61 1.83 -4.87 -9.54
N HIS A 62 1.61 -3.65 -10.04
CA HIS A 62 2.24 -2.47 -9.47
C HIS A 62 1.42 -1.95 -8.28
N GLY A 63 2.11 -1.32 -7.33
CA GLY A 63 1.44 -0.79 -6.15
C GLY A 63 1.73 0.68 -5.94
N LEU A 64 0.99 1.54 -6.65
CA LEU A 64 1.17 2.97 -6.53
C LEU A 64 -0.04 3.63 -5.90
N ALA A 65 0.12 4.86 -5.43
CA ALA A 65 -0.97 5.60 -4.80
C ALA A 65 -0.97 7.06 -5.24
N SER A 66 -2.07 7.50 -5.84
CA SER A 66 -2.19 8.87 -6.32
C SER A 66 -3.06 9.69 -5.37
N THR A 67 -2.46 10.69 -4.74
CA THR A 67 -3.18 11.55 -3.81
C THR A 67 -3.46 12.91 -4.42
N LEU A 68 -4.73 13.29 -4.45
CA LEU A 68 -5.14 14.59 -5.01
C LEU A 68 -5.96 15.38 -4.01
N ASN A 69 -5.71 15.13 -2.72
CA ASN A 69 -6.43 15.83 -1.66
C ASN A 69 -5.67 17.08 -1.22
N GLN A 70 -6.27 17.86 -0.33
CA GLN A 70 -5.65 19.08 0.17
C GLN A 70 -5.74 19.15 1.69
N GLY A 71 -5.18 18.15 2.36
CA GLY A 71 -5.21 18.12 3.81
C GLY A 71 -4.43 16.95 4.38
N ASN A 72 -5.12 16.10 5.13
CA ASN A 72 -4.48 14.93 5.74
C ASN A 72 -5.22 13.65 5.38
N VAL A 73 -4.47 12.66 4.91
CA VAL A 73 -5.06 11.38 4.54
C VAL A 73 -4.36 10.22 5.24
N LYS A 74 -5.15 9.23 5.67
CA LYS A 74 -4.61 8.07 6.36
C LYS A 74 -4.46 6.89 5.40
N VAL A 75 -3.24 6.37 5.29
CA VAL A 75 -2.96 5.24 4.41
C VAL A 75 -3.12 3.91 5.15
N THR A 76 -3.95 3.03 4.60
CA THR A 76 -4.19 1.73 5.21
C THR A 76 -4.32 0.64 4.14
N ALA A 77 -3.53 -0.41 4.29
CA ALA A 77 -3.55 -1.52 3.34
C ALA A 77 -3.46 -2.85 4.06
N SER A 78 -3.92 -3.92 3.41
CA SER A 78 -3.90 -5.25 3.99
C SER A 78 -3.53 -6.29 2.93
N ILE A 79 -2.67 -7.23 3.31
CA ILE A 79 -2.24 -8.29 2.40
C ILE A 79 -2.17 -9.63 3.11
N GLY A 80 -2.85 -10.62 2.56
CA GLY A 80 -2.86 -11.95 3.16
C GLY A 80 -3.34 -11.94 4.60
N GLY A 81 -2.40 -11.95 5.53
CA GLY A 81 -2.76 -11.96 6.94
C GLY A 81 -2.32 -10.68 7.64
N ILE A 82 -1.06 -10.31 7.46
CA ILE A 82 -0.52 -9.11 8.09
C ILE A 82 -0.92 -7.86 7.32
N GLN A 83 -0.98 -6.73 8.01
CA GLN A 83 -1.35 -5.47 7.40
C GLN A 83 -0.50 -4.32 7.93
N GLY A 84 -0.49 -3.21 7.20
CA GLY A 84 0.29 -2.06 7.62
C GLY A 84 -0.43 -0.75 7.39
N SER A 85 0.00 0.30 8.07
CA SER A 85 -0.62 1.61 7.94
C SER A 85 0.45 2.70 7.80
N THR A 86 0.07 3.83 7.18
CA THR A 86 0.99 4.93 6.99
C THR A 86 0.26 6.27 7.07
N ASP A 87 0.98 7.32 7.45
CA ASP A 87 0.40 8.65 7.57
C ASP A 87 0.83 9.53 6.41
N PHE A 88 -0.14 10.11 5.72
CA PHE A 88 0.13 10.98 4.57
C PHE A 88 -0.57 12.32 4.73
N LYS A 89 0.15 13.41 4.45
CA LYS A 89 -0.41 14.75 4.55
C LYS A 89 -0.24 15.51 3.24
N VAL A 90 -1.36 15.78 2.57
CA VAL A 90 -1.33 16.50 1.31
C VAL A 90 -1.53 18.00 1.53
N THR A 91 -0.61 18.79 0.99
CA THR A 91 -0.67 20.24 1.14
C THR A 91 -0.66 20.92 -0.23
N GLN A 92 -1.51 21.94 -0.39
CA GLN A 92 -1.60 22.67 -1.64
C GLN A 92 -0.23 23.15 -2.09
N MET A 1 0.03 -30.31 1.06
CA MET A 1 1.02 -29.34 1.55
C MET A 1 0.80 -27.97 0.93
N PRO A 2 -0.30 -27.32 1.31
CA PRO A 2 -0.65 -25.98 0.80
C PRO A 2 0.29 -24.90 1.31
N ALA A 3 0.46 -23.84 0.53
CA ALA A 3 1.33 -22.74 0.91
C ALA A 3 0.62 -21.78 1.86
N ALA A 4 1.10 -21.73 3.09
CA ALA A 4 0.52 -20.85 4.10
C ALA A 4 1.40 -19.64 4.35
N LEU A 5 0.83 -18.45 4.17
CA LEU A 5 1.57 -17.21 4.37
C LEU A 5 2.18 -17.15 5.77
N VAL A 6 3.17 -16.30 5.95
CA VAL A 6 3.83 -16.15 7.24
C VAL A 6 3.96 -14.68 7.62
N SER A 7 4.66 -13.92 6.79
CA SER A 7 4.86 -12.50 7.04
C SER A 7 4.91 -11.71 5.73
N ILE A 8 5.08 -10.40 5.84
CA ILE A 8 5.15 -9.54 4.66
C ILE A 8 6.11 -8.38 4.89
N SER A 9 6.65 -7.84 3.80
CA SER A 9 7.59 -6.72 3.88
C SER A 9 7.04 -5.50 3.16
N VAL A 10 6.66 -4.50 3.94
CA VAL A 10 6.11 -3.26 3.39
C VAL A 10 6.95 -2.05 3.79
N SER A 11 7.21 -1.17 2.84
CA SER A 11 8.00 0.02 3.10
C SER A 11 7.16 1.29 2.93
N PRO A 12 6.19 1.47 3.83
CA PRO A 12 5.29 2.64 3.81
C PRO A 12 6.01 3.92 4.17
N THR A 13 5.47 5.05 3.70
CA THR A 13 6.06 6.36 3.98
C THR A 13 5.12 7.22 4.80
N ASN A 14 5.52 7.51 6.04
CA ASN A 14 4.69 8.33 6.93
C ASN A 14 5.17 9.78 6.91
N SER A 15 5.17 10.39 5.74
CA SER A 15 5.60 11.77 5.59
C SER A 15 4.53 12.60 4.90
N THR A 16 4.89 13.82 4.50
CA THR A 16 3.96 14.72 3.84
C THR A 16 4.31 14.88 2.37
N VAL A 17 3.32 15.29 1.57
CA VAL A 17 3.54 15.49 0.14
C VAL A 17 2.95 16.81 -0.33
N ALA A 18 3.48 17.34 -1.42
CA ALA A 18 3.00 18.61 -1.97
C ALA A 18 1.70 18.42 -2.74
N LYS A 19 1.00 19.51 -2.99
CA LYS A 19 -0.27 19.47 -3.71
C LYS A 19 -0.12 18.70 -5.02
N GLY A 20 -0.93 17.65 -5.18
CA GLY A 20 -0.88 16.86 -6.39
C GLY A 20 0.44 16.12 -6.54
N LEU A 21 0.42 14.82 -6.30
CA LEU A 21 1.63 14.00 -6.41
C LEU A 21 1.27 12.51 -6.41
N GLN A 22 2.29 11.67 -6.50
CA GLN A 22 2.09 10.22 -6.50
C GLN A 22 3.12 9.53 -5.62
N GLU A 23 2.73 8.37 -5.07
CA GLU A 23 3.62 7.60 -4.20
C GLU A 23 3.60 6.13 -4.57
N ASN A 24 4.77 5.57 -4.86
CA ASN A 24 4.89 4.17 -5.23
C ASN A 24 4.91 3.29 -3.98
N PHE A 25 4.23 2.14 -4.07
CA PHE A 25 4.17 1.21 -2.96
C PHE A 25 4.53 -0.19 -3.41
N LYS A 26 5.18 -0.95 -2.52
CA LYS A 26 5.60 -2.31 -2.83
C LYS A 26 5.51 -3.20 -1.59
N ALA A 27 4.92 -4.38 -1.76
CA ALA A 27 4.77 -5.32 -0.66
C ALA A 27 5.18 -6.73 -1.09
N THR A 28 5.96 -7.40 -0.24
CA THR A 28 6.42 -8.75 -0.52
C THR A 28 5.81 -9.75 0.45
N GLY A 29 5.16 -10.79 -0.09
CA GLY A 29 4.55 -11.80 0.75
C GLY A 29 5.48 -12.95 1.03
N ILE A 30 5.42 -13.48 2.25
CA ILE A 30 6.26 -14.59 2.66
C ILE A 30 5.44 -15.83 2.97
N PHE A 31 5.96 -17.00 2.61
CA PHE A 31 5.27 -18.26 2.85
C PHE A 31 6.09 -19.16 3.79
N THR A 32 5.40 -20.08 4.46
CA THR A 32 6.05 -21.00 5.38
C THR A 32 6.94 -21.98 4.63
N ASP A 33 6.79 -22.02 3.31
CA ASP A 33 7.59 -22.92 2.47
C ASP A 33 8.92 -22.28 2.11
N ASN A 34 9.27 -21.21 2.82
CA ASN A 34 10.53 -20.50 2.56
C ASN A 34 10.53 -19.88 1.17
N SER A 35 9.35 -19.81 0.56
CA SER A 35 9.22 -19.23 -0.78
C SER A 35 8.50 -17.90 -0.73
N ASN A 36 9.25 -16.82 -0.88
CA ASN A 36 8.68 -15.47 -0.85
C ASN A 36 8.31 -15.01 -2.25
N SER A 37 7.20 -14.31 -2.37
CA SER A 37 6.74 -13.81 -3.66
C SER A 37 6.28 -12.35 -3.54
N ASP A 38 6.18 -11.68 -4.68
CA ASP A 38 5.75 -10.28 -4.71
C ASP A 38 4.23 -10.19 -4.83
N ILE A 39 3.63 -9.44 -3.90
CA ILE A 39 2.17 -9.26 -3.90
C ILE A 39 1.47 -10.54 -4.31
N THR A 40 1.93 -11.67 -3.79
CA THR A 40 1.34 -12.97 -4.10
C THR A 40 -0.14 -13.00 -3.76
N ASP A 41 -0.49 -12.42 -2.63
CA ASP A 41 -1.88 -12.37 -2.19
C ASP A 41 -2.54 -11.06 -2.60
N GLN A 42 -1.82 -10.26 -3.38
CA GLN A 42 -2.32 -8.98 -3.84
C GLN A 42 -2.72 -8.09 -2.67
N VAL A 43 -1.79 -7.26 -2.22
CA VAL A 43 -2.03 -6.36 -1.10
C VAL A 43 -3.03 -5.27 -1.49
N THR A 44 -4.22 -5.34 -0.92
CA THR A 44 -5.26 -4.36 -1.20
C THR A 44 -5.02 -3.06 -0.45
N TRP A 45 -4.86 -1.97 -1.19
CA TRP A 45 -4.62 -0.67 -0.59
C TRP A 45 -5.91 0.14 -0.50
N ASP A 46 -5.99 1.02 0.49
CA ASP A 46 -7.16 1.85 0.69
C ASP A 46 -6.79 3.16 1.37
N SER A 47 -7.49 4.23 0.98
CA SER A 47 -7.23 5.55 1.56
C SER A 47 -8.47 6.09 2.25
N SER A 48 -8.26 6.83 3.34
CA SER A 48 -9.36 7.41 4.10
C SER A 48 -10.15 8.40 3.26
N ASN A 49 -9.55 8.84 2.15
CA ASN A 49 -10.20 9.79 1.25
C ASN A 49 -10.36 11.16 1.93
N THR A 50 -10.15 12.22 1.15
CA THR A 50 -10.27 13.57 1.68
C THR A 50 -11.05 14.47 0.71
N ASP A 51 -10.42 14.83 -0.39
CA ASP A 51 -11.06 15.67 -1.40
C ASP A 51 -11.14 14.95 -2.74
N ILE A 52 -10.09 14.22 -3.08
CA ILE A 52 -10.05 13.49 -4.33
C ILE A 52 -8.74 12.71 -4.48
N LEU A 53 -8.82 11.39 -4.32
CA LEU A 53 -7.65 10.54 -4.44
C LEU A 53 -8.02 9.17 -5.00
N SER A 54 -7.11 8.59 -5.77
CA SER A 54 -7.34 7.28 -6.38
C SER A 54 -6.09 6.41 -6.28
N ILE A 55 -6.28 5.16 -5.87
CA ILE A 55 -5.17 4.22 -5.73
C ILE A 55 -5.37 3.00 -6.63
N SER A 56 -4.36 2.69 -7.43
CA SER A 56 -4.42 1.55 -8.33
C SER A 56 -3.25 0.61 -8.10
N ASN A 57 -3.56 -0.62 -7.72
CA ASN A 57 -2.53 -1.62 -7.47
C ASN A 57 -3.03 -3.03 -7.82
N ALA A 58 -3.00 -3.35 -9.11
CA ALA A 58 -3.46 -4.66 -9.57
C ALA A 58 -3.40 -4.75 -11.09
N SER A 59 -3.58 -3.61 -11.76
CA SER A 59 -3.54 -3.57 -13.22
C SER A 59 -2.27 -4.19 -13.75
N ASP A 60 -1.23 -4.21 -12.92
CA ASP A 60 0.06 -4.78 -13.30
C ASP A 60 0.67 -5.57 -12.16
N SER A 61 1.00 -4.88 -11.07
CA SER A 61 1.59 -5.52 -9.91
C SER A 61 2.02 -4.48 -8.87
N HIS A 62 2.99 -3.66 -9.23
CA HIS A 62 3.49 -2.61 -8.34
C HIS A 62 2.35 -1.70 -7.88
N GLY A 63 2.48 -1.16 -6.68
CA GLY A 63 1.46 -0.29 -6.14
C GLY A 63 1.74 1.18 -6.44
N LEU A 64 0.68 1.93 -6.72
CA LEU A 64 0.82 3.35 -7.03
C LEU A 64 -0.40 4.13 -6.57
N ALA A 65 -0.23 4.89 -5.48
CA ALA A 65 -1.32 5.68 -4.94
C ALA A 65 -1.19 7.16 -5.34
N SER A 66 -2.22 7.68 -6.00
CA SER A 66 -2.21 9.07 -6.45
C SER A 66 -3.24 9.89 -5.67
N THR A 67 -2.87 11.13 -5.35
CA THR A 67 -3.76 12.02 -4.60
C THR A 67 -3.69 13.44 -5.15
N LEU A 68 -4.80 14.16 -5.05
CA LEU A 68 -4.87 15.53 -5.54
C LEU A 68 -5.80 16.37 -4.66
N ASN A 69 -5.54 16.37 -3.36
CA ASN A 69 -6.34 17.13 -2.41
C ASN A 69 -5.45 18.00 -1.53
N GLN A 70 -6.09 18.82 -0.69
CA GLN A 70 -5.35 19.70 0.21
C GLN A 70 -5.67 19.37 1.67
N GLY A 71 -5.28 18.18 2.09
CA GLY A 71 -5.53 17.76 3.46
C GLY A 71 -4.71 16.55 3.86
N ASN A 72 -5.04 15.98 5.01
CA ASN A 72 -4.32 14.80 5.51
C ASN A 72 -5.22 13.57 5.49
N VAL A 73 -4.73 12.50 4.87
CA VAL A 73 -5.48 11.25 4.78
C VAL A 73 -4.70 10.08 5.35
N LYS A 74 -5.37 8.95 5.53
CA LYS A 74 -4.73 7.76 6.08
C LYS A 74 -4.90 6.58 5.14
N VAL A 75 -3.78 5.96 4.77
CA VAL A 75 -3.80 4.81 3.87
C VAL A 75 -3.55 3.51 4.63
N THR A 76 -4.40 2.51 4.39
CA THR A 76 -4.26 1.22 5.05
C THR A 76 -4.45 0.07 4.06
N ALA A 77 -3.58 -0.93 4.15
CA ALA A 77 -3.66 -2.09 3.26
C ALA A 77 -3.46 -3.38 4.04
N SER A 78 -3.85 -4.50 3.43
CA SER A 78 -3.72 -5.80 4.06
C SER A 78 -3.46 -6.88 3.03
N ILE A 79 -2.52 -7.78 3.33
CA ILE A 79 -2.19 -8.88 2.43
C ILE A 79 -1.96 -10.18 3.19
N GLY A 80 -2.63 -11.24 2.74
CA GLY A 80 -2.49 -12.52 3.38
C GLY A 80 -2.86 -12.48 4.86
N GLY A 81 -1.86 -12.37 5.71
CA GLY A 81 -2.10 -12.32 7.14
C GLY A 81 -1.71 -10.99 7.75
N ILE A 82 -0.45 -10.60 7.57
CA ILE A 82 0.04 -9.34 8.10
C ILE A 82 -0.56 -8.16 7.36
N GLN A 83 -0.63 -7.01 8.05
CA GLN A 83 -1.19 -5.81 7.45
C GLN A 83 -0.26 -4.62 7.65
N GLY A 84 -0.46 -3.57 6.86
CA GLY A 84 0.38 -2.39 6.96
C GLY A 84 -0.43 -1.11 7.04
N SER A 85 0.23 -0.01 7.39
CA SER A 85 -0.44 1.28 7.49
C SER A 85 0.49 2.41 7.09
N THR A 86 -0.08 3.44 6.47
CA THR A 86 0.71 4.59 6.02
C THR A 86 -0.09 5.89 6.14
N ASP A 87 0.58 6.96 6.53
CA ASP A 87 -0.06 8.25 6.68
C ASP A 87 0.62 9.30 5.80
N PHE A 88 -0.18 9.95 4.95
CA PHE A 88 0.35 10.97 4.05
C PHE A 88 -0.50 12.25 4.12
N LYS A 89 0.16 13.39 4.05
CA LYS A 89 -0.53 14.67 4.11
C LYS A 89 -0.28 15.49 2.84
N VAL A 90 -1.33 15.69 2.05
CA VAL A 90 -1.22 16.45 0.81
C VAL A 90 -1.53 17.93 1.04
N THR A 91 -0.50 18.75 1.05
CA THR A 91 -0.67 20.19 1.26
C THR A 91 0.15 20.99 0.25
N GLN A 92 -0.38 22.13 -0.17
CA GLN A 92 0.30 22.98 -1.13
C GLN A 92 1.59 23.55 -0.53
N MET A 1 -3.46 -24.90 -0.07
CA MET A 1 -2.19 -24.68 -0.77
C MET A 1 -1.01 -24.91 0.16
N PRO A 2 0.18 -25.13 -0.44
CA PRO A 2 1.41 -25.36 0.32
C PRO A 2 1.90 -24.11 1.03
N ALA A 3 2.53 -24.28 2.18
CA ALA A 3 3.05 -23.17 2.96
C ALA A 3 1.92 -22.27 3.45
N ALA A 4 2.19 -21.53 4.51
CA ALA A 4 1.19 -20.62 5.09
C ALA A 4 1.78 -19.24 5.34
N LEU A 5 0.96 -18.21 5.17
CA LEU A 5 1.40 -16.83 5.37
C LEU A 5 2.07 -16.68 6.74
N VAL A 6 3.15 -15.91 6.77
CA VAL A 6 3.88 -15.67 8.01
C VAL A 6 4.11 -14.17 8.24
N SER A 7 5.00 -13.59 7.44
CA SER A 7 5.32 -12.17 7.56
C SER A 7 5.38 -11.52 6.19
N ILE A 8 5.50 -10.20 6.18
CA ILE A 8 5.58 -9.45 4.93
C ILE A 8 6.49 -8.24 5.06
N SER A 9 7.07 -7.81 3.94
CA SER A 9 7.97 -6.67 3.94
C SER A 9 7.30 -5.44 3.34
N VAL A 10 6.99 -4.46 4.18
CA VAL A 10 6.33 -3.24 3.73
C VAL A 10 7.20 -2.02 4.03
N SER A 11 7.31 -1.13 3.04
CA SER A 11 8.11 0.08 3.19
C SER A 11 7.23 1.32 3.12
N PRO A 12 6.40 1.52 4.16
CA PRO A 12 5.49 2.67 4.25
C PRO A 12 6.24 3.98 4.47
N THR A 13 5.74 5.05 3.87
CA THR A 13 6.36 6.36 4.00
C THR A 13 5.42 7.34 4.69
N ASN A 14 5.79 7.77 5.89
CA ASN A 14 4.98 8.70 6.66
C ASN A 14 5.50 10.13 6.50
N SER A 15 5.11 10.78 5.40
CA SER A 15 5.53 12.15 5.14
C SER A 15 4.43 12.93 4.43
N THR A 16 4.77 14.12 3.95
CA THR A 16 3.81 14.97 3.27
C THR A 16 4.25 15.25 1.83
N VAL A 17 3.28 15.44 0.94
CA VAL A 17 3.57 15.72 -0.46
C VAL A 17 2.69 16.84 -1.00
N ALA A 18 3.17 17.52 -2.03
CA ALA A 18 2.43 18.61 -2.64
C ALA A 18 1.23 18.09 -3.43
N LYS A 19 0.20 18.93 -3.55
CA LYS A 19 -1.01 18.56 -4.27
C LYS A 19 -0.66 18.04 -5.66
N GLY A 20 -1.12 16.82 -5.96
CA GLY A 20 -0.85 16.23 -7.26
C GLY A 20 0.46 15.49 -7.29
N LEU A 21 0.43 14.19 -7.00
CA LEU A 21 1.62 13.36 -7.00
C LEU A 21 1.28 11.90 -6.73
N GLN A 22 2.09 11.01 -7.26
CA GLN A 22 1.88 9.57 -7.08
C GLN A 22 3.10 8.90 -6.48
N GLU A 23 2.88 7.86 -5.69
CA GLU A 23 3.97 7.13 -5.06
C GLU A 23 3.74 5.62 -5.13
N ASN A 24 4.67 4.92 -5.76
CA ASN A 24 4.56 3.46 -5.89
C ASN A 24 4.89 2.77 -4.59
N PHE A 25 4.15 1.72 -4.27
CA PHE A 25 4.36 0.96 -3.04
C PHE A 25 4.95 -0.41 -3.34
N LYS A 26 5.62 -0.99 -2.35
CA LYS A 26 6.24 -2.30 -2.50
C LYS A 26 5.93 -3.19 -1.30
N ALA A 27 5.41 -4.38 -1.57
CA ALA A 27 5.08 -5.33 -0.51
C ALA A 27 5.49 -6.74 -0.89
N THR A 28 6.22 -7.40 -0.01
CA THR A 28 6.68 -8.76 -0.25
C THR A 28 6.09 -9.74 0.78
N GLY A 29 5.43 -10.78 0.29
CA GLY A 29 4.84 -11.77 1.18
C GLY A 29 5.77 -12.93 1.46
N ILE A 30 5.74 -13.42 2.70
CA ILE A 30 6.58 -14.53 3.09
C ILE A 30 5.75 -15.71 3.59
N PHE A 31 6.20 -16.92 3.27
CA PHE A 31 5.49 -18.13 3.68
C PHE A 31 6.31 -18.93 4.70
N THR A 32 5.65 -19.81 5.43
CA THR A 32 6.32 -20.63 6.43
C THR A 32 7.25 -21.63 5.78
N ASP A 33 7.11 -21.80 4.47
CA ASP A 33 7.94 -22.74 3.72
C ASP A 33 9.19 -22.04 3.18
N ASN A 34 9.54 -20.91 3.79
CA ASN A 34 10.71 -20.16 3.38
C ASN A 34 10.57 -19.68 1.93
N SER A 35 9.34 -19.69 1.43
CA SER A 35 9.07 -19.27 0.06
C SER A 35 8.35 -17.92 0.04
N ASN A 36 9.07 -16.89 -0.37
CA ASN A 36 8.51 -15.54 -0.44
C ASN A 36 7.95 -15.26 -1.82
N SER A 37 6.83 -14.54 -1.87
CA SER A 37 6.19 -14.20 -3.13
C SER A 37 5.77 -12.73 -3.16
N ASP A 38 5.83 -12.12 -4.33
CA ASP A 38 5.46 -10.73 -4.50
C ASP A 38 3.97 -10.59 -4.77
N ILE A 39 3.32 -9.67 -4.06
CA ILE A 39 1.90 -9.43 -4.24
C ILE A 39 1.16 -10.73 -4.58
N THR A 40 1.45 -11.79 -3.83
CA THR A 40 0.82 -13.07 -4.07
C THR A 40 -0.68 -13.02 -3.77
N ASP A 41 -1.03 -12.31 -2.70
CA ASP A 41 -2.43 -12.19 -2.31
C ASP A 41 -3.03 -10.90 -2.87
N GLN A 42 -2.27 -10.22 -3.71
CA GLN A 42 -2.73 -8.98 -4.32
C GLN A 42 -3.00 -7.91 -3.26
N VAL A 43 -1.92 -7.36 -2.71
CA VAL A 43 -2.04 -6.33 -1.69
C VAL A 43 -2.97 -5.21 -2.13
N THR A 44 -4.10 -5.08 -1.45
CA THR A 44 -5.08 -4.04 -1.78
C THR A 44 -4.91 -2.82 -0.89
N TRP A 45 -4.66 -1.67 -1.50
CA TRP A 45 -4.48 -0.43 -0.76
C TRP A 45 -5.74 0.43 -0.82
N ASP A 46 -5.96 1.20 0.24
CA ASP A 46 -7.13 2.07 0.31
C ASP A 46 -6.85 3.30 1.18
N SER A 47 -7.44 4.43 0.81
CA SER A 47 -7.24 5.66 1.55
C SER A 47 -8.51 6.04 2.33
N SER A 48 -8.31 6.70 3.47
CA SER A 48 -9.44 7.11 4.31
C SER A 48 -10.38 8.03 3.55
N ASN A 49 -10.08 9.32 3.58
CA ASN A 49 -10.90 10.32 2.90
C ASN A 49 -10.44 11.73 3.24
N THR A 50 -10.56 12.63 2.27
CA THR A 50 -10.16 14.02 2.46
C THR A 50 -10.79 14.92 1.41
N ASP A 51 -10.28 14.84 0.19
CA ASP A 51 -10.79 15.66 -0.91
C ASP A 51 -10.83 14.86 -2.21
N ILE A 52 -9.66 14.49 -2.71
CA ILE A 52 -9.56 13.73 -3.95
C ILE A 52 -8.42 12.72 -3.89
N LEU A 53 -8.72 11.51 -3.42
CA LEU A 53 -7.72 10.46 -3.31
C LEU A 53 -8.08 9.27 -4.18
N SER A 54 -7.07 8.69 -4.84
CA SER A 54 -7.29 7.55 -5.72
C SER A 54 -6.19 6.50 -5.52
N ILE A 55 -6.59 5.23 -5.54
CA ILE A 55 -5.65 4.14 -5.37
C ILE A 55 -5.71 3.16 -6.55
N SER A 56 -4.54 2.88 -7.12
CA SER A 56 -4.46 1.96 -8.25
C SER A 56 -3.48 0.84 -7.98
N ASN A 57 -4.00 -0.38 -7.84
CA ASN A 57 -3.16 -1.54 -7.56
C ASN A 57 -3.45 -2.65 -8.56
N ALA A 58 -3.25 -2.37 -9.85
CA ALA A 58 -3.47 -3.34 -10.90
C ALA A 58 -3.13 -2.76 -12.27
N SER A 59 -2.14 -1.88 -12.30
CA SER A 59 -1.71 -1.25 -13.54
C SER A 59 -0.83 -2.18 -14.35
N ASP A 60 -0.28 -3.19 -13.68
CA ASP A 60 0.59 -4.16 -14.34
C ASP A 60 1.11 -5.19 -13.34
N SER A 61 1.31 -4.76 -12.10
CA SER A 61 1.81 -5.64 -11.05
C SER A 61 2.01 -4.87 -9.75
N HIS A 62 2.73 -3.75 -9.84
CA HIS A 62 3.01 -2.93 -8.66
C HIS A 62 1.83 -1.99 -8.37
N GLY A 63 1.64 -1.67 -7.09
CA GLY A 63 0.55 -0.79 -6.71
C GLY A 63 1.02 0.64 -6.48
N LEU A 64 0.33 1.59 -7.09
CA LEU A 64 0.67 3.00 -6.95
C LEU A 64 -0.44 3.77 -6.25
N ALA A 65 -0.07 4.80 -5.50
CA ALA A 65 -1.04 5.62 -4.79
C ALA A 65 -1.08 7.04 -5.33
N SER A 66 -2.25 7.46 -5.79
CA SER A 66 -2.41 8.80 -6.35
C SER A 66 -3.06 9.74 -5.34
N THR A 67 -2.36 10.80 -4.97
CA THR A 67 -2.87 11.76 -4.00
C THR A 67 -3.22 13.09 -4.69
N LEU A 68 -4.43 13.56 -4.44
CA LEU A 68 -4.89 14.83 -5.02
C LEU A 68 -5.81 15.57 -4.06
N ASN A 69 -5.70 15.25 -2.77
CA ASN A 69 -6.52 15.89 -1.76
C ASN A 69 -5.81 17.10 -1.17
N GLN A 70 -6.51 17.84 -0.31
CA GLN A 70 -5.94 19.03 0.32
C GLN A 70 -6.02 18.92 1.84
N GLY A 71 -5.32 17.94 2.39
CA GLY A 71 -5.31 17.75 3.83
C GLY A 71 -4.49 16.55 4.25
N ASN A 72 -4.98 15.82 5.26
CA ASN A 72 -4.27 14.64 5.76
C ASN A 72 -5.14 13.40 5.64
N VAL A 73 -4.58 12.33 5.08
CA VAL A 73 -5.31 11.08 4.92
C VAL A 73 -4.51 9.91 5.47
N LYS A 74 -5.16 8.76 5.60
CA LYS A 74 -4.51 7.56 6.11
C LYS A 74 -4.73 6.38 5.17
N VAL A 75 -3.64 5.72 4.79
CA VAL A 75 -3.71 4.57 3.89
C VAL A 75 -3.70 3.26 4.68
N THR A 76 -4.50 2.31 4.23
CA THR A 76 -4.59 1.01 4.88
C THR A 76 -4.71 -0.12 3.87
N ALA A 77 -3.73 -1.01 3.86
CA ALA A 77 -3.73 -2.14 2.95
C ALA A 77 -3.48 -3.45 3.68
N SER A 78 -3.82 -4.56 3.03
CA SER A 78 -3.64 -5.88 3.63
C SER A 78 -3.33 -6.92 2.56
N ILE A 79 -2.39 -7.80 2.86
CA ILE A 79 -1.99 -8.85 1.92
C ILE A 79 -1.79 -10.18 2.64
N GLY A 80 -2.64 -11.15 2.34
CA GLY A 80 -2.55 -12.46 2.96
C GLY A 80 -2.82 -12.41 4.44
N GLY A 81 -1.76 -12.22 5.23
CA GLY A 81 -1.91 -12.16 6.68
C GLY A 81 -1.59 -10.79 7.24
N ILE A 82 -0.30 -10.47 7.33
CA ILE A 82 0.13 -9.18 7.85
C ILE A 82 -0.42 -8.04 7.01
N GLN A 83 -0.68 -6.90 7.67
CA GLN A 83 -1.22 -5.73 6.97
C GLN A 83 -0.25 -4.55 7.09
N GLY A 84 -0.43 -3.56 6.22
CA GLY A 84 0.43 -2.40 6.24
C GLY A 84 -0.33 -1.12 6.52
N SER A 85 0.39 -0.09 6.97
CA SER A 85 -0.24 1.19 7.28
C SER A 85 0.70 2.35 6.95
N THR A 86 0.15 3.39 6.32
CA THR A 86 0.95 4.55 5.95
C THR A 86 0.13 5.82 6.05
N ASP A 87 0.78 6.92 6.41
CA ASP A 87 0.11 8.21 6.54
C ASP A 87 0.74 9.25 5.61
N PHE A 88 -0.07 9.86 4.76
CA PHE A 88 0.41 10.88 3.84
C PHE A 88 -0.44 12.14 3.92
N LYS A 89 0.23 13.28 4.00
CA LYS A 89 -0.46 14.57 4.08
C LYS A 89 -0.27 15.38 2.81
N VAL A 90 -1.35 15.59 2.07
CA VAL A 90 -1.31 16.35 0.83
C VAL A 90 -1.60 17.83 1.08
N THR A 91 -0.70 18.69 0.62
CA THR A 91 -0.86 20.12 0.79
C THR A 91 -1.24 20.80 -0.52
N GLN A 92 -1.54 22.10 -0.45
CA GLN A 92 -1.92 22.84 -1.64
C GLN A 92 -0.70 23.53 -2.26
N MET A 1 3.44 -29.46 -1.94
CA MET A 1 4.16 -28.30 -1.43
C MET A 1 3.20 -27.28 -0.86
N PRO A 2 2.61 -27.61 0.31
CA PRO A 2 1.66 -26.72 1.00
C PRO A 2 2.33 -25.47 1.56
N ALA A 3 1.61 -24.36 1.55
CA ALA A 3 2.13 -23.10 2.06
C ALA A 3 1.01 -22.26 2.68
N ALA A 4 1.32 -21.62 3.81
CA ALA A 4 0.35 -20.78 4.49
C ALA A 4 0.95 -19.43 4.86
N LEU A 5 0.13 -18.38 4.82
CA LEU A 5 0.58 -17.04 5.15
C LEU A 5 1.31 -17.02 6.49
N VAL A 6 2.30 -16.15 6.61
CA VAL A 6 3.08 -16.02 7.83
C VAL A 6 3.37 -14.57 8.17
N SER A 7 4.12 -13.91 7.29
CA SER A 7 4.48 -12.50 7.49
C SER A 7 4.55 -11.77 6.15
N ILE A 8 4.77 -10.46 6.21
CA ILE A 8 4.86 -9.65 5.01
C ILE A 8 5.85 -8.50 5.20
N SER A 9 6.41 -8.02 4.09
CA SER A 9 7.37 -6.92 4.13
C SER A 9 6.82 -5.69 3.41
N VAL A 10 6.48 -4.66 4.19
CA VAL A 10 5.95 -3.44 3.63
C VAL A 10 6.82 -2.24 4.00
N SER A 11 7.08 -1.38 3.03
CA SER A 11 7.90 -0.19 3.25
C SER A 11 7.09 1.09 3.07
N PRO A 12 6.14 1.31 4.00
CA PRO A 12 5.27 2.49 3.96
C PRO A 12 6.03 3.78 4.28
N THR A 13 5.53 4.89 3.75
CA THR A 13 6.16 6.19 3.99
C THR A 13 5.23 7.12 4.75
N ASN A 14 5.61 7.44 5.98
CA ASN A 14 4.81 8.33 6.81
C ASN A 14 5.33 9.76 6.74
N SER A 15 5.14 10.40 5.59
CA SER A 15 5.59 11.78 5.39
C SER A 15 4.52 12.61 4.70
N THR A 16 4.88 13.81 4.28
CA THR A 16 3.95 14.71 3.61
C THR A 16 4.36 14.94 2.16
N VAL A 17 3.37 15.09 1.28
CA VAL A 17 3.63 15.32 -0.13
C VAL A 17 2.99 16.61 -0.61
N ALA A 18 3.55 17.18 -1.66
CA ALA A 18 3.03 18.44 -2.22
C ALA A 18 1.68 18.21 -2.88
N LYS A 19 0.99 19.31 -3.20
CA LYS A 19 -0.31 19.24 -3.84
C LYS A 19 -0.24 18.45 -5.13
N GLY A 20 -1.05 17.39 -5.22
CA GLY A 20 -1.06 16.56 -6.42
C GLY A 20 0.27 15.88 -6.66
N LEU A 21 0.33 14.59 -6.35
CA LEU A 21 1.56 13.82 -6.54
C LEU A 21 1.27 12.33 -6.60
N GLN A 22 2.32 11.52 -6.63
CA GLN A 22 2.18 10.07 -6.67
C GLN A 22 3.27 9.38 -5.86
N GLU A 23 2.99 8.15 -5.44
CA GLU A 23 3.95 7.39 -4.65
C GLU A 23 3.91 5.91 -5.01
N ASN A 24 5.07 5.26 -5.00
CA ASN A 24 5.15 3.84 -5.33
C ASN A 24 5.12 2.98 -4.07
N PHE A 25 4.37 1.90 -4.11
CA PHE A 25 4.24 0.99 -2.98
C PHE A 25 4.74 -0.41 -3.34
N LYS A 26 5.27 -1.12 -2.35
CA LYS A 26 5.78 -2.46 -2.56
C LYS A 26 5.52 -3.34 -1.33
N ALA A 27 4.97 -4.53 -1.56
CA ALA A 27 4.69 -5.45 -0.47
C ALA A 27 5.06 -6.88 -0.86
N THR A 28 5.72 -7.58 0.05
CA THR A 28 6.13 -8.96 -0.20
C THR A 28 5.47 -9.92 0.80
N GLY A 29 4.80 -10.93 0.27
CA GLY A 29 4.14 -11.90 1.13
C GLY A 29 5.01 -13.10 1.43
N ILE A 30 5.03 -13.52 2.69
CA ILE A 30 5.83 -14.67 3.10
C ILE A 30 4.95 -15.88 3.36
N PHE A 31 5.53 -17.06 3.17
CA PHE A 31 4.81 -18.31 3.39
C PHE A 31 5.52 -19.20 4.40
N THR A 32 4.78 -20.10 5.03
CA THR A 32 5.34 -21.01 6.01
C THR A 32 6.29 -22.01 5.36
N ASP A 33 6.24 -22.08 4.04
CA ASP A 33 7.11 -23.00 3.30
C ASP A 33 8.45 -22.36 2.98
N ASN A 34 8.75 -21.26 3.67
CA ASN A 34 10.01 -20.55 3.48
C ASN A 34 10.09 -19.96 2.07
N SER A 35 8.95 -19.93 1.39
CA SER A 35 8.88 -19.39 0.03
C SER A 35 8.23 -18.02 0.01
N ASN A 36 9.02 -17.00 -0.32
CA ASN A 36 8.52 -15.63 -0.37
C ASN A 36 8.02 -15.29 -1.77
N SER A 37 6.91 -14.55 -1.83
CA SER A 37 6.32 -14.16 -3.11
C SER A 37 5.89 -12.70 -3.08
N ASP A 38 5.84 -12.08 -4.25
CA ASP A 38 5.44 -10.68 -4.37
C ASP A 38 3.92 -10.56 -4.54
N ILE A 39 3.31 -9.74 -3.70
CA ILE A 39 1.87 -9.54 -3.75
C ILE A 39 1.14 -10.81 -4.19
N THR A 40 1.51 -11.93 -3.56
CA THR A 40 0.89 -13.21 -3.87
C THR A 40 -0.63 -13.14 -3.76
N ASP A 41 -1.11 -12.52 -2.69
CA ASP A 41 -2.54 -12.38 -2.48
C ASP A 41 -3.04 -11.03 -2.97
N GLN A 42 -2.17 -10.29 -3.65
CA GLN A 42 -2.52 -8.98 -4.17
C GLN A 42 -2.80 -7.99 -3.04
N VAL A 43 -1.78 -7.22 -2.68
CA VAL A 43 -1.91 -6.23 -1.62
C VAL A 43 -2.85 -5.10 -2.02
N THR A 44 -3.96 -4.97 -1.29
CA THR A 44 -4.95 -3.94 -1.57
C THR A 44 -4.74 -2.72 -0.69
N TRP A 45 -4.62 -1.55 -1.31
CA TRP A 45 -4.41 -0.31 -0.58
C TRP A 45 -5.66 0.57 -0.64
N ASP A 46 -5.82 1.42 0.37
CA ASP A 46 -6.97 2.32 0.43
C ASP A 46 -6.63 3.59 1.20
N SER A 47 -7.20 4.72 0.77
CA SER A 47 -6.95 5.99 1.42
C SER A 47 -8.23 6.54 2.04
N SER A 48 -8.08 7.29 3.13
CA SER A 48 -9.22 7.88 3.82
C SER A 48 -9.99 8.83 2.90
N ASN A 49 -9.33 9.26 1.84
CA ASN A 49 -9.94 10.17 0.87
C ASN A 49 -10.36 11.46 1.55
N THR A 50 -9.56 12.51 1.36
CA THR A 50 -9.84 13.81 1.96
C THR A 50 -10.68 14.67 1.02
N ASP A 51 -10.16 14.91 -0.18
CA ASP A 51 -10.85 15.71 -1.18
C ASP A 51 -11.08 14.91 -2.46
N ILE A 52 -10.05 14.23 -2.92
CA ILE A 52 -10.13 13.42 -4.13
C ILE A 52 -8.81 12.73 -4.44
N LEU A 53 -8.79 11.42 -4.24
CA LEU A 53 -7.59 10.63 -4.49
C LEU A 53 -7.93 9.27 -5.09
N SER A 54 -7.03 8.73 -5.90
CA SER A 54 -7.25 7.44 -6.54
C SER A 54 -5.98 6.60 -6.49
N ILE A 55 -6.15 5.30 -6.21
CA ILE A 55 -5.02 4.39 -6.14
C ILE A 55 -5.29 3.12 -6.94
N SER A 56 -4.32 2.75 -7.76
CA SER A 56 -4.44 1.55 -8.60
C SER A 56 -3.29 0.58 -8.35
N ASN A 57 -3.61 -0.56 -7.75
CA ASN A 57 -2.59 -1.56 -7.46
C ASN A 57 -2.85 -2.84 -8.25
N ALA A 58 -4.11 -3.11 -8.56
CA ALA A 58 -4.49 -4.29 -9.32
C ALA A 58 -4.43 -4.02 -10.82
N SER A 59 -3.91 -2.86 -11.19
CA SER A 59 -3.80 -2.47 -12.59
C SER A 59 -3.02 -3.52 -13.38
N ASP A 60 -2.20 -4.29 -12.67
CA ASP A 60 -1.39 -5.33 -13.32
C ASP A 60 -0.57 -6.08 -12.28
N SER A 61 -0.07 -5.35 -11.29
CA SER A 61 0.75 -5.95 -10.23
C SER A 61 1.29 -4.89 -9.28
N HIS A 62 2.20 -4.07 -9.79
CA HIS A 62 2.79 -3.00 -8.99
C HIS A 62 1.71 -2.18 -8.30
N GLY A 63 2.04 -1.63 -7.13
CA GLY A 63 1.09 -0.82 -6.38
C GLY A 63 1.47 0.64 -6.37
N LEU A 64 0.56 1.49 -6.87
CA LEU A 64 0.80 2.92 -6.91
C LEU A 64 -0.33 3.69 -6.23
N ALA A 65 -0.03 4.90 -5.78
CA ALA A 65 -1.04 5.73 -5.11
C ALA A 65 -0.96 7.17 -5.60
N SER A 66 -2.10 7.70 -6.05
CA SER A 66 -2.17 9.06 -6.56
C SER A 66 -3.07 9.92 -5.68
N THR A 67 -2.51 10.97 -5.10
CA THR A 67 -3.26 11.87 -4.23
C THR A 67 -3.49 13.22 -4.91
N LEU A 68 -4.66 13.80 -4.67
CA LEU A 68 -5.01 15.09 -5.26
C LEU A 68 -5.93 15.89 -4.34
N ASN A 69 -5.54 15.98 -3.07
CA ASN A 69 -6.33 16.71 -2.08
C ASN A 69 -5.46 17.70 -1.31
N GLN A 70 -6.10 18.49 -0.46
CA GLN A 70 -5.38 19.48 0.34
C GLN A 70 -5.66 19.28 1.82
N GLY A 71 -5.18 18.16 2.36
CA GLY A 71 -5.37 17.87 3.77
C GLY A 71 -4.60 16.64 4.22
N ASN A 72 -5.16 15.91 5.18
CA ASN A 72 -4.52 14.71 5.70
C ASN A 72 -5.29 13.46 5.29
N VAL A 73 -4.57 12.47 4.77
CA VAL A 73 -5.18 11.23 4.35
C VAL A 73 -4.58 10.03 5.08
N LYS A 74 -5.36 8.95 5.18
CA LYS A 74 -4.91 7.75 5.86
C LYS A 74 -4.79 6.58 4.89
N VAL A 75 -3.56 6.20 4.55
CA VAL A 75 -3.32 5.10 3.64
C VAL A 75 -3.15 3.79 4.39
N THR A 76 -4.05 2.84 4.12
CA THR A 76 -4.00 1.53 4.76
C THR A 76 -4.19 0.41 3.76
N ALA A 77 -3.44 -0.68 3.95
CA ALA A 77 -3.54 -1.83 3.06
C ALA A 77 -3.45 -3.14 3.83
N SER A 78 -3.87 -4.22 3.20
CA SER A 78 -3.85 -5.54 3.84
C SER A 78 -3.55 -6.63 2.81
N ILE A 79 -2.68 -7.57 3.20
CA ILE A 79 -2.30 -8.67 2.32
C ILE A 79 -2.21 -9.98 3.09
N GLY A 80 -2.76 -11.04 2.51
CA GLY A 80 -2.71 -12.34 3.16
C GLY A 80 -3.24 -12.30 4.58
N GLY A 81 -2.33 -12.27 5.54
CA GLY A 81 -2.73 -12.23 6.94
C GLY A 81 -2.34 -10.92 7.62
N ILE A 82 -1.07 -10.56 7.51
CA ILE A 82 -0.58 -9.33 8.12
C ILE A 82 -1.08 -8.10 7.36
N GLN A 83 -1.16 -6.97 8.06
CA GLN A 83 -1.62 -5.74 7.44
C GLN A 83 -0.67 -4.59 7.76
N GLY A 84 -0.77 -3.51 6.99
CA GLY A 84 0.10 -2.36 7.20
C GLY A 84 -0.68 -1.06 7.26
N SER A 85 -0.02 0.00 7.72
CA SER A 85 -0.65 1.30 7.84
C SER A 85 0.35 2.42 7.55
N THR A 86 -0.13 3.50 6.94
CA THR A 86 0.72 4.63 6.61
C THR A 86 -0.04 5.95 6.73
N ASP A 87 0.68 7.03 6.99
CA ASP A 87 0.07 8.34 7.12
C ASP A 87 0.64 9.32 6.10
N PHE A 88 -0.24 9.94 5.32
CA PHE A 88 0.18 10.89 4.30
C PHE A 88 -0.57 12.22 4.45
N LYS A 89 0.14 13.32 4.24
CA LYS A 89 -0.44 14.65 4.36
C LYS A 89 -0.16 15.47 3.11
N VAL A 90 -1.20 15.71 2.31
CA VAL A 90 -1.06 16.49 1.09
C VAL A 90 -1.41 17.96 1.34
N THR A 91 -0.48 18.85 0.97
CA THR A 91 -0.68 20.28 1.15
C THR A 91 -1.00 20.96 -0.18
N GLN A 92 -1.34 22.24 -0.11
CA GLN A 92 -1.66 23.01 -1.31
C GLN A 92 -0.39 23.57 -1.95
N MET A 1 2.13 -30.84 0.95
CA MET A 1 2.99 -29.69 1.24
C MET A 1 2.28 -28.38 0.93
N PRO A 2 1.29 -28.03 1.78
CA PRO A 2 0.51 -26.80 1.61
C PRO A 2 1.34 -25.54 1.90
N ALA A 3 0.98 -24.45 1.25
CA ALA A 3 1.68 -23.19 1.43
C ALA A 3 0.78 -22.13 2.05
N ALA A 4 0.95 -21.90 3.35
CA ALA A 4 0.15 -20.92 4.07
C ALA A 4 0.96 -19.67 4.40
N LEU A 5 0.30 -18.52 4.37
CA LEU A 5 0.96 -17.25 4.67
C LEU A 5 1.76 -17.34 5.97
N VAL A 6 2.59 -16.33 6.21
CA VAL A 6 3.40 -16.30 7.42
C VAL A 6 3.67 -14.85 7.86
N SER A 7 4.20 -14.07 6.93
CA SER A 7 4.53 -12.67 7.21
C SER A 7 4.67 -11.87 5.92
N ILE A 8 4.84 -10.56 6.05
CA ILE A 8 4.99 -9.69 4.90
C ILE A 8 5.94 -8.54 5.20
N SER A 9 6.56 -8.00 4.16
CA SER A 9 7.51 -6.90 4.31
C SER A 9 7.01 -5.65 3.57
N VAL A 10 6.59 -4.65 4.33
CA VAL A 10 6.09 -3.40 3.75
C VAL A 10 6.92 -2.21 4.21
N SER A 11 7.27 -1.34 3.27
CA SER A 11 8.07 -0.16 3.58
C SER A 11 7.26 1.11 3.35
N PRO A 12 6.27 1.35 4.23
CA PRO A 12 5.40 2.52 4.16
C PRO A 12 6.14 3.82 4.51
N THR A 13 5.72 4.92 3.90
CA THR A 13 6.34 6.21 4.15
C THR A 13 5.36 7.18 4.79
N ASN A 14 5.63 7.54 6.04
CA ASN A 14 4.76 8.47 6.77
C ASN A 14 5.31 9.90 6.69
N SER A 15 4.99 10.58 5.61
CA SER A 15 5.44 11.96 5.41
C SER A 15 4.38 12.79 4.71
N THR A 16 4.76 13.99 4.28
CA THR A 16 3.84 14.89 3.60
C THR A 16 4.30 15.16 2.17
N VAL A 17 3.34 15.43 1.29
CA VAL A 17 3.66 15.71 -0.12
C VAL A 17 2.88 16.92 -0.62
N ALA A 18 3.42 17.59 -1.63
CA ALA A 18 2.78 18.76 -2.21
C ALA A 18 1.52 18.38 -2.98
N LYS A 19 0.71 19.37 -3.32
CA LYS A 19 -0.52 19.14 -4.06
C LYS A 19 -0.24 18.37 -5.36
N GLY A 20 -1.05 17.37 -5.63
CA GLY A 20 -0.88 16.58 -6.84
C GLY A 20 0.44 15.84 -6.86
N LEU A 21 0.44 14.61 -6.38
CA LEU A 21 1.66 13.81 -6.35
C LEU A 21 1.33 12.35 -6.02
N GLN A 22 2.06 11.44 -6.65
CA GLN A 22 1.85 10.01 -6.44
C GLN A 22 3.15 9.32 -6.01
N GLU A 23 3.01 8.23 -5.28
CA GLU A 23 4.18 7.48 -4.80
C GLU A 23 3.98 5.98 -5.00
N ASN A 24 5.07 5.28 -5.27
CA ASN A 24 5.01 3.84 -5.48
C ASN A 24 5.37 3.08 -4.20
N PHE A 25 4.65 2.00 -3.93
CA PHE A 25 4.88 1.20 -2.74
C PHE A 25 5.41 -0.18 -3.11
N LYS A 26 5.86 -0.93 -2.11
CA LYS A 26 6.38 -2.27 -2.33
C LYS A 26 6.02 -3.20 -1.17
N ALA A 27 5.53 -4.38 -1.50
CA ALA A 27 5.15 -5.36 -0.48
C ALA A 27 5.57 -6.76 -0.90
N THR A 28 6.18 -7.49 0.05
CA THR A 28 6.64 -8.84 -0.21
C THR A 28 5.93 -9.84 0.70
N GLY A 29 5.23 -10.79 0.08
CA GLY A 29 4.51 -11.79 0.84
C GLY A 29 5.38 -12.99 1.18
N ILE A 30 5.20 -13.53 2.38
CA ILE A 30 5.97 -14.68 2.82
C ILE A 30 5.08 -15.91 3.01
N PHE A 31 5.62 -17.08 2.73
CA PHE A 31 4.88 -18.32 2.86
C PHE A 31 5.62 -19.30 3.78
N THR A 32 4.88 -20.27 4.31
CA THR A 32 5.45 -21.27 5.20
C THR A 32 6.41 -22.18 4.46
N ASP A 33 6.37 -22.13 3.13
CA ASP A 33 7.24 -22.96 2.30
C ASP A 33 8.56 -22.25 2.02
N ASN A 34 8.83 -21.19 2.78
CA ASN A 34 10.05 -20.41 2.61
C ASN A 34 10.10 -19.76 1.23
N SER A 35 8.95 -19.71 0.57
CA SER A 35 8.86 -19.12 -0.76
C SER A 35 8.10 -17.80 -0.72
N ASN A 36 8.83 -16.70 -0.86
CA ASN A 36 8.22 -15.37 -0.83
C ASN A 36 7.85 -14.91 -2.24
N SER A 37 6.71 -14.25 -2.36
CA SER A 37 6.24 -13.76 -3.66
C SER A 37 5.74 -12.32 -3.55
N ASP A 38 5.75 -11.61 -4.67
CA ASP A 38 5.29 -10.23 -4.70
C ASP A 38 3.79 -10.16 -4.97
N ILE A 39 3.09 -9.32 -4.21
CA ILE A 39 1.66 -9.15 -4.36
C ILE A 39 1.00 -10.47 -4.78
N THR A 40 1.35 -11.55 -4.10
CA THR A 40 0.80 -12.86 -4.40
C THR A 40 -0.70 -12.90 -4.11
N ASP A 41 -1.10 -12.34 -2.97
CA ASP A 41 -2.50 -12.32 -2.58
C ASP A 41 -3.16 -11.02 -3.01
N GLN A 42 -2.43 -10.21 -3.78
CA GLN A 42 -2.94 -8.94 -4.25
C GLN A 42 -3.17 -7.97 -3.10
N VAL A 43 -2.14 -7.19 -2.77
CA VAL A 43 -2.23 -6.22 -1.68
C VAL A 43 -3.46 -5.34 -1.83
N THR A 44 -4.31 -5.34 -0.79
CA THR A 44 -5.52 -4.53 -0.81
C THR A 44 -5.21 -3.05 -0.58
N TRP A 45 -5.68 -2.21 -1.50
CA TRP A 45 -5.45 -0.77 -1.40
C TRP A 45 -6.67 -0.07 -0.83
N ASP A 46 -6.43 0.84 0.11
CA ASP A 46 -7.52 1.60 0.74
C ASP A 46 -7.05 3.00 1.13
N SER A 47 -7.96 3.97 0.99
CA SER A 47 -7.64 5.35 1.33
C SER A 47 -8.68 5.93 2.28
N SER A 48 -8.21 6.68 3.28
CA SER A 48 -9.09 7.28 4.26
C SER A 48 -10.00 8.31 3.60
N ASN A 49 -9.61 8.77 2.42
CA ASN A 49 -10.39 9.77 1.69
C ASN A 49 -10.43 11.09 2.44
N THR A 50 -10.58 12.19 1.69
CA THR A 50 -10.62 13.51 2.29
C THR A 50 -11.28 14.51 1.33
N ASP A 51 -10.63 14.73 0.18
CA ASP A 51 -11.15 15.66 -0.82
C ASP A 51 -11.18 15.02 -2.20
N ILE A 52 -10.10 14.32 -2.54
CA ILE A 52 -9.99 13.66 -3.84
C ILE A 52 -8.68 12.91 -3.97
N LEU A 53 -8.75 11.59 -3.87
CA LEU A 53 -7.56 10.75 -3.98
C LEU A 53 -7.92 9.35 -4.47
N SER A 54 -7.00 8.73 -5.21
CA SER A 54 -7.23 7.39 -5.74
C SER A 54 -5.98 6.53 -5.58
N ILE A 55 -6.18 5.27 -5.21
CA ILE A 55 -5.07 4.33 -5.02
C ILE A 55 -5.15 3.18 -6.02
N SER A 56 -4.05 2.95 -6.73
CA SER A 56 -4.00 1.88 -7.72
C SER A 56 -2.83 0.93 -7.42
N ASN A 57 -3.16 -0.32 -7.09
CA ASN A 57 -2.14 -1.32 -6.79
C ASN A 57 -2.19 -2.47 -7.81
N ALA A 58 -3.36 -2.67 -8.41
CA ALA A 58 -3.52 -3.72 -9.40
C ALA A 58 -3.23 -3.21 -10.81
N SER A 59 -2.62 -2.02 -10.88
CA SER A 59 -2.28 -1.42 -12.17
C SER A 59 -1.44 -2.36 -13.02
N ASP A 60 -0.74 -3.27 -12.34
CA ASP A 60 0.12 -4.24 -13.04
C ASP A 60 0.81 -5.16 -12.04
N SER A 61 1.17 -4.61 -10.89
CA SER A 61 1.85 -5.37 -9.84
C SER A 61 2.21 -4.48 -8.67
N HIS A 62 3.21 -3.62 -8.86
CA HIS A 62 3.66 -2.71 -7.83
C HIS A 62 2.52 -1.83 -7.34
N GLY A 63 2.58 -1.43 -6.08
CA GLY A 63 1.54 -0.58 -5.53
C GLY A 63 1.78 0.89 -5.81
N LEU A 64 0.71 1.66 -5.88
CA LEU A 64 0.80 3.09 -6.16
C LEU A 64 -0.34 3.86 -5.48
N ALA A 65 -0.06 5.10 -5.08
CA ALA A 65 -1.06 5.93 -4.44
C ALA A 65 -0.97 7.37 -4.92
N SER A 66 -2.08 7.90 -5.40
CA SER A 66 -2.13 9.28 -5.89
C SER A 66 -3.15 10.11 -5.12
N THR A 67 -2.79 11.35 -4.83
CA THR A 67 -3.68 12.25 -4.09
C THR A 67 -3.73 13.62 -4.74
N LEU A 68 -4.85 14.31 -4.57
CA LEU A 68 -5.04 15.63 -5.14
C LEU A 68 -5.89 16.52 -4.23
N ASN A 69 -5.72 16.35 -2.93
CA ASN A 69 -6.47 17.12 -1.94
C ASN A 69 -5.56 18.06 -1.18
N GLN A 70 -6.15 18.90 -0.34
CA GLN A 70 -5.38 19.86 0.45
C GLN A 70 -5.54 19.60 1.94
N GLY A 71 -5.42 18.33 2.32
CA GLY A 71 -5.55 17.96 3.73
C GLY A 71 -4.67 16.79 4.10
N ASN A 72 -5.26 15.78 4.73
CA ASN A 72 -4.52 14.59 5.14
C ASN A 72 -5.12 13.33 4.54
N VAL A 73 -4.26 12.42 4.07
CA VAL A 73 -4.70 11.17 3.47
C VAL A 73 -4.03 9.98 4.13
N LYS A 74 -4.82 8.93 4.37
CA LYS A 74 -4.30 7.72 5.00
C LYS A 74 -4.26 6.56 4.01
N VAL A 75 -3.10 5.93 3.88
CA VAL A 75 -2.93 4.80 2.97
C VAL A 75 -2.70 3.51 3.73
N THR A 76 -3.60 2.55 3.54
CA THR A 76 -3.49 1.25 4.21
C THR A 76 -3.35 0.12 3.19
N ALA A 77 -2.39 -0.76 3.45
CA ALA A 77 -2.15 -1.89 2.56
C ALA A 77 -2.06 -3.20 3.34
N SER A 78 -2.75 -4.22 2.85
CA SER A 78 -2.75 -5.52 3.51
C SER A 78 -2.67 -6.65 2.49
N ILE A 79 -1.86 -7.66 2.79
CA ILE A 79 -1.69 -8.81 1.90
C ILE A 79 -1.69 -10.11 2.68
N GLY A 80 -2.45 -11.09 2.19
CA GLY A 80 -2.53 -12.38 2.86
C GLY A 80 -3.12 -12.29 4.24
N GLY A 81 -2.27 -12.29 5.26
CA GLY A 81 -2.73 -12.20 6.62
C GLY A 81 -2.32 -10.92 7.31
N ILE A 82 -1.03 -10.59 7.22
CA ILE A 82 -0.51 -9.37 7.84
C ILE A 82 -0.96 -8.13 7.07
N GLN A 83 -1.04 -7.01 7.77
CA GLN A 83 -1.45 -5.76 7.15
C GLN A 83 -0.66 -4.58 7.73
N GLY A 84 -0.68 -3.46 7.02
CA GLY A 84 0.03 -2.28 7.48
C GLY A 84 -0.73 -1.00 7.21
N SER A 85 -0.21 0.12 7.72
CA SER A 85 -0.86 1.41 7.53
C SER A 85 0.18 2.52 7.39
N THR A 86 -0.22 3.62 6.76
CA THR A 86 0.68 4.75 6.55
C THR A 86 -0.08 6.07 6.61
N ASP A 87 0.63 7.13 6.98
CA ASP A 87 0.01 8.46 7.07
C ASP A 87 0.62 9.41 6.04
N PHE A 88 -0.25 10.08 5.29
CA PHE A 88 0.20 11.02 4.28
C PHE A 88 -0.48 12.38 4.45
N LYS A 89 0.26 13.45 4.18
CA LYS A 89 -0.26 14.80 4.30
C LYS A 89 -0.14 15.56 2.98
N VAL A 90 -1.28 15.81 2.34
CA VAL A 90 -1.29 16.52 1.07
C VAL A 90 -1.68 17.98 1.27
N THR A 91 -0.84 18.88 0.77
CA THR A 91 -1.09 20.31 0.90
C THR A 91 -1.38 20.94 -0.46
N GLN A 92 -1.75 22.22 -0.45
CA GLN A 92 -2.05 22.94 -1.68
C GLN A 92 -0.77 23.45 -2.34
N MET A 1 0.49 -29.95 -1.37
CA MET A 1 1.38 -29.31 -0.41
C MET A 1 1.26 -27.79 -0.46
N PRO A 2 0.11 -27.27 0.02
CA PRO A 2 -0.16 -25.83 0.02
C PRO A 2 0.73 -25.08 1.02
N ALA A 3 0.87 -23.78 0.82
CA ALA A 3 1.68 -22.94 1.70
C ALA A 3 0.82 -22.13 2.64
N ALA A 4 1.43 -21.56 3.67
CA ALA A 4 0.72 -20.75 4.64
C ALA A 4 1.44 -19.43 4.90
N LEU A 5 0.67 -18.34 4.98
CA LEU A 5 1.23 -17.03 5.22
C LEU A 5 2.15 -17.04 6.44
N VAL A 6 3.00 -16.02 6.54
CA VAL A 6 3.92 -15.91 7.67
C VAL A 6 4.23 -14.45 7.98
N SER A 7 4.90 -13.77 7.04
CA SER A 7 5.26 -12.37 7.23
C SER A 7 5.25 -11.64 5.90
N ILE A 8 5.39 -10.32 5.96
CA ILE A 8 5.40 -9.49 4.76
C ILE A 8 6.30 -8.27 4.93
N SER A 9 6.99 -7.90 3.87
CA SER A 9 7.89 -6.74 3.91
C SER A 9 7.20 -5.50 3.36
N VAL A 10 6.90 -4.56 4.24
CA VAL A 10 6.24 -3.32 3.85
C VAL A 10 7.11 -2.10 4.17
N SER A 11 7.23 -1.19 3.22
CA SER A 11 8.02 0.01 3.41
C SER A 11 7.16 1.27 3.31
N PRO A 12 6.25 1.44 4.28
CA PRO A 12 5.35 2.59 4.31
C PRO A 12 6.08 3.89 4.63
N THR A 13 5.65 4.98 3.99
CA THR A 13 6.26 6.28 4.20
C THR A 13 5.28 7.26 4.82
N ASN A 14 5.54 7.67 6.07
CA ASN A 14 4.69 8.59 6.77
C ASN A 14 5.21 10.03 6.65
N SER A 15 5.08 10.60 5.46
CA SER A 15 5.55 11.96 5.22
C SER A 15 4.47 12.78 4.53
N THR A 16 4.85 13.98 4.06
CA THR A 16 3.92 14.86 3.38
C THR A 16 4.42 15.21 1.99
N VAL A 17 3.48 15.50 1.08
CA VAL A 17 3.82 15.86 -0.29
C VAL A 17 3.01 17.06 -0.77
N ALA A 18 3.55 17.78 -1.74
CA ALA A 18 2.87 18.95 -2.29
C ALA A 18 1.63 18.54 -3.08
N LYS A 19 0.78 19.52 -3.38
CA LYS A 19 -0.45 19.26 -4.13
C LYS A 19 -0.15 18.48 -5.41
N GLY A 20 -1.02 17.55 -5.75
CA GLY A 20 -0.83 16.74 -6.94
C GLY A 20 0.47 15.98 -6.93
N LEU A 21 0.45 14.78 -6.37
CA LEU A 21 1.65 13.95 -6.29
C LEU A 21 1.31 12.54 -5.82
N GLN A 22 2.05 11.56 -6.31
CA GLN A 22 1.83 10.17 -5.93
C GLN A 22 3.14 9.49 -5.56
N GLU A 23 3.05 8.38 -4.82
CA GLU A 23 4.23 7.64 -4.41
C GLU A 23 4.00 6.13 -4.55
N ASN A 24 4.98 5.44 -5.14
CA ASN A 24 4.89 4.00 -5.34
C ASN A 24 5.27 3.26 -4.06
N PHE A 25 4.52 2.20 -3.75
CA PHE A 25 4.78 1.40 -2.56
C PHE A 25 5.15 -0.03 -2.93
N LYS A 26 6.01 -0.64 -2.12
CA LYS A 26 6.46 -2.01 -2.37
C LYS A 26 5.97 -2.93 -1.26
N ALA A 27 5.50 -4.11 -1.65
CA ALA A 27 5.00 -5.10 -0.70
C ALA A 27 5.46 -6.51 -1.08
N THR A 28 6.11 -7.18 -0.14
CA THR A 28 6.60 -8.54 -0.38
C THR A 28 5.94 -9.53 0.56
N GLY A 29 5.35 -10.58 0.00
CA GLY A 29 4.70 -11.58 0.82
C GLY A 29 5.59 -12.77 1.12
N ILE A 30 5.49 -13.29 2.33
CA ILE A 30 6.30 -14.43 2.75
C ILE A 30 5.43 -15.64 3.07
N PHE A 31 5.94 -16.83 2.75
CA PHE A 31 5.21 -18.06 3.02
C PHE A 31 6.02 -19.00 3.90
N THR A 32 5.33 -19.91 4.59
CA THR A 32 5.98 -20.85 5.48
C THR A 32 6.84 -21.84 4.70
N ASP A 33 6.64 -21.86 3.38
CA ASP A 33 7.41 -22.77 2.51
C ASP A 33 8.70 -22.11 2.05
N ASN A 34 9.09 -21.03 2.71
CA ASN A 34 10.30 -20.30 2.35
C ASN A 34 10.20 -19.72 0.96
N SER A 35 8.98 -19.66 0.43
CA SER A 35 8.75 -19.12 -0.90
C SER A 35 8.02 -17.78 -0.84
N ASN A 36 8.76 -16.70 -1.08
CA ASN A 36 8.19 -15.36 -1.05
C ASN A 36 7.71 -14.93 -2.42
N SER A 37 6.59 -14.22 -2.46
CA SER A 37 6.02 -13.75 -3.73
C SER A 37 5.59 -12.29 -3.62
N ASP A 38 5.63 -11.59 -4.75
CA ASP A 38 5.25 -10.18 -4.78
C ASP A 38 3.75 -10.04 -5.05
N ILE A 39 3.09 -9.22 -4.25
CA ILE A 39 1.66 -8.99 -4.40
C ILE A 39 0.95 -10.25 -4.90
N THR A 40 1.25 -11.38 -4.28
CA THR A 40 0.65 -12.65 -4.67
C THR A 40 -0.83 -12.66 -4.36
N ASP A 41 -1.20 -12.13 -3.20
CA ASP A 41 -2.59 -12.08 -2.78
C ASP A 41 -3.22 -10.74 -3.15
N GLN A 42 -2.48 -9.92 -3.88
CA GLN A 42 -2.96 -8.61 -4.30
C GLN A 42 -3.20 -7.71 -3.09
N VAL A 43 -2.18 -6.92 -2.74
CA VAL A 43 -2.28 -6.01 -1.61
C VAL A 43 -3.54 -5.15 -1.70
N THR A 44 -4.35 -5.19 -0.65
CA THR A 44 -5.59 -4.43 -0.60
C THR A 44 -5.31 -2.94 -0.37
N TRP A 45 -5.78 -2.10 -1.28
CA TRP A 45 -5.58 -0.67 -1.16
C TRP A 45 -6.80 0.01 -0.58
N ASP A 46 -6.58 0.90 0.40
CA ASP A 46 -7.67 1.61 1.05
C ASP A 46 -7.27 3.06 1.36
N SER A 47 -8.23 3.96 1.24
CA SER A 47 -7.97 5.38 1.50
C SER A 47 -8.99 5.94 2.47
N SER A 48 -8.57 6.92 3.27
CA SER A 48 -9.46 7.55 4.25
C SER A 48 -10.46 8.48 3.56
N ASN A 49 -10.14 8.88 2.34
CA ASN A 49 -11.00 9.77 1.58
C ASN A 49 -11.08 11.15 2.22
N THR A 50 -10.05 11.97 2.00
CA THR A 50 -10.00 13.31 2.56
C THR A 50 -10.80 14.29 1.71
N ASP A 51 -10.39 14.46 0.46
CA ASP A 51 -11.07 15.38 -0.45
C ASP A 51 -11.14 14.78 -1.85
N ILE A 52 -10.05 14.17 -2.29
CA ILE A 52 -9.99 13.56 -3.62
C ILE A 52 -8.65 12.85 -3.84
N LEU A 53 -8.67 11.54 -3.75
CA LEU A 53 -7.46 10.75 -3.94
C LEU A 53 -7.80 9.30 -4.32
N SER A 54 -6.90 8.66 -5.06
CA SER A 54 -7.11 7.29 -5.49
C SER A 54 -5.87 6.44 -5.23
N ILE A 55 -6.09 5.21 -4.78
CA ILE A 55 -4.99 4.30 -4.49
C ILE A 55 -5.09 3.03 -5.33
N SER A 56 -4.00 2.68 -6.00
CA SER A 56 -3.97 1.49 -6.85
C SER A 56 -2.82 0.57 -6.43
N ASN A 57 -3.14 -0.71 -6.25
CA ASN A 57 -2.14 -1.70 -5.85
C ASN A 57 -2.24 -2.94 -6.72
N ALA A 58 -2.74 -2.78 -7.94
CA ALA A 58 -2.89 -3.90 -8.86
C ALA A 58 -2.97 -3.41 -10.30
N SER A 59 -2.41 -2.22 -10.55
CA SER A 59 -2.42 -1.64 -11.89
C SER A 59 -1.62 -2.51 -12.86
N ASP A 60 -0.69 -3.30 -12.32
CA ASP A 60 0.13 -4.17 -13.13
C ASP A 60 0.99 -5.08 -12.26
N SER A 61 1.47 -4.55 -11.14
CA SER A 61 2.30 -5.31 -10.22
C SER A 61 2.64 -4.49 -8.99
N HIS A 62 3.42 -3.43 -9.18
CA HIS A 62 3.82 -2.55 -8.08
C HIS A 62 2.65 -1.67 -7.64
N GLY A 63 2.62 -1.33 -6.35
CA GLY A 63 1.56 -0.49 -5.83
C GLY A 63 1.93 0.97 -5.81
N LEU A 64 0.94 1.82 -5.58
CA LEU A 64 1.17 3.26 -5.55
C LEU A 64 -0.05 4.00 -4.98
N ALA A 65 0.13 5.28 -4.67
CA ALA A 65 -0.94 6.09 -4.12
C ALA A 65 -0.89 7.52 -4.65
N SER A 66 -1.97 7.96 -5.26
CA SER A 66 -2.04 9.31 -5.81
C SER A 66 -3.09 10.14 -5.09
N THR A 67 -2.79 11.42 -4.88
CA THR A 67 -3.70 12.32 -4.19
C THR A 67 -3.81 13.65 -4.92
N LEU A 68 -4.93 14.33 -4.75
CA LEU A 68 -5.16 15.63 -5.39
C LEU A 68 -5.99 16.54 -4.49
N ASN A 69 -5.74 16.46 -3.19
CA ASN A 69 -6.46 17.29 -2.23
C ASN A 69 -5.48 18.14 -1.41
N GLN A 70 -6.03 19.01 -0.57
CA GLN A 70 -5.22 19.87 0.28
C GLN A 70 -5.43 19.56 1.75
N GLY A 71 -5.30 18.28 2.10
CA GLY A 71 -5.47 17.87 3.48
C GLY A 71 -4.62 16.66 3.84
N ASN A 72 -5.13 15.83 4.74
CA ASN A 72 -4.41 14.64 5.16
C ASN A 72 -5.25 13.38 4.94
N VAL A 73 -4.67 12.40 4.24
CA VAL A 73 -5.35 11.15 3.95
C VAL A 73 -4.62 9.97 4.56
N LYS A 74 -5.34 8.87 4.75
CA LYS A 74 -4.76 7.66 5.33
C LYS A 74 -4.80 6.51 4.33
N VAL A 75 -3.62 5.94 4.05
CA VAL A 75 -3.52 4.83 3.11
C VAL A 75 -3.04 3.56 3.82
N THR A 76 -3.86 2.51 3.75
CA THR A 76 -3.52 1.24 4.38
C THR A 76 -3.34 0.14 3.34
N ALA A 77 -2.41 -0.77 3.59
CA ALA A 77 -2.14 -1.87 2.68
C ALA A 77 -2.01 -3.19 3.44
N SER A 78 -2.67 -4.23 2.94
CA SER A 78 -2.64 -5.54 3.57
C SER A 78 -2.60 -6.65 2.52
N ILE A 79 -1.79 -7.67 2.76
CA ILE A 79 -1.66 -8.79 1.84
C ILE A 79 -1.64 -10.12 2.60
N GLY A 80 -2.49 -11.04 2.16
CA GLY A 80 -2.55 -12.35 2.80
C GLY A 80 -2.97 -12.26 4.25
N GLY A 81 -1.99 -12.21 5.15
CA GLY A 81 -2.29 -12.13 6.57
C GLY A 81 -1.86 -10.81 7.18
N ILE A 82 -0.55 -10.62 7.29
CA ILE A 82 0.00 -9.39 7.86
C ILE A 82 -0.50 -8.16 7.10
N GLN A 83 -0.61 -7.04 7.80
CA GLN A 83 -1.07 -5.80 7.19
C GLN A 83 -0.29 -4.61 7.73
N GLY A 84 -0.35 -3.49 7.01
CA GLY A 84 0.36 -2.30 7.42
C GLY A 84 -0.47 -1.04 7.26
N SER A 85 0.09 0.09 7.67
CA SER A 85 -0.61 1.37 7.56
C SER A 85 0.36 2.50 7.26
N THR A 86 -0.12 3.51 6.55
CA THR A 86 0.71 4.66 6.19
C THR A 86 -0.10 5.95 6.18
N ASP A 87 0.56 7.06 6.47
CA ASP A 87 -0.10 8.36 6.49
C ASP A 87 0.56 9.33 5.52
N PHE A 88 -0.24 9.90 4.62
CA PHE A 88 0.28 10.84 3.63
C PHE A 88 -0.52 12.14 3.66
N LYS A 89 0.15 13.23 4.02
CA LYS A 89 -0.50 14.53 4.09
C LYS A 89 -0.19 15.36 2.85
N VAL A 90 -1.22 15.67 2.07
CA VAL A 90 -1.05 16.46 0.85
C VAL A 90 -1.49 17.90 1.06
N THR A 91 -0.60 18.83 0.74
CA THR A 91 -0.89 20.26 0.90
C THR A 91 -1.20 20.91 -0.45
N GLN A 92 -1.60 22.17 -0.40
CA GLN A 92 -1.94 22.90 -1.62
C GLN A 92 -0.66 23.35 -2.34
N MET A 1 5.35 -29.27 2.12
CA MET A 1 4.25 -28.74 2.91
C MET A 1 3.63 -27.52 2.23
N PRO A 2 2.39 -27.18 2.63
CA PRO A 2 1.67 -26.04 2.07
C PRO A 2 2.27 -24.70 2.51
N ALA A 3 2.31 -23.75 1.58
CA ALA A 3 2.86 -22.44 1.87
C ALA A 3 1.85 -21.57 2.61
N ALA A 4 1.85 -21.66 3.93
CA ALA A 4 0.93 -20.88 4.75
C ALA A 4 1.49 -19.49 5.05
N LEU A 5 0.61 -18.50 5.13
CA LEU A 5 1.03 -17.13 5.42
C LEU A 5 1.93 -17.07 6.64
N VAL A 6 2.85 -16.11 6.64
CA VAL A 6 3.77 -15.94 7.76
C VAL A 6 4.05 -14.47 8.03
N SER A 7 4.57 -13.78 7.01
CA SER A 7 4.88 -12.36 7.13
C SER A 7 4.94 -11.70 5.76
N ILE A 8 5.07 -10.37 5.76
CA ILE A 8 5.14 -9.62 4.51
C ILE A 8 6.08 -8.42 4.65
N SER A 9 6.61 -7.96 3.52
CA SER A 9 7.52 -6.82 3.50
C SER A 9 6.85 -5.59 2.91
N VAL A 10 6.54 -4.64 3.78
CA VAL A 10 5.88 -3.40 3.35
C VAL A 10 6.73 -2.18 3.70
N SER A 11 6.87 -1.26 2.75
CA SER A 11 7.65 -0.06 2.96
C SER A 11 6.78 1.19 2.86
N PRO A 12 5.87 1.34 3.84
CA PRO A 12 4.96 2.49 3.90
C PRO A 12 5.67 3.79 4.22
N THR A 13 5.08 4.90 3.81
CA THR A 13 5.66 6.22 4.06
C THR A 13 4.76 7.06 4.96
N ASN A 14 5.23 7.34 6.16
CA ASN A 14 4.47 8.13 7.12
C ASN A 14 4.98 9.57 7.17
N SER A 15 4.73 10.31 6.08
CA SER A 15 5.17 11.69 5.99
C SER A 15 4.15 12.54 5.24
N THR A 16 4.53 13.77 4.92
CA THR A 16 3.65 14.68 4.19
C THR A 16 4.22 15.04 2.82
N VAL A 17 3.34 15.21 1.85
CA VAL A 17 3.77 15.56 0.49
C VAL A 17 2.98 16.75 -0.04
N ALA A 18 3.56 17.48 -0.98
CA ALA A 18 2.91 18.63 -1.59
C ALA A 18 1.73 18.20 -2.46
N LYS A 19 0.76 19.09 -2.61
CA LYS A 19 -0.42 18.81 -3.42
C LYS A 19 -0.03 18.38 -4.82
N GLY A 20 -0.69 17.35 -5.34
CA GLY A 20 -0.39 16.88 -6.68
C GLY A 20 0.90 16.07 -6.74
N LEU A 21 0.88 14.89 -6.14
CA LEU A 21 2.05 14.02 -6.12
C LEU A 21 1.64 12.55 -6.09
N GLN A 22 2.54 11.68 -6.56
CA GLN A 22 2.27 10.25 -6.58
C GLN A 22 3.36 9.48 -5.84
N GLU A 23 2.95 8.48 -5.07
CA GLU A 23 3.89 7.68 -4.29
C GLU A 23 3.69 6.19 -4.59
N ASN A 24 4.71 5.56 -5.17
CA ASN A 24 4.65 4.14 -5.49
C ASN A 24 4.88 3.28 -4.25
N PHE A 25 4.12 2.19 -4.14
CA PHE A 25 4.26 1.29 -3.01
C PHE A 25 4.38 -0.16 -3.47
N LYS A 26 5.06 -0.97 -2.67
CA LYS A 26 5.26 -2.38 -3.00
C LYS A 26 5.15 -3.25 -1.75
N ALA A 27 4.64 -4.46 -1.92
CA ALA A 27 4.48 -5.39 -0.82
C ALA A 27 4.88 -6.81 -1.23
N THR A 28 5.64 -7.47 -0.36
CA THR A 28 6.09 -8.84 -0.63
C THR A 28 5.52 -9.82 0.37
N GLY A 29 4.86 -10.86 -0.13
CA GLY A 29 4.28 -11.86 0.74
C GLY A 29 5.22 -13.01 1.04
N ILE A 30 5.19 -13.51 2.27
CA ILE A 30 6.05 -14.60 2.68
C ILE A 30 5.24 -15.85 3.01
N PHE A 31 5.85 -17.01 2.83
CA PHE A 31 5.18 -18.28 3.11
C PHE A 31 6.00 -19.12 4.08
N THR A 32 5.32 -20.03 4.78
CA THR A 32 5.98 -20.90 5.75
C THR A 32 6.91 -21.88 5.06
N ASP A 33 6.79 -21.99 3.74
CA ASP A 33 7.62 -22.90 2.96
C ASP A 33 8.92 -22.21 2.54
N ASN A 34 9.23 -21.10 3.20
CA ASN A 34 10.45 -20.35 2.89
C ASN A 34 10.42 -19.79 1.47
N SER A 35 9.22 -19.81 0.88
CA SER A 35 9.05 -19.30 -0.48
C SER A 35 8.33 -17.95 -0.48
N ASN A 36 9.06 -16.90 -0.81
CA ASN A 36 8.50 -15.55 -0.84
C ASN A 36 7.98 -15.22 -2.24
N SER A 37 6.85 -14.52 -2.29
CA SER A 37 6.24 -14.13 -3.56
C SER A 37 5.79 -12.68 -3.53
N ASP A 38 5.87 -12.02 -4.68
CA ASP A 38 5.47 -10.62 -4.79
C ASP A 38 3.97 -10.50 -5.02
N ILE A 39 3.33 -9.59 -4.29
CA ILE A 39 1.89 -9.37 -4.42
C ILE A 39 1.17 -10.68 -4.73
N THR A 40 1.51 -11.73 -3.99
CA THR A 40 0.89 -13.04 -4.19
C THR A 40 -0.59 -13.00 -3.83
N ASP A 41 -0.91 -12.33 -2.74
CA ASP A 41 -2.29 -12.21 -2.29
C ASP A 41 -2.93 -10.92 -2.79
N GLN A 42 -2.19 -10.20 -3.63
CA GLN A 42 -2.69 -8.94 -4.18
C GLN A 42 -2.92 -7.91 -3.09
N VAL A 43 -1.84 -7.29 -2.63
CA VAL A 43 -1.92 -6.28 -1.57
C VAL A 43 -2.96 -5.23 -1.91
N THR A 44 -4.07 -5.25 -1.18
CA THR A 44 -5.15 -4.29 -1.41
C THR A 44 -5.05 -3.12 -0.44
N TRP A 45 -4.77 -1.94 -0.98
CA TRP A 45 -4.65 -0.73 -0.16
C TRP A 45 -5.42 0.43 -0.78
N ASP A 46 -5.92 1.32 0.06
CA ASP A 46 -6.67 2.48 -0.42
C ASP A 46 -6.54 3.64 0.56
N SER A 47 -6.55 4.85 0.03
CA SER A 47 -6.44 6.05 0.87
C SER A 47 -7.81 6.60 1.22
N SER A 48 -7.91 7.23 2.39
CA SER A 48 -9.17 7.81 2.85
C SER A 48 -9.55 9.02 2.01
N ASN A 49 -8.55 9.72 1.49
CA ASN A 49 -8.79 10.90 0.67
C ASN A 49 -9.50 11.99 1.47
N THR A 50 -9.40 13.23 1.00
CA THR A 50 -10.03 14.36 1.67
C THR A 50 -10.73 15.26 0.68
N ASP A 51 -10.10 15.48 -0.47
CA ASP A 51 -10.66 16.33 -1.51
C ASP A 51 -10.70 15.60 -2.86
N ILE A 52 -9.52 15.19 -3.32
CA ILE A 52 -9.41 14.49 -4.59
C ILE A 52 -8.20 13.57 -4.61
N LEU A 53 -8.45 12.27 -4.62
CA LEU A 53 -7.37 11.28 -4.64
C LEU A 53 -7.79 10.03 -5.42
N SER A 54 -6.83 9.44 -6.13
CA SER A 54 -7.10 8.25 -6.93
C SER A 54 -5.97 7.23 -6.76
N ILE A 55 -6.34 5.96 -6.63
CA ILE A 55 -5.37 4.89 -6.48
C ILE A 55 -5.43 3.92 -7.65
N SER A 56 -4.26 3.53 -8.15
CA SER A 56 -4.19 2.59 -9.27
C SER A 56 -3.34 1.38 -8.91
N ASN A 57 -3.88 0.19 -9.17
CA ASN A 57 -3.17 -1.05 -8.87
C ASN A 57 -3.96 -2.26 -9.37
N ALA A 58 -3.64 -2.71 -10.58
CA ALA A 58 -4.32 -3.86 -11.17
C ALA A 58 -3.77 -4.17 -12.55
N SER A 59 -3.35 -3.12 -13.26
CA SER A 59 -2.81 -3.28 -14.61
C SER A 59 -1.65 -4.29 -14.61
N ASP A 60 -0.80 -4.20 -13.59
CA ASP A 60 0.35 -5.10 -13.48
C ASP A 60 0.71 -5.32 -12.01
N SER A 61 -0.29 -5.24 -11.14
CA SER A 61 -0.07 -5.44 -9.72
C SER A 61 0.81 -4.33 -9.15
N HIS A 62 1.00 -3.27 -9.92
CA HIS A 62 1.81 -2.14 -9.50
C HIS A 62 1.09 -1.30 -8.45
N GLY A 63 1.86 -0.68 -7.56
CA GLY A 63 1.27 0.15 -6.52
C GLY A 63 1.60 1.61 -6.69
N LEU A 64 0.58 2.44 -6.86
CA LEU A 64 0.77 3.87 -7.05
C LEU A 64 -0.39 4.66 -6.43
N ALA A 65 -0.06 5.57 -5.52
CA ALA A 65 -1.08 6.38 -4.87
C ALA A 65 -1.00 7.83 -5.33
N SER A 66 -2.05 8.27 -6.03
CA SER A 66 -2.10 9.64 -6.54
C SER A 66 -2.89 10.54 -5.60
N THR A 67 -2.18 11.46 -4.94
CA THR A 67 -2.81 12.38 -4.01
C THR A 67 -2.93 13.77 -4.61
N LEU A 68 -4.07 14.42 -4.38
CA LEU A 68 -4.32 15.76 -4.90
C LEU A 68 -5.21 16.56 -3.97
N ASN A 69 -5.31 16.10 -2.72
CA ASN A 69 -6.15 16.77 -1.72
C ASN A 69 -5.33 17.78 -0.93
N GLN A 70 -6.00 18.52 -0.06
CA GLN A 70 -5.34 19.52 0.77
C GLN A 70 -5.64 19.30 2.24
N GLY A 71 -5.18 18.17 2.78
CA GLY A 71 -5.41 17.87 4.18
C GLY A 71 -4.72 16.59 4.62
N ASN A 72 -5.38 15.84 5.50
CA ASN A 72 -4.82 14.58 5.99
C ASN A 72 -5.64 13.40 5.51
N VAL A 73 -4.94 12.32 5.12
CA VAL A 73 -5.60 11.12 4.64
C VAL A 73 -4.98 9.87 5.24
N LYS A 74 -5.81 8.84 5.43
CA LYS A 74 -5.34 7.59 6.01
C LYS A 74 -5.23 6.51 4.94
N VAL A 75 -4.03 5.95 4.78
CA VAL A 75 -3.80 4.91 3.79
C VAL A 75 -3.53 3.57 4.46
N THR A 76 -4.40 2.59 4.19
CA THR A 76 -4.26 1.26 4.77
C THR A 76 -3.89 0.23 3.71
N ALA A 77 -3.04 -0.72 4.08
CA ALA A 77 -2.61 -1.76 3.16
C ALA A 77 -2.62 -3.13 3.82
N SER A 78 -3.08 -4.14 3.09
CA SER A 78 -3.14 -5.49 3.62
C SER A 78 -2.91 -6.51 2.51
N ILE A 79 -2.11 -7.53 2.82
CA ILE A 79 -1.80 -8.58 1.84
C ILE A 79 -1.77 -9.94 2.51
N GLY A 80 -2.65 -10.84 2.06
CA GLY A 80 -2.69 -12.17 2.63
C GLY A 80 -3.22 -12.19 4.04
N GLY A 81 -2.32 -12.20 5.02
CA GLY A 81 -2.72 -12.21 6.41
C GLY A 81 -2.32 -10.95 7.14
N ILE A 82 -1.02 -10.69 7.21
CA ILE A 82 -0.51 -9.50 7.89
C ILE A 82 -1.03 -8.23 7.22
N GLN A 83 -1.09 -7.15 8.00
CA GLN A 83 -1.56 -5.87 7.48
C GLN A 83 -0.65 -4.73 7.94
N GLY A 84 -0.77 -3.59 7.27
CA GLY A 84 0.05 -2.44 7.61
C GLY A 84 -0.69 -1.13 7.46
N SER A 85 -0.38 -0.17 8.33
CA SER A 85 -1.03 1.14 8.29
C SER A 85 -0.02 2.23 7.99
N THR A 86 -0.49 3.31 7.37
CA THR A 86 0.37 4.44 7.03
C THR A 86 -0.38 5.76 7.15
N ASP A 87 0.36 6.83 7.39
CA ASP A 87 -0.23 8.16 7.52
C ASP A 87 0.32 9.11 6.45
N PHE A 88 -0.58 9.73 5.70
CA PHE A 88 -0.19 10.66 4.65
C PHE A 88 -0.91 11.99 4.81
N LYS A 89 -0.15 13.08 4.65
CA LYS A 89 -0.72 14.42 4.78
C LYS A 89 -0.37 15.27 3.56
N VAL A 90 -1.38 15.59 2.76
CA VAL A 90 -1.18 16.41 1.56
C VAL A 90 -1.41 17.88 1.86
N THR A 91 -0.42 18.71 1.53
CA THR A 91 -0.52 20.14 1.76
C THR A 91 -0.75 20.90 0.45
N GLN A 92 -0.98 22.20 0.56
CA GLN A 92 -1.22 23.03 -0.61
C GLN A 92 0.05 23.20 -1.43
N MET A 1 4.81 -28.14 -2.72
CA MET A 1 3.86 -28.36 -1.63
C MET A 1 3.13 -27.07 -1.28
N PRO A 2 1.97 -27.21 -0.61
CA PRO A 2 1.16 -26.06 -0.20
C PRO A 2 1.82 -25.24 0.90
N ALA A 3 1.41 -23.98 1.03
CA ALA A 3 1.96 -23.09 2.05
C ALA A 3 0.90 -22.13 2.56
N ALA A 4 1.18 -21.48 3.69
CA ALA A 4 0.27 -20.53 4.28
C ALA A 4 0.97 -19.23 4.64
N LEU A 5 0.25 -18.12 4.52
CA LEU A 5 0.80 -16.80 4.83
C LEU A 5 1.44 -16.79 6.21
N VAL A 6 2.37 -15.86 6.43
CA VAL A 6 3.05 -15.75 7.71
C VAL A 6 3.47 -14.31 7.98
N SER A 7 4.50 -13.85 7.27
CA SER A 7 5.00 -12.50 7.43
C SER A 7 4.98 -11.74 6.11
N ILE A 8 5.17 -10.44 6.18
CA ILE A 8 5.17 -9.59 4.98
C ILE A 8 6.15 -8.43 5.14
N SER A 9 6.65 -7.93 4.01
CA SER A 9 7.59 -6.82 4.02
C SER A 9 7.01 -5.62 3.27
N VAL A 10 6.65 -4.58 4.02
CA VAL A 10 6.08 -3.38 3.44
C VAL A 10 6.93 -2.16 3.77
N SER A 11 7.16 -1.31 2.77
CA SER A 11 7.96 -0.11 2.95
C SER A 11 7.11 1.15 2.75
N PRO A 12 6.16 1.37 3.66
CA PRO A 12 5.26 2.53 3.60
C PRO A 12 5.99 3.84 3.90
N THR A 13 5.44 4.94 3.39
CA THR A 13 6.03 6.25 3.60
C THR A 13 5.10 7.16 4.39
N ASN A 14 5.51 7.50 5.60
CA ASN A 14 4.70 8.37 6.46
C ASN A 14 5.23 9.80 6.43
N SER A 15 4.92 10.52 5.35
CA SER A 15 5.36 11.90 5.20
C SER A 15 4.28 12.75 4.53
N THR A 16 4.65 13.97 4.13
CA THR A 16 3.72 14.87 3.48
C THR A 16 4.11 15.10 2.02
N VAL A 17 3.13 15.48 1.21
CA VAL A 17 3.38 15.74 -0.21
C VAL A 17 2.69 17.02 -0.66
N ALA A 18 3.20 17.61 -1.73
CA ALA A 18 2.63 18.85 -2.27
C ALA A 18 1.38 18.56 -3.11
N LYS A 19 0.67 19.61 -3.49
CA LYS A 19 -0.54 19.47 -4.29
C LYS A 19 -0.27 18.59 -5.52
N GLY A 20 -1.04 17.51 -5.64
CA GLY A 20 -0.87 16.61 -6.78
C GLY A 20 0.44 15.87 -6.73
N LEU A 21 0.42 14.67 -6.17
CA LEU A 21 1.63 13.85 -6.08
C LEU A 21 1.28 12.36 -6.10
N GLN A 22 2.23 11.55 -6.54
CA GLN A 22 2.03 10.10 -6.61
C GLN A 22 3.10 9.36 -5.83
N GLU A 23 2.69 8.29 -5.14
CA GLU A 23 3.62 7.50 -4.35
C GLU A 23 3.41 6.01 -4.59
N ASN A 24 4.43 5.35 -5.13
CA ASN A 24 4.35 3.92 -5.41
C ASN A 24 4.57 3.10 -4.15
N PHE A 25 3.79 2.03 -4.00
CA PHE A 25 3.89 1.16 -2.83
C PHE A 25 4.11 -0.28 -3.26
N LYS A 26 4.85 -1.03 -2.43
CA LYS A 26 5.14 -2.43 -2.73
C LYS A 26 5.16 -3.25 -1.43
N ALA A 27 4.65 -4.48 -1.51
CA ALA A 27 4.61 -5.36 -0.35
C ALA A 27 4.97 -6.79 -0.75
N THR A 28 5.83 -7.42 0.05
CA THR A 28 6.25 -8.79 -0.21
C THR A 28 5.64 -9.76 0.79
N GLY A 29 4.97 -10.78 0.27
CA GLY A 29 4.35 -11.77 1.13
C GLY A 29 5.23 -12.97 1.38
N ILE A 30 5.20 -13.50 2.60
CA ILE A 30 6.01 -14.65 2.96
C ILE A 30 5.13 -15.83 3.39
N PHE A 31 5.55 -17.03 3.04
CA PHE A 31 4.80 -18.24 3.39
C PHE A 31 5.54 -19.05 4.46
N THR A 32 4.80 -19.89 5.17
CA THR A 32 5.38 -20.72 6.22
C THR A 32 6.31 -21.78 5.63
N ASP A 33 6.26 -21.94 4.31
CA ASP A 33 7.10 -22.91 3.63
C ASP A 33 8.46 -22.31 3.28
N ASN A 34 8.80 -21.21 3.94
CA ASN A 34 10.06 -20.53 3.69
C ASN A 34 10.13 -20.00 2.27
N SER A 35 8.97 -19.95 1.61
CA SER A 35 8.88 -19.45 0.23
C SER A 35 8.24 -18.08 0.19
N ASN A 36 9.04 -17.06 -0.09
CA ASN A 36 8.55 -15.69 -0.17
C ASN A 36 8.16 -15.33 -1.59
N SER A 37 7.07 -14.59 -1.74
CA SER A 37 6.58 -14.18 -3.05
C SER A 37 6.19 -12.70 -3.05
N ASP A 38 6.17 -12.10 -4.23
CA ASP A 38 5.80 -10.70 -4.36
C ASP A 38 4.29 -10.54 -4.55
N ILE A 39 3.69 -9.66 -3.78
CA ILE A 39 2.26 -9.42 -3.86
C ILE A 39 1.50 -10.69 -4.21
N THR A 40 1.84 -11.78 -3.52
CA THR A 40 1.20 -13.07 -3.77
C THR A 40 -0.28 -13.03 -3.38
N ASP A 41 -0.57 -12.34 -2.27
CA ASP A 41 -1.94 -12.23 -1.79
C ASP A 41 -2.59 -10.94 -2.30
N GLN A 42 -1.88 -10.24 -3.17
CA GLN A 42 -2.39 -8.99 -3.72
C GLN A 42 -2.57 -7.94 -2.63
N VAL A 43 -1.47 -7.36 -2.17
CA VAL A 43 -1.51 -6.35 -1.13
C VAL A 43 -2.51 -5.25 -1.47
N THR A 44 -3.64 -5.23 -0.77
CA THR A 44 -4.67 -4.23 -0.99
C THR A 44 -4.53 -3.06 -0.03
N TRP A 45 -4.26 -1.87 -0.57
CA TRP A 45 -4.11 -0.68 0.25
C TRP A 45 -4.92 0.48 -0.32
N ASP A 46 -5.65 1.17 0.55
CA ASP A 46 -6.48 2.30 0.13
C ASP A 46 -6.22 3.51 1.02
N SER A 47 -6.83 4.64 0.67
CA SER A 47 -6.67 5.87 1.44
C SER A 47 -8.00 6.30 2.04
N SER A 48 -7.93 6.98 3.19
CA SER A 48 -9.13 7.45 3.86
C SER A 48 -9.96 8.35 2.96
N ASN A 49 -9.32 8.89 1.93
CA ASN A 49 -9.99 9.78 0.99
C ASN A 49 -10.37 11.09 1.66
N THR A 50 -9.68 12.17 1.28
CA THR A 50 -9.95 13.49 1.85
C THR A 50 -10.88 14.29 0.95
N ASP A 51 -10.41 14.60 -0.25
CA ASP A 51 -11.20 15.37 -1.21
C ASP A 51 -11.41 14.58 -2.49
N ILE A 52 -10.31 14.10 -3.07
CA ILE A 52 -10.37 13.33 -4.31
C ILE A 52 -9.03 12.67 -4.61
N LEU A 53 -8.99 11.35 -4.45
CA LEU A 53 -7.77 10.58 -4.70
C LEU A 53 -8.10 9.22 -5.30
N SER A 54 -7.18 8.70 -6.11
CA SER A 54 -7.37 7.41 -6.75
C SER A 54 -6.12 6.54 -6.61
N ILE A 55 -6.33 5.25 -6.33
CA ILE A 55 -5.22 4.32 -6.16
C ILE A 55 -5.41 3.09 -7.05
N SER A 56 -4.38 2.75 -7.83
CA SER A 56 -4.44 1.60 -8.71
C SER A 56 -3.28 0.65 -8.42
N ASN A 57 -3.61 -0.63 -8.27
CA ASN A 57 -2.59 -1.64 -8.00
C ASN A 57 -3.00 -2.99 -8.60
N ALA A 58 -3.78 -2.93 -9.67
CA ALA A 58 -4.24 -4.14 -10.35
C ALA A 58 -3.99 -4.06 -11.85
N SER A 59 -3.40 -2.95 -12.28
CA SER A 59 -3.11 -2.74 -13.70
C SER A 59 -2.25 -3.87 -14.25
N ASP A 60 -1.53 -4.55 -13.36
CA ASP A 60 -0.67 -5.66 -13.77
C ASP A 60 0.05 -6.25 -12.56
N SER A 61 0.39 -5.39 -11.60
CA SER A 61 1.08 -5.83 -10.39
C SER A 61 1.42 -4.64 -9.50
N HIS A 62 2.41 -3.86 -9.90
CA HIS A 62 2.83 -2.69 -9.14
C HIS A 62 1.65 -1.79 -8.83
N GLY A 63 1.71 -1.10 -7.70
CA GLY A 63 0.63 -0.20 -7.31
C GLY A 63 1.13 1.16 -6.87
N LEU A 64 0.23 2.14 -6.87
CA LEU A 64 0.59 3.50 -6.48
C LEU A 64 -0.64 4.27 -6.02
N ALA A 65 -0.42 5.40 -5.35
CA ALA A 65 -1.50 6.23 -4.86
C ALA A 65 -1.37 7.66 -5.37
N SER A 66 -2.47 8.21 -5.87
CA SER A 66 -2.48 9.57 -6.40
C SER A 66 -3.45 10.45 -5.62
N THR A 67 -2.90 11.38 -4.84
CA THR A 67 -3.72 12.28 -4.04
C THR A 67 -4.02 13.56 -4.81
N LEU A 68 -5.11 14.22 -4.43
CA LEU A 68 -5.52 15.47 -5.08
C LEU A 68 -6.36 16.33 -4.15
N ASN A 69 -5.89 16.46 -2.91
CA ASN A 69 -6.59 17.27 -1.91
C ASN A 69 -5.61 18.09 -1.10
N GLN A 70 -6.14 18.95 -0.22
CA GLN A 70 -5.32 19.80 0.61
C GLN A 70 -5.57 19.52 2.09
N GLY A 71 -5.40 18.27 2.49
CA GLY A 71 -5.61 17.90 3.88
C GLY A 71 -4.79 16.69 4.29
N ASN A 72 -5.28 15.95 5.27
CA ASN A 72 -4.58 14.76 5.75
C ASN A 72 -5.39 13.50 5.44
N VAL A 73 -4.71 12.49 4.90
CA VAL A 73 -5.35 11.22 4.55
C VAL A 73 -4.67 10.05 5.25
N LYS A 74 -5.41 8.96 5.42
CA LYS A 74 -4.88 7.77 6.07
C LYS A 74 -4.68 6.65 5.06
N VAL A 75 -3.42 6.23 4.88
CA VAL A 75 -3.10 5.16 3.94
C VAL A 75 -2.83 3.86 4.67
N THR A 76 -3.64 2.84 4.40
CA THR A 76 -3.49 1.54 5.03
C THR A 76 -3.21 0.45 3.99
N ALA A 77 -2.35 -0.49 4.35
CA ALA A 77 -2.00 -1.58 3.45
C ALA A 77 -2.11 -2.93 4.16
N SER A 78 -2.61 -3.93 3.44
CA SER A 78 -2.77 -5.27 4.00
C SER A 78 -2.59 -6.34 2.93
N ILE A 79 -1.86 -7.39 3.26
CA ILE A 79 -1.60 -8.48 2.33
C ILE A 79 -1.70 -9.84 3.03
N GLY A 80 -2.71 -10.61 2.67
CA GLY A 80 -2.88 -11.92 3.27
C GLY A 80 -3.20 -11.85 4.75
N GLY A 81 -2.15 -11.87 5.57
CA GLY A 81 -2.34 -11.81 7.01
C GLY A 81 -1.83 -10.51 7.61
N ILE A 82 -0.51 -10.41 7.75
CA ILE A 82 0.11 -9.21 8.32
C ILE A 82 -0.39 -7.96 7.60
N GLN A 83 -0.52 -6.87 8.36
CA GLN A 83 -0.98 -5.61 7.79
C GLN A 83 -0.17 -4.44 8.34
N GLY A 84 -0.25 -3.30 7.65
CA GLY A 84 0.50 -2.13 8.08
C GLY A 84 -0.32 -0.85 7.94
N SER A 85 0.24 0.25 8.42
CA SER A 85 -0.43 1.54 8.36
C SER A 85 0.56 2.66 8.04
N THR A 86 0.05 3.72 7.41
CA THR A 86 0.89 4.86 7.04
C THR A 86 0.12 6.17 7.13
N ASP A 87 0.83 7.26 7.36
CA ASP A 87 0.21 8.57 7.46
C ASP A 87 0.67 9.49 6.33
N PHE A 88 -0.29 10.02 5.58
CA PHE A 88 0.03 10.90 4.47
C PHE A 88 -0.78 12.20 4.56
N LYS A 89 -0.09 13.33 4.44
CA LYS A 89 -0.73 14.64 4.51
C LYS A 89 -0.37 15.49 3.30
N VAL A 90 -1.34 15.69 2.41
CA VAL A 90 -1.12 16.50 1.22
C VAL A 90 -1.51 17.95 1.44
N THR A 91 -0.58 18.86 1.15
CA THR A 91 -0.82 20.29 1.34
C THR A 91 -0.68 21.03 0.02
N GLN A 92 -1.01 22.32 0.04
CA GLN A 92 -0.93 23.15 -1.16
C GLN A 92 -1.92 22.68 -2.22
N MET A 1 -0.52 -29.82 -0.37
CA MET A 1 0.64 -29.05 0.07
C MET A 1 0.24 -27.65 0.50
N PRO A 2 -0.41 -27.54 1.66
CA PRO A 2 -0.87 -26.26 2.20
C PRO A 2 0.29 -25.38 2.65
N ALA A 3 0.04 -24.07 2.74
CA ALA A 3 1.06 -23.12 3.15
C ALA A 3 0.68 -22.45 4.47
N ALA A 4 1.66 -21.85 5.13
CA ALA A 4 1.43 -21.18 6.40
C ALA A 4 2.06 -19.79 6.40
N LEU A 5 1.24 -18.78 6.69
CA LEU A 5 1.72 -17.40 6.74
C LEU A 5 2.98 -17.28 7.59
N VAL A 6 3.67 -16.15 7.46
CA VAL A 6 4.90 -15.92 8.22
C VAL A 6 5.11 -14.43 8.46
N SER A 7 5.47 -13.71 7.41
CA SER A 7 5.71 -12.27 7.51
C SER A 7 5.62 -11.61 6.14
N ILE A 8 5.70 -10.28 6.12
CA ILE A 8 5.63 -9.53 4.88
C ILE A 8 6.53 -8.30 4.93
N SER A 9 6.96 -7.84 3.75
CA SER A 9 7.84 -6.67 3.66
C SER A 9 7.07 -5.46 3.15
N VAL A 10 6.83 -4.50 4.04
CA VAL A 10 6.11 -3.29 3.68
C VAL A 10 6.96 -2.04 3.92
N SER A 11 6.94 -1.12 2.96
CA SER A 11 7.72 0.10 3.07
C SER A 11 6.80 1.31 3.16
N PRO A 12 6.09 1.44 4.29
CA PRO A 12 5.17 2.56 4.52
C PRO A 12 5.89 3.88 4.72
N THR A 13 5.29 4.95 4.21
CA THR A 13 5.88 6.28 4.33
C THR A 13 4.99 7.21 5.15
N ASN A 14 5.49 7.59 6.33
CA ASN A 14 4.74 8.48 7.22
C ASN A 14 5.23 9.91 7.09
N SER A 15 5.11 10.48 5.90
CA SER A 15 5.54 11.85 5.65
C SER A 15 4.49 12.62 4.87
N THR A 16 4.87 13.81 4.39
CA THR A 16 3.95 14.65 3.62
C THR A 16 4.44 14.84 2.20
N VAL A 17 3.51 15.07 1.28
CA VAL A 17 3.85 15.27 -0.12
C VAL A 17 3.27 16.58 -0.64
N ALA A 18 3.89 17.13 -1.68
CA ALA A 18 3.43 18.37 -2.28
C ALA A 18 2.13 18.17 -3.02
N LYS A 19 1.41 19.27 -3.25
CA LYS A 19 0.14 19.23 -3.96
C LYS A 19 0.27 18.47 -5.27
N GLY A 20 -0.73 17.66 -5.60
CA GLY A 20 -0.70 16.89 -6.83
C GLY A 20 0.58 16.11 -6.99
N LEU A 21 0.59 14.88 -6.48
CA LEU A 21 1.76 14.02 -6.56
C LEU A 21 1.36 12.55 -6.52
N GLN A 22 2.36 11.67 -6.50
CA GLN A 22 2.12 10.24 -6.46
C GLN A 22 3.17 9.52 -5.63
N GLU A 23 2.72 8.56 -4.82
CA GLU A 23 3.63 7.81 -3.96
C GLU A 23 3.58 6.32 -4.30
N ASN A 24 4.75 5.73 -4.57
CA ASN A 24 4.84 4.32 -4.90
C ASN A 24 4.97 3.48 -3.64
N PHE A 25 4.28 2.34 -3.62
CA PHE A 25 4.31 1.44 -2.47
C PHE A 25 4.07 0.00 -2.91
N LYS A 26 4.78 -0.94 -2.28
CA LYS A 26 4.63 -2.35 -2.59
C LYS A 26 4.66 -3.20 -1.32
N ALA A 27 4.08 -4.39 -1.39
CA ALA A 27 4.03 -5.29 -0.26
C ALA A 27 4.53 -6.69 -0.64
N THR A 28 5.52 -7.18 0.09
CA THR A 28 6.09 -8.50 -0.17
C THR A 28 5.51 -9.54 0.77
N GLY A 29 4.98 -10.62 0.20
CA GLY A 29 4.40 -11.68 1.01
C GLY A 29 5.32 -12.87 1.15
N ILE A 30 5.63 -13.24 2.39
CA ILE A 30 6.50 -14.36 2.67
C ILE A 30 5.76 -15.48 3.39
N PHE A 31 5.84 -16.69 2.85
CA PHE A 31 5.17 -17.84 3.46
C PHE A 31 6.19 -18.89 3.89
N THR A 32 5.81 -19.70 4.87
CA THR A 32 6.68 -20.74 5.38
C THR A 32 6.90 -21.84 4.34
N ASP A 33 5.92 -22.03 3.48
CA ASP A 33 6.00 -23.03 2.43
C ASP A 33 6.16 -22.39 1.06
N ASN A 34 6.42 -21.09 1.05
CA ASN A 34 6.59 -20.35 -0.19
C ASN A 34 7.93 -19.59 -0.20
N SER A 35 8.58 -19.56 0.96
CA SER A 35 9.86 -18.88 1.09
C SER A 35 9.68 -17.37 0.92
N ASN A 36 9.50 -16.93 -0.32
CA ASN A 36 9.32 -15.51 -0.60
C ASN A 36 8.40 -15.31 -1.81
N SER A 37 7.47 -14.37 -1.70
CA SER A 37 6.54 -14.09 -2.78
C SER A 37 6.30 -12.59 -2.91
N ASP A 38 6.44 -12.08 -4.12
CA ASP A 38 6.24 -10.65 -4.39
C ASP A 38 4.78 -10.37 -4.74
N ILE A 39 4.08 -9.66 -3.86
CA ILE A 39 2.68 -9.31 -4.09
C ILE A 39 1.93 -10.47 -4.72
N THR A 40 2.24 -11.69 -4.27
CA THR A 40 1.58 -12.89 -4.79
C THR A 40 0.10 -12.90 -4.44
N ASP A 41 -0.23 -12.41 -3.25
CA ASP A 41 -1.62 -12.37 -2.80
C ASP A 41 -2.28 -11.05 -3.18
N GLN A 42 -1.55 -10.24 -3.94
CA GLN A 42 -2.06 -8.94 -4.38
C GLN A 42 -2.53 -8.12 -3.19
N VAL A 43 -1.61 -7.37 -2.59
CA VAL A 43 -1.92 -6.54 -1.43
C VAL A 43 -3.12 -5.64 -1.73
N THR A 44 -4.05 -5.57 -0.78
CA THR A 44 -5.24 -4.75 -0.94
C THR A 44 -4.93 -3.28 -0.64
N TRP A 45 -5.26 -2.41 -1.58
CA TRP A 45 -5.03 -0.98 -1.43
C TRP A 45 -6.30 -0.27 -0.99
N ASP A 46 -6.17 0.62 0.00
CA ASP A 46 -7.31 1.37 0.50
C ASP A 46 -6.87 2.71 1.08
N SER A 47 -7.69 3.74 0.88
CA SER A 47 -7.38 5.08 1.38
C SER A 47 -8.54 5.64 2.20
N SER A 48 -8.22 6.48 3.17
CA SER A 48 -9.23 7.09 4.02
C SER A 48 -10.04 8.12 3.25
N ASN A 49 -9.50 8.56 2.12
CA ASN A 49 -10.18 9.54 1.29
C ASN A 49 -10.30 10.88 2.01
N THR A 50 -10.38 11.96 1.24
CA THR A 50 -10.50 13.30 1.82
C THR A 50 -11.23 14.24 0.87
N ASP A 51 -10.56 14.65 -0.19
CA ASP A 51 -11.16 15.55 -1.18
C ASP A 51 -11.16 14.91 -2.56
N ILE A 52 -10.07 14.23 -2.89
CA ILE A 52 -9.94 13.58 -4.19
C ILE A 52 -8.63 12.80 -4.30
N LEU A 53 -8.71 11.49 -4.08
CA LEU A 53 -7.53 10.64 -4.15
C LEU A 53 -7.90 9.24 -4.64
N SER A 54 -7.05 8.68 -5.50
CA SER A 54 -7.29 7.35 -6.05
C SER A 54 -6.01 6.53 -6.08
N ILE A 55 -6.10 5.28 -5.66
CA ILE A 55 -4.94 4.39 -5.64
C ILE A 55 -5.12 3.22 -6.59
N SER A 56 -4.12 2.97 -7.42
CA SER A 56 -4.17 1.87 -8.38
C SER A 56 -2.98 0.94 -8.20
N ASN A 57 -3.27 -0.29 -7.79
CA ASN A 57 -2.22 -1.29 -7.58
C ASN A 57 -2.66 -2.66 -8.09
N ALA A 58 -2.56 -2.85 -9.39
CA ALA A 58 -2.94 -4.12 -10.01
C ALA A 58 -2.76 -4.07 -11.52
N SER A 59 -2.95 -2.89 -12.10
CA SER A 59 -2.80 -2.71 -13.54
C SER A 59 -1.47 -3.23 -14.03
N ASP A 60 -0.49 -3.27 -13.12
CA ASP A 60 0.85 -3.74 -13.45
C ASP A 60 1.39 -4.67 -12.37
N SER A 61 1.60 -4.11 -11.18
CA SER A 61 2.12 -4.89 -10.06
C SER A 61 2.39 -3.98 -8.85
N HIS A 62 3.30 -3.04 -9.02
CA HIS A 62 3.65 -2.12 -7.95
C HIS A 62 2.47 -1.21 -7.61
N GLY A 63 2.39 -0.80 -6.34
CA GLY A 63 1.31 0.05 -5.91
C GLY A 63 1.61 1.52 -6.13
N LEU A 64 0.56 2.30 -6.43
CA LEU A 64 0.72 3.72 -6.67
C LEU A 64 -0.51 4.50 -6.17
N ALA A 65 -0.26 5.52 -5.36
CA ALA A 65 -1.34 6.33 -4.82
C ALA A 65 -1.24 7.78 -5.31
N SER A 66 -2.28 8.25 -5.98
CA SER A 66 -2.30 9.61 -6.50
C SER A 66 -3.29 10.48 -5.73
N THR A 67 -2.82 11.60 -5.21
CA THR A 67 -3.67 12.51 -4.45
C THR A 67 -3.70 13.89 -5.09
N LEU A 68 -4.83 14.58 -4.93
CA LEU A 68 -4.98 15.92 -5.50
C LEU A 68 -5.84 16.80 -4.59
N ASN A 69 -5.53 16.77 -3.29
CA ASN A 69 -6.27 17.57 -2.32
C ASN A 69 -5.31 18.29 -1.37
N GLN A 70 -5.87 19.12 -0.50
CA GLN A 70 -5.07 19.87 0.46
C GLN A 70 -5.35 19.40 1.89
N GLY A 71 -5.20 18.11 2.12
CA GLY A 71 -5.44 17.56 3.44
C GLY A 71 -4.62 16.31 3.71
N ASN A 72 -4.93 15.63 4.80
CA ASN A 72 -4.21 14.42 5.19
C ASN A 72 -5.09 13.18 5.03
N VAL A 73 -4.52 12.11 4.49
CA VAL A 73 -5.27 10.87 4.29
C VAL A 73 -4.53 9.69 4.91
N LYS A 74 -5.26 8.61 5.16
CA LYS A 74 -4.68 7.41 5.74
C LYS A 74 -4.82 6.22 4.80
N VAL A 75 -3.68 5.69 4.35
CA VAL A 75 -3.68 4.55 3.44
C VAL A 75 -3.28 3.27 4.17
N THR A 76 -3.95 2.17 3.83
CA THR A 76 -3.67 0.88 4.44
C THR A 76 -3.44 -0.19 3.40
N ALA A 77 -2.48 -1.08 3.66
CA ALA A 77 -2.16 -2.16 2.74
C ALA A 77 -2.02 -3.49 3.48
N SER A 78 -2.65 -4.52 2.94
CA SER A 78 -2.60 -5.84 3.56
C SER A 78 -2.47 -6.93 2.49
N ILE A 79 -1.62 -7.92 2.77
CA ILE A 79 -1.40 -9.02 1.83
C ILE A 79 -1.36 -10.35 2.57
N GLY A 80 -2.20 -11.28 2.13
CA GLY A 80 -2.25 -12.60 2.75
C GLY A 80 -2.67 -12.53 4.20
N GLY A 81 -1.70 -12.46 5.11
CA GLY A 81 -2.00 -12.40 6.52
C GLY A 81 -1.59 -11.07 7.15
N ILE A 82 -0.29 -10.88 7.32
CA ILE A 82 0.22 -9.65 7.91
C ILE A 82 -0.22 -8.43 7.12
N GLN A 83 -0.44 -7.32 7.81
CA GLN A 83 -0.86 -6.08 7.16
C GLN A 83 -0.07 -4.88 7.68
N GLY A 84 -0.09 -3.79 6.94
CA GLY A 84 0.64 -2.60 7.34
C GLY A 84 -0.22 -1.35 7.27
N SER A 85 0.39 -0.20 7.54
CA SER A 85 -0.32 1.07 7.50
C SER A 85 0.60 2.19 7.02
N THR A 86 0.01 3.18 6.35
CA THR A 86 0.76 4.31 5.83
C THR A 86 -0.06 5.60 5.88
N ASP A 87 0.58 6.67 6.34
CA ASP A 87 -0.09 7.97 6.44
C ASP A 87 0.64 9.03 5.62
N PHE A 88 -0.08 9.67 4.71
CA PHE A 88 0.50 10.70 3.87
C PHE A 88 -0.34 11.98 3.90
N LYS A 89 0.33 13.11 4.00
CA LYS A 89 -0.36 14.41 4.04
C LYS A 89 -0.05 15.22 2.79
N VAL A 90 -1.10 15.58 2.05
CA VAL A 90 -0.93 16.36 0.83
C VAL A 90 -1.40 17.80 1.04
N THR A 91 -0.53 18.75 0.72
CA THR A 91 -0.85 20.16 0.87
C THR A 91 -1.31 20.77 -0.45
N GLN A 92 -1.77 22.01 -0.39
CA GLN A 92 -2.24 22.71 -1.59
C GLN A 92 -1.08 23.31 -2.37
N MET A 1 3.43 -26.69 -3.98
CA MET A 1 3.04 -27.11 -2.63
C MET A 1 2.29 -25.99 -1.91
N PRO A 2 1.48 -26.37 -0.91
CA PRO A 2 0.69 -25.41 -0.13
C PRO A 2 1.56 -24.53 0.77
N ALA A 3 1.06 -23.35 1.11
CA ALA A 3 1.79 -22.43 1.96
C ALA A 3 0.85 -21.76 2.96
N ALA A 4 1.44 -21.19 4.02
CA ALA A 4 0.66 -20.52 5.04
C ALA A 4 1.24 -19.13 5.36
N LEU A 5 0.36 -18.15 5.49
CA LEU A 5 0.78 -16.79 5.78
C LEU A 5 1.65 -16.74 7.04
N VAL A 6 2.56 -15.77 7.09
CA VAL A 6 3.44 -15.62 8.23
C VAL A 6 3.84 -14.15 8.43
N SER A 7 4.73 -13.68 7.56
CA SER A 7 5.21 -12.30 7.63
C SER A 7 5.22 -11.66 6.25
N ILE A 8 5.43 -10.34 6.22
CA ILE A 8 5.47 -9.61 4.97
C ILE A 8 6.42 -8.41 5.06
N SER A 9 7.04 -8.07 3.94
CA SER A 9 7.97 -6.94 3.90
C SER A 9 7.27 -5.68 3.38
N VAL A 10 7.05 -4.73 4.28
CA VAL A 10 6.39 -3.48 3.93
C VAL A 10 7.30 -2.29 4.21
N SER A 11 7.35 -1.36 3.26
CA SER A 11 8.18 -0.17 3.41
C SER A 11 7.33 1.09 3.42
N PRO A 12 6.51 1.24 4.48
CA PRO A 12 5.63 2.40 4.65
C PRO A 12 6.39 3.68 4.94
N THR A 13 6.10 4.73 4.18
CA THR A 13 6.76 6.01 4.35
C THR A 13 5.77 7.10 4.77
N ASN A 14 5.91 7.58 6.01
CA ASN A 14 5.03 8.61 6.53
C ASN A 14 5.61 10.00 6.30
N SER A 15 4.95 10.79 5.46
CA SER A 15 5.40 12.13 5.15
C SER A 15 4.28 12.96 4.53
N THR A 16 4.62 14.13 4.02
CA THR A 16 3.65 15.02 3.39
C THR A 16 4.10 15.44 2.01
N VAL A 17 3.14 15.61 1.10
CA VAL A 17 3.44 16.01 -0.27
C VAL A 17 2.47 17.09 -0.75
N ALA A 18 2.92 17.88 -1.71
CA ALA A 18 2.09 18.96 -2.26
C ALA A 18 0.94 18.39 -3.08
N LYS A 19 0.00 19.26 -3.45
CA LYS A 19 -1.16 18.84 -4.24
C LYS A 19 -0.73 18.33 -5.61
N GLY A 20 -1.09 17.10 -5.93
CA GLY A 20 -0.74 16.51 -7.21
C GLY A 20 0.55 15.71 -7.13
N LEU A 21 0.47 14.53 -6.53
CA LEU A 21 1.64 13.67 -6.40
C LEU A 21 1.23 12.26 -5.96
N GLN A 22 1.98 11.26 -6.42
CA GLN A 22 1.69 9.87 -6.08
C GLN A 22 2.91 9.21 -5.45
N GLU A 23 2.66 8.28 -4.53
CA GLU A 23 3.75 7.57 -3.85
C GLU A 23 3.64 6.07 -4.09
N ASN A 24 4.67 5.50 -4.72
CA ASN A 24 4.69 4.08 -5.02
C ASN A 24 5.12 3.28 -3.80
N PHE A 25 4.48 2.13 -3.59
CA PHE A 25 4.79 1.27 -2.46
C PHE A 25 4.93 -0.18 -2.90
N LYS A 26 5.76 -0.94 -2.18
CA LYS A 26 5.99 -2.34 -2.50
C LYS A 26 5.73 -3.22 -1.27
N ALA A 27 5.20 -4.42 -1.52
CA ALA A 27 4.91 -5.35 -0.44
C ALA A 27 5.29 -6.78 -0.84
N THR A 28 5.98 -7.47 0.07
CA THR A 28 6.40 -8.84 -0.19
C THR A 28 5.78 -9.81 0.82
N GLY A 29 5.11 -10.83 0.30
CA GLY A 29 4.47 -11.81 1.16
C GLY A 29 5.37 -12.99 1.47
N ILE A 30 5.30 -13.48 2.71
CA ILE A 30 6.12 -14.61 3.12
C ILE A 30 5.25 -15.77 3.62
N PHE A 31 5.70 -16.99 3.37
CA PHE A 31 4.97 -18.18 3.79
C PHE A 31 5.77 -18.97 4.82
N THR A 32 5.07 -19.79 5.60
CA THR A 32 5.71 -20.61 6.63
C THR A 32 6.59 -21.68 6.00
N ASP A 33 6.43 -21.88 4.70
CA ASP A 33 7.21 -22.88 3.98
C ASP A 33 8.49 -22.28 3.42
N ASN A 34 8.90 -21.14 3.98
CA ASN A 34 10.11 -20.46 3.55
C ASN A 34 9.98 -20.00 2.10
N SER A 35 8.75 -19.97 1.59
CA SER A 35 8.48 -19.56 0.22
C SER A 35 7.88 -18.16 0.19
N ASN A 36 8.64 -17.21 -0.33
CA ASN A 36 8.17 -15.83 -0.42
C ASN A 36 7.51 -15.57 -1.77
N SER A 37 6.44 -14.77 -1.76
CA SER A 37 5.72 -14.44 -2.98
C SER A 37 5.39 -12.95 -3.04
N ASP A 38 5.47 -12.39 -4.24
CA ASP A 38 5.18 -10.97 -4.43
C ASP A 38 3.70 -10.74 -4.71
N ILE A 39 3.08 -9.89 -3.91
CA ILE A 39 1.66 -9.59 -4.06
C ILE A 39 0.89 -10.80 -4.56
N THR A 40 1.12 -11.94 -3.92
CA THR A 40 0.45 -13.18 -4.30
C THR A 40 -1.04 -13.11 -4.01
N ASP A 41 -1.39 -12.47 -2.89
CA ASP A 41 -2.79 -12.32 -2.50
C ASP A 41 -3.38 -11.02 -3.04
N GLN A 42 -2.59 -10.33 -3.86
CA GLN A 42 -3.04 -9.07 -4.45
C GLN A 42 -3.32 -8.03 -3.37
N VAL A 43 -2.25 -7.49 -2.80
CA VAL A 43 -2.38 -6.47 -1.75
C VAL A 43 -3.27 -5.33 -2.20
N THR A 44 -4.41 -5.16 -1.52
CA THR A 44 -5.35 -4.10 -1.84
C THR A 44 -5.12 -2.88 -0.97
N TRP A 45 -4.95 -1.72 -1.60
CA TRP A 45 -4.72 -0.48 -0.88
C TRP A 45 -6.01 0.31 -0.73
N ASP A 46 -6.07 1.19 0.26
CA ASP A 46 -7.25 2.01 0.51
C ASP A 46 -6.87 3.35 1.10
N SER A 47 -7.60 4.39 0.73
CA SER A 47 -7.34 5.73 1.23
C SER A 47 -8.48 6.23 2.11
N SER A 48 -8.13 6.92 3.19
CA SER A 48 -9.12 7.44 4.13
C SER A 48 -10.02 8.47 3.45
N ASN A 49 -9.57 8.97 2.30
CA ASN A 49 -10.34 9.95 1.54
C ASN A 49 -10.46 11.26 2.32
N THR A 50 -10.68 12.36 1.60
CA THR A 50 -10.81 13.67 2.23
C THR A 50 -11.41 14.68 1.26
N ASP A 51 -10.81 14.80 0.09
CA ASP A 51 -11.29 15.72 -0.93
C ASP A 51 -11.29 15.07 -2.31
N ILE A 52 -10.19 14.39 -2.63
CA ILE A 52 -10.07 13.72 -3.92
C ILE A 52 -8.73 12.99 -4.03
N LEU A 53 -8.80 11.66 -4.11
CA LEU A 53 -7.59 10.85 -4.22
C LEU A 53 -7.88 9.56 -4.98
N SER A 54 -6.86 9.05 -5.67
CA SER A 54 -7.01 7.82 -6.44
C SER A 54 -5.82 6.88 -6.21
N ILE A 55 -6.12 5.63 -5.87
CA ILE A 55 -5.07 4.65 -5.62
C ILE A 55 -5.23 3.45 -6.55
N SER A 56 -4.13 3.11 -7.24
CA SER A 56 -4.14 1.99 -8.17
C SER A 56 -3.02 1.00 -7.83
N ASN A 57 -3.40 -0.27 -7.70
CA ASN A 57 -2.43 -1.31 -7.37
C ASN A 57 -2.86 -2.65 -7.95
N ALA A 58 -3.70 -2.61 -8.98
CA ALA A 58 -4.19 -3.82 -9.61
C ALA A 58 -4.15 -3.69 -11.14
N SER A 59 -3.55 -2.61 -11.62
CA SER A 59 -3.45 -2.36 -13.05
C SER A 59 -2.61 -3.45 -13.73
N ASP A 60 -1.78 -4.12 -12.95
CA ASP A 60 -0.92 -5.18 -13.47
C ASP A 60 -0.06 -5.77 -12.36
N SER A 61 0.34 -4.93 -11.40
CA SER A 61 1.17 -5.38 -10.29
C SER A 61 1.55 -4.20 -9.40
N HIS A 62 2.50 -3.39 -9.87
CA HIS A 62 2.95 -2.23 -9.12
C HIS A 62 1.77 -1.38 -8.65
N GLY A 63 1.94 -0.71 -7.52
CA GLY A 63 0.88 0.13 -6.99
C GLY A 63 1.35 1.53 -6.66
N LEU A 64 0.44 2.48 -6.71
CA LEU A 64 0.76 3.88 -6.41
C LEU A 64 -0.40 4.59 -5.76
N ALA A 65 -0.10 5.48 -4.81
CA ALA A 65 -1.13 6.23 -4.11
C ALA A 65 -1.09 7.71 -4.49
N SER A 66 -2.01 8.11 -5.37
CA SER A 66 -2.07 9.50 -5.81
C SER A 66 -3.10 10.28 -5.02
N THR A 67 -2.76 11.53 -4.69
CA THR A 67 -3.67 12.38 -3.92
C THR A 67 -3.71 13.79 -4.50
N LEU A 68 -4.86 14.44 -4.36
CA LEU A 68 -5.03 15.79 -4.87
C LEU A 68 -5.96 16.61 -3.96
N ASN A 69 -5.87 16.36 -2.67
CA ASN A 69 -6.68 17.07 -1.68
C ASN A 69 -5.84 18.05 -0.88
N GLN A 70 -6.50 18.84 -0.03
CA GLN A 70 -5.82 19.82 0.79
C GLN A 70 -5.94 19.47 2.27
N GLY A 71 -5.76 18.19 2.59
CA GLY A 71 -5.84 17.76 3.97
C GLY A 71 -4.90 16.62 4.29
N ASN A 72 -5.42 15.57 4.92
CA ASN A 72 -4.60 14.42 5.27
C ASN A 72 -5.22 13.12 4.73
N VAL A 73 -4.37 12.23 4.25
CA VAL A 73 -4.84 10.96 3.70
C VAL A 73 -4.18 9.78 4.42
N LYS A 74 -4.97 8.75 4.70
CA LYS A 74 -4.47 7.57 5.39
C LYS A 74 -4.42 6.37 4.44
N VAL A 75 -3.24 5.80 4.27
CA VAL A 75 -3.06 4.66 3.40
C VAL A 75 -3.10 3.34 4.18
N THR A 76 -4.09 2.52 3.87
CA THR A 76 -4.25 1.23 4.54
C THR A 76 -4.40 0.10 3.54
N ALA A 77 -3.55 -0.92 3.67
CA ALA A 77 -3.60 -2.07 2.78
C ALA A 77 -3.44 -3.37 3.55
N SER A 78 -3.87 -4.48 2.95
CA SER A 78 -3.78 -5.79 3.59
C SER A 78 -3.57 -6.88 2.55
N ILE A 79 -2.67 -7.80 2.84
CA ILE A 79 -2.38 -8.91 1.94
C ILE A 79 -2.21 -10.21 2.70
N GLY A 80 -3.08 -11.18 2.41
CA GLY A 80 -3.01 -12.47 3.08
C GLY A 80 -3.26 -12.36 4.57
N GLY A 81 -2.19 -12.21 5.34
CA GLY A 81 -2.33 -12.10 6.79
C GLY A 81 -1.91 -10.73 7.30
N ILE A 82 -0.60 -10.53 7.46
CA ILE A 82 -0.08 -9.27 7.95
C ILE A 82 -0.60 -8.10 7.14
N GLN A 83 -0.72 -6.93 7.77
CA GLN A 83 -1.20 -5.74 7.11
C GLN A 83 -0.27 -4.56 7.36
N GLY A 84 -0.41 -3.52 6.53
CA GLY A 84 0.43 -2.34 6.69
C GLY A 84 -0.37 -1.06 6.62
N SER A 85 0.14 -0.01 7.27
CA SER A 85 -0.54 1.28 7.29
C SER A 85 0.47 2.42 7.30
N THR A 86 0.12 3.52 6.65
CA THR A 86 1.00 4.69 6.58
C THR A 86 0.19 5.98 6.60
N ASP A 87 0.82 7.06 7.07
CA ASP A 87 0.16 8.35 7.14
C ASP A 87 0.70 9.30 6.07
N PHE A 88 -0.20 9.94 5.33
CA PHE A 88 0.17 10.86 4.27
C PHE A 88 -0.53 12.19 4.44
N LYS A 89 0.16 13.28 4.12
CA LYS A 89 -0.39 14.62 4.23
C LYS A 89 -0.39 15.32 2.87
N VAL A 90 -1.57 15.74 2.42
CA VAL A 90 -1.71 16.42 1.15
C VAL A 90 -2.06 17.89 1.34
N THR A 91 -1.23 18.78 0.82
CA THR A 91 -1.46 20.22 0.94
C THR A 91 -1.82 20.83 -0.40
N GLN A 92 -2.17 22.11 -0.39
CA GLN A 92 -2.54 22.81 -1.62
C GLN A 92 -3.62 22.06 -2.38
N MET A 1 0.70 -26.01 -3.46
CA MET A 1 1.54 -26.33 -2.32
C MET A 1 1.05 -25.63 -1.07
N PRO A 2 1.41 -26.18 0.10
CA PRO A 2 1.01 -25.60 1.39
C PRO A 2 1.70 -24.28 1.69
N ALA A 3 1.04 -23.43 2.46
CA ALA A 3 1.60 -22.13 2.81
C ALA A 3 0.69 -21.39 3.79
N ALA A 4 1.27 -20.86 4.86
CA ALA A 4 0.52 -20.12 5.86
C ALA A 4 1.19 -18.80 6.20
N LEU A 5 0.39 -17.79 6.50
CA LEU A 5 0.91 -16.47 6.85
C LEU A 5 2.03 -16.58 7.89
N VAL A 6 3.01 -15.69 7.80
CA VAL A 6 4.12 -15.69 8.73
C VAL A 6 4.70 -14.28 8.89
N SER A 7 4.77 -13.55 7.78
CA SER A 7 5.30 -12.19 7.80
C SER A 7 5.31 -11.59 6.40
N ILE A 8 5.48 -10.27 6.32
CA ILE A 8 5.52 -9.59 5.03
C ILE A 8 6.45 -8.37 5.09
N SER A 9 6.96 -7.97 3.93
CA SER A 9 7.86 -6.83 3.85
C SER A 9 7.20 -5.68 3.10
N VAL A 10 6.86 -4.63 3.84
CA VAL A 10 6.22 -3.46 3.25
C VAL A 10 7.06 -2.21 3.46
N SER A 11 7.21 -1.40 2.41
CA SER A 11 7.99 -0.17 2.49
C SER A 11 7.10 1.04 2.28
N PRO A 12 6.22 1.32 3.27
CA PRO A 12 5.31 2.45 3.21
C PRO A 12 6.03 3.79 3.37
N THR A 13 5.41 4.84 2.86
CA THR A 13 6.00 6.18 2.93
C THR A 13 5.13 7.12 3.76
N ASN A 14 5.64 7.51 4.92
CA ASN A 14 4.90 8.40 5.81
C ASN A 14 5.17 9.86 5.46
N SER A 15 4.98 10.74 6.43
CA SER A 15 5.20 12.17 6.23
C SER A 15 4.10 12.77 5.33
N THR A 16 4.30 14.02 4.92
CA THR A 16 3.34 14.71 4.07
C THR A 16 3.85 14.82 2.63
N VAL A 17 2.93 15.01 1.70
CA VAL A 17 3.29 15.15 0.29
C VAL A 17 2.68 16.40 -0.32
N ALA A 18 3.30 16.91 -1.38
CA ALA A 18 2.81 18.11 -2.05
C ALA A 18 1.49 17.82 -2.78
N LYS A 19 0.73 18.88 -3.05
CA LYS A 19 -0.54 18.74 -3.75
C LYS A 19 -0.38 17.96 -5.04
N GLY A 20 -1.13 16.87 -5.16
CA GLY A 20 -1.06 16.05 -6.35
C GLY A 20 0.30 15.39 -6.51
N LEU A 21 0.34 14.07 -6.34
CA LEU A 21 1.58 13.32 -6.47
C LEU A 21 1.31 11.82 -6.50
N GLN A 22 2.17 11.08 -7.20
CA GLN A 22 2.03 9.64 -7.31
C GLN A 22 3.29 8.93 -6.83
N GLU A 23 3.10 7.83 -6.08
CA GLU A 23 4.22 7.06 -5.56
C GLU A 23 4.03 5.57 -5.83
N ASN A 24 5.13 4.87 -6.06
CA ASN A 24 5.09 3.44 -6.33
C ASN A 24 5.73 2.65 -5.19
N PHE A 25 5.02 1.63 -4.71
CA PHE A 25 5.52 0.79 -3.63
C PHE A 25 5.32 -0.69 -3.94
N LYS A 26 5.86 -1.55 -3.09
CA LYS A 26 5.74 -2.99 -3.28
C LYS A 26 5.63 -3.70 -1.94
N ALA A 27 5.05 -4.90 -1.95
CA ALA A 27 4.89 -5.69 -0.73
C ALA A 27 5.21 -7.16 -0.97
N THR A 28 5.98 -7.76 -0.07
CA THR A 28 6.35 -9.16 -0.19
C THR A 28 5.73 -9.99 0.93
N GLY A 29 5.01 -11.05 0.54
CA GLY A 29 4.38 -11.91 1.52
C GLY A 29 5.12 -13.22 1.72
N ILE A 30 5.38 -13.56 2.98
CA ILE A 30 6.09 -14.79 3.30
C ILE A 30 5.14 -15.87 3.80
N PHE A 31 5.50 -17.12 3.58
CA PHE A 31 4.67 -18.25 4.01
C PHE A 31 5.46 -19.18 4.93
N THR A 32 4.74 -20.02 5.67
CA THR A 32 5.37 -20.97 6.59
C THR A 32 6.15 -22.03 5.83
N ASP A 33 5.92 -22.12 4.53
CA ASP A 33 6.60 -23.10 3.69
C ASP A 33 7.92 -22.53 3.16
N ASN A 34 8.36 -21.43 3.74
CA ASN A 34 9.61 -20.78 3.34
C ASN A 34 9.50 -20.26 1.90
N SER A 35 8.27 -20.20 1.39
CA SER A 35 8.03 -19.72 0.04
C SER A 35 7.56 -18.27 0.04
N ASN A 36 8.32 -17.41 -0.61
CA ASN A 36 7.96 -16.00 -0.68
C ASN A 36 7.13 -15.70 -1.92
N SER A 37 6.13 -14.82 -1.77
CA SER A 37 5.25 -14.46 -2.88
C SER A 37 5.04 -12.95 -2.92
N ASP A 38 5.23 -12.36 -4.09
CA ASP A 38 5.05 -10.92 -4.26
C ASP A 38 3.61 -10.60 -4.64
N ILE A 39 2.99 -9.70 -3.89
CA ILE A 39 1.61 -9.31 -4.15
C ILE A 39 0.77 -10.49 -4.61
N THR A 40 0.97 -11.64 -3.98
CA THR A 40 0.23 -12.85 -4.33
C THR A 40 -1.25 -12.71 -4.01
N ASP A 41 -1.54 -12.10 -2.85
CA ASP A 41 -2.92 -11.90 -2.43
C ASP A 41 -3.45 -10.56 -2.92
N GLN A 42 -2.64 -9.87 -3.73
CA GLN A 42 -3.03 -8.56 -4.25
C GLN A 42 -3.22 -7.56 -3.13
N VAL A 43 -2.14 -6.89 -2.75
CA VAL A 43 -2.20 -5.89 -1.68
C VAL A 43 -3.23 -4.82 -1.98
N THR A 44 -4.35 -4.87 -1.26
CA THR A 44 -5.43 -3.91 -1.45
C THR A 44 -5.22 -2.68 -0.58
N TRP A 45 -4.94 -1.55 -1.22
CA TRP A 45 -4.71 -0.30 -0.50
C TRP A 45 -5.99 0.55 -0.48
N ASP A 46 -6.18 1.28 0.61
CA ASP A 46 -7.35 2.14 0.75
C ASP A 46 -6.97 3.49 1.34
N SER A 47 -7.65 4.54 0.89
CA SER A 47 -7.37 5.89 1.36
C SER A 47 -8.59 6.48 2.07
N SER A 48 -8.36 7.10 3.22
CA SER A 48 -9.43 7.70 4.00
C SER A 48 -10.19 8.74 3.17
N ASN A 49 -9.52 9.27 2.16
CA ASN A 49 -10.13 10.28 1.29
C ASN A 49 -10.42 11.57 2.05
N THR A 50 -10.35 12.69 1.35
CA THR A 50 -10.61 13.99 1.97
C THR A 50 -11.12 14.99 0.94
N ASP A 51 -10.48 15.02 -0.23
CA ASP A 51 -10.88 15.94 -1.29
C ASP A 51 -10.96 15.20 -2.63
N ILE A 52 -9.91 14.47 -2.96
CA ILE A 52 -9.87 13.72 -4.21
C ILE A 52 -8.56 12.93 -4.33
N LEU A 53 -8.69 11.61 -4.31
CA LEU A 53 -7.52 10.73 -4.42
C LEU A 53 -7.91 9.36 -4.99
N SER A 54 -6.99 8.75 -5.71
CA SER A 54 -7.24 7.44 -6.31
C SER A 54 -6.02 6.53 -6.15
N ILE A 55 -6.29 5.25 -5.88
CA ILE A 55 -5.22 4.28 -5.70
C ILE A 55 -5.27 3.19 -6.77
N SER A 56 -4.13 2.94 -7.40
CA SER A 56 -4.04 1.93 -8.45
C SER A 56 -2.97 0.90 -8.12
N ASN A 57 -3.39 -0.36 -8.05
CA ASN A 57 -2.47 -1.45 -7.74
C ASN A 57 -2.71 -2.64 -8.66
N ALA A 58 -2.59 -2.40 -9.97
CA ALA A 58 -2.78 -3.45 -10.96
C ALA A 58 -2.45 -2.95 -12.36
N SER A 59 -1.50 -2.02 -12.44
CA SER A 59 -1.10 -1.44 -13.72
C SER A 59 -0.14 -2.39 -14.45
N ASP A 60 0.43 -3.33 -13.71
CA ASP A 60 1.37 -4.30 -14.27
C ASP A 60 1.88 -5.26 -13.21
N SER A 61 2.02 -4.76 -11.99
CA SER A 61 2.50 -5.57 -10.88
C SER A 61 2.58 -4.75 -9.59
N HIS A 62 3.59 -3.89 -9.51
CA HIS A 62 3.78 -3.04 -8.34
C HIS A 62 2.57 -2.14 -8.12
N GLY A 63 2.31 -1.81 -6.86
CA GLY A 63 1.18 -0.96 -6.54
C GLY A 63 1.58 0.51 -6.40
N LEU A 64 0.68 1.41 -6.80
CA LEU A 64 0.95 2.83 -6.71
C LEU A 64 -0.18 3.55 -5.97
N ALA A 65 0.01 4.84 -5.72
CA ALA A 65 -0.98 5.64 -5.03
C ALA A 65 -0.90 7.11 -5.44
N SER A 66 -2.04 7.69 -5.79
CA SER A 66 -2.10 9.08 -6.21
C SER A 66 -3.04 9.88 -5.32
N THR A 67 -2.50 10.91 -4.67
CA THR A 67 -3.29 11.76 -3.79
C THR A 67 -3.29 13.21 -4.25
N LEU A 68 -4.45 13.84 -4.21
CA LEU A 68 -4.59 15.23 -4.63
C LEU A 68 -5.63 15.96 -3.80
N ASN A 69 -5.59 15.74 -2.48
CA ASN A 69 -6.53 16.37 -1.57
C ASN A 69 -5.88 17.53 -0.83
N GLN A 70 -6.66 18.24 -0.03
CA GLN A 70 -6.15 19.37 0.74
C GLN A 70 -6.26 19.10 2.23
N GLY A 71 -5.68 17.99 2.67
CA GLY A 71 -5.72 17.63 4.09
C GLY A 71 -4.89 16.41 4.40
N ASN A 72 -5.27 15.69 5.44
CA ASN A 72 -4.55 14.49 5.84
C ASN A 72 -5.40 13.24 5.61
N VAL A 73 -4.80 12.24 4.97
CA VAL A 73 -5.49 10.99 4.67
C VAL A 73 -4.79 9.80 5.33
N LYS A 74 -5.47 8.66 5.35
CA LYS A 74 -4.91 7.45 5.95
C LYS A 74 -4.83 6.33 4.92
N VAL A 75 -3.60 5.96 4.55
CA VAL A 75 -3.39 4.90 3.57
C VAL A 75 -3.04 3.59 4.27
N THR A 76 -3.89 2.59 4.07
CA THR A 76 -3.68 1.28 4.68
C THR A 76 -4.02 0.16 3.70
N ALA A 77 -3.35 -0.98 3.85
CA ALA A 77 -3.59 -2.13 2.98
C ALA A 77 -3.35 -3.43 3.73
N SER A 78 -3.76 -4.54 3.11
CA SER A 78 -3.61 -5.86 3.72
C SER A 78 -3.40 -6.92 2.66
N ILE A 79 -2.46 -7.84 2.93
CA ILE A 79 -2.17 -8.92 1.99
C ILE A 79 -1.92 -10.22 2.72
N GLY A 80 -2.84 -11.17 2.57
CA GLY A 80 -2.70 -12.46 3.22
C GLY A 80 -2.34 -12.32 4.69
N GLY A 81 -1.05 -12.46 5.00
CA GLY A 81 -0.60 -12.36 6.38
C GLY A 81 -0.02 -10.98 6.70
N ILE A 82 -0.21 -10.54 7.93
CA ILE A 82 0.29 -9.25 8.36
C ILE A 82 -0.34 -8.12 7.56
N GLN A 83 -0.41 -6.93 8.17
CA GLN A 83 -1.00 -5.77 7.50
C GLN A 83 -0.04 -4.59 7.54
N GLY A 84 -0.29 -3.61 6.67
CA GLY A 84 0.57 -2.44 6.61
C GLY A 84 -0.22 -1.14 6.70
N SER A 85 0.38 -0.14 7.34
CA SER A 85 -0.28 1.15 7.50
C SER A 85 0.68 2.29 7.16
N THR A 86 0.13 3.38 6.62
CA THR A 86 0.94 4.53 6.25
C THR A 86 0.16 5.84 6.46
N ASP A 87 0.89 6.92 6.68
CA ASP A 87 0.27 8.23 6.90
C ASP A 87 0.72 9.22 5.83
N PHE A 88 -0.25 9.80 5.13
CA PHE A 88 0.04 10.76 4.09
C PHE A 88 -0.80 12.03 4.26
N LYS A 89 -0.18 13.18 4.06
CA LYS A 89 -0.87 14.46 4.19
C LYS A 89 -0.65 15.33 2.96
N VAL A 90 -1.71 15.53 2.18
CA VAL A 90 -1.62 16.35 0.98
C VAL A 90 -2.00 17.81 1.27
N THR A 91 -1.10 18.72 0.91
CA THR A 91 -1.34 20.14 1.14
C THR A 91 -1.82 20.83 -0.14
N GLN A 92 -2.27 22.07 -0.01
CA GLN A 92 -2.75 22.83 -1.14
C GLN A 92 -1.72 23.88 -1.57
N MET A 1 4.94 -29.20 -3.98
CA MET A 1 5.59 -28.13 -3.22
C MET A 1 4.56 -27.14 -2.67
N PRO A 2 3.79 -27.60 -1.66
CA PRO A 2 2.76 -26.77 -1.02
C PRO A 2 3.36 -25.65 -0.20
N ALA A 3 2.55 -24.61 0.04
CA ALA A 3 3.01 -23.46 0.82
C ALA A 3 1.82 -22.59 1.26
N ALA A 4 1.93 -22.03 2.45
CA ALA A 4 0.87 -21.16 2.98
C ALA A 4 1.43 -19.84 3.49
N LEU A 5 0.66 -18.78 3.33
CA LEU A 5 1.09 -17.46 3.77
C LEU A 5 1.53 -17.48 5.23
N VAL A 6 2.28 -16.46 5.63
CA VAL A 6 2.76 -16.38 7.00
C VAL A 6 2.94 -14.92 7.44
N SER A 7 3.50 -14.11 6.54
CA SER A 7 3.71 -12.70 6.84
C SER A 7 4.13 -11.94 5.58
N ILE A 8 4.13 -10.61 5.66
CA ILE A 8 4.51 -9.78 4.52
C ILE A 8 5.36 -8.60 4.98
N SER A 9 6.36 -8.24 4.16
CA SER A 9 7.24 -7.13 4.48
C SER A 9 6.78 -5.86 3.78
N VAL A 10 6.28 -4.91 4.56
CA VAL A 10 5.80 -3.64 4.02
C VAL A 10 6.64 -2.47 4.55
N SER A 11 7.01 -1.56 3.65
CA SER A 11 7.81 -0.40 4.02
C SER A 11 7.03 0.88 3.81
N PRO A 12 6.01 1.10 4.67
CA PRO A 12 5.16 2.29 4.59
C PRO A 12 5.90 3.56 5.00
N THR A 13 5.61 4.66 4.33
CA THR A 13 6.24 5.94 4.63
C THR A 13 5.23 6.96 5.12
N ASN A 14 5.35 7.34 6.38
CA ASN A 14 4.45 8.32 6.98
C ASN A 14 5.02 9.73 6.90
N SER A 15 4.90 10.34 5.72
CA SER A 15 5.41 11.69 5.51
C SER A 15 4.41 12.53 4.73
N THR A 16 4.86 13.71 4.29
CA THR A 16 4.00 14.61 3.53
C THR A 16 4.50 14.78 2.10
N VAL A 17 3.58 15.10 1.19
CA VAL A 17 3.94 15.29 -0.22
C VAL A 17 3.28 16.53 -0.78
N ALA A 18 3.87 17.09 -1.84
CA ALA A 18 3.33 18.28 -2.48
C ALA A 18 2.03 17.97 -3.20
N LYS A 19 1.12 18.94 -3.22
CA LYS A 19 -0.16 18.77 -3.89
C LYS A 19 0.02 18.29 -5.31
N GLY A 20 -0.79 17.32 -5.72
CA GLY A 20 -0.69 16.77 -7.06
C GLY A 20 0.53 15.90 -7.25
N LEU A 21 0.50 14.72 -6.64
CA LEU A 21 1.63 13.78 -6.75
C LEU A 21 1.19 12.37 -6.37
N GLN A 22 2.10 11.41 -6.50
CA GLN A 22 1.81 10.02 -6.17
C GLN A 22 3.08 9.30 -5.73
N GLU A 23 2.89 8.18 -5.03
CA GLU A 23 4.02 7.39 -4.54
C GLU A 23 3.75 5.91 -4.71
N ASN A 24 4.79 5.15 -5.02
CA ASN A 24 4.67 3.71 -5.20
C ASN A 24 5.06 2.96 -3.93
N PHE A 25 4.31 1.91 -3.62
CA PHE A 25 4.58 1.11 -2.42
C PHE A 25 5.22 -0.23 -2.80
N LYS A 26 5.62 -0.99 -1.79
CA LYS A 26 6.25 -2.29 -2.00
C LYS A 26 5.84 -3.27 -0.91
N ALA A 27 5.45 -4.48 -1.32
CA ALA A 27 5.04 -5.51 -0.38
C ALA A 27 5.59 -6.87 -0.79
N THR A 28 6.21 -7.56 0.17
CA THR A 28 6.77 -8.88 -0.09
C THR A 28 6.12 -9.94 0.78
N GLY A 29 5.37 -10.84 0.14
CA GLY A 29 4.70 -11.90 0.88
C GLY A 29 5.60 -13.09 1.13
N ILE A 30 5.47 -13.69 2.30
CA ILE A 30 6.29 -14.85 2.66
C ILE A 30 5.41 -16.05 3.02
N PHE A 31 5.88 -17.24 2.68
CA PHE A 31 5.14 -18.46 2.96
C PHE A 31 5.91 -19.35 3.93
N THR A 32 5.19 -20.26 4.59
CA THR A 32 5.81 -21.17 5.54
C THR A 32 6.74 -22.15 4.85
N ASP A 33 6.65 -22.22 3.53
CA ASP A 33 7.49 -23.12 2.74
C ASP A 33 8.79 -22.43 2.34
N ASN A 34 9.12 -21.34 3.03
CA ASN A 34 10.34 -20.59 2.74
C ASN A 34 10.29 -19.99 1.34
N SER A 35 9.09 -19.96 0.76
CA SER A 35 8.92 -19.41 -0.58
C SER A 35 8.23 -18.05 -0.52
N ASN A 36 8.98 -17.00 -0.85
CA ASN A 36 8.45 -15.64 -0.83
C ASN A 36 7.92 -15.26 -2.21
N SER A 37 6.81 -14.54 -2.22
CA SER A 37 6.18 -14.10 -3.46
C SER A 37 5.78 -12.63 -3.39
N ASP A 38 5.57 -12.01 -4.55
CA ASP A 38 5.17 -10.61 -4.61
C ASP A 38 3.65 -10.48 -4.57
N ILE A 39 3.17 -9.57 -3.73
CA ILE A 39 1.73 -9.35 -3.60
C ILE A 39 0.95 -10.64 -3.80
N THR A 40 1.39 -11.70 -3.13
CA THR A 40 0.72 -12.99 -3.25
C THR A 40 -0.69 -12.95 -2.65
N ASP A 41 -0.81 -12.31 -1.50
CA ASP A 41 -2.10 -12.18 -0.83
C ASP A 41 -2.87 -10.97 -1.34
N GLN A 42 -2.33 -10.31 -2.36
CA GLN A 42 -2.95 -9.14 -2.95
C GLN A 42 -3.05 -8.01 -1.92
N VAL A 43 -2.00 -7.20 -1.85
CA VAL A 43 -1.95 -6.09 -0.91
C VAL A 43 -3.21 -5.23 -1.02
N THR A 44 -4.01 -5.24 0.04
CA THR A 44 -5.25 -4.47 0.06
C THR A 44 -4.96 -2.98 0.26
N TRP A 45 -5.52 -2.16 -0.63
CA TRP A 45 -5.32 -0.72 -0.56
C TRP A 45 -6.61 -0.01 -0.14
N ASP A 46 -6.48 0.99 0.73
CA ASP A 46 -7.63 1.74 1.21
C ASP A 46 -7.22 3.16 1.60
N SER A 47 -8.11 4.11 1.31
CA SER A 47 -7.85 5.52 1.62
C SER A 47 -9.01 6.13 2.39
N SER A 48 -8.69 7.09 3.24
CA SER A 48 -9.72 7.77 4.05
C SER A 48 -10.50 8.76 3.20
N ASN A 49 -9.89 9.21 2.11
CA ASN A 49 -10.53 10.17 1.23
C ASN A 49 -10.72 11.52 1.92
N THR A 50 -10.66 12.59 1.14
CA THR A 50 -10.83 13.94 1.68
C THR A 50 -11.46 14.87 0.65
N ASP A 51 -10.72 15.14 -0.42
CA ASP A 51 -11.21 16.02 -1.48
C ASP A 51 -11.24 15.29 -2.82
N ILE A 52 -10.13 14.65 -3.17
CA ILE A 52 -10.04 13.92 -4.42
C ILE A 52 -8.74 13.11 -4.49
N LEU A 53 -8.80 11.87 -4.01
CA LEU A 53 -7.63 11.00 -4.01
C LEU A 53 -8.03 9.58 -4.41
N SER A 54 -7.15 8.91 -5.16
CA SER A 54 -7.41 7.55 -5.61
C SER A 54 -6.15 6.69 -5.48
N ILE A 55 -6.34 5.45 -5.07
CA ILE A 55 -5.22 4.53 -4.90
C ILE A 55 -5.32 3.34 -5.87
N SER A 56 -4.25 3.09 -6.61
CA SER A 56 -4.22 2.01 -7.57
C SER A 56 -3.06 1.06 -7.29
N ASN A 57 -3.38 -0.23 -7.13
CA ASN A 57 -2.37 -1.24 -6.86
C ASN A 57 -2.70 -2.54 -7.57
N ALA A 58 -3.97 -2.92 -7.56
CA ALA A 58 -4.42 -4.15 -8.21
C ALA A 58 -4.45 -3.99 -9.73
N SER A 59 -4.20 -2.76 -10.19
CA SER A 59 -4.21 -2.47 -11.62
C SER A 59 -3.27 -3.41 -12.37
N ASP A 60 -2.29 -3.95 -11.66
CA ASP A 60 -1.32 -4.86 -12.26
C ASP A 60 -0.62 -5.69 -11.19
N SER A 61 -0.11 -5.02 -10.16
CA SER A 61 0.58 -5.71 -9.07
C SER A 61 1.16 -4.69 -8.09
N HIS A 62 2.20 -3.99 -8.52
CA HIS A 62 2.85 -2.99 -7.69
C HIS A 62 1.83 -2.03 -7.10
N GLY A 63 2.13 -1.50 -5.91
CA GLY A 63 1.23 -0.56 -5.26
C GLY A 63 1.50 0.87 -5.64
N LEU A 64 0.44 1.66 -5.81
CA LEU A 64 0.58 3.06 -6.17
C LEU A 64 -0.55 3.89 -5.58
N ALA A 65 -0.23 5.12 -5.16
CA ALA A 65 -1.22 6.00 -4.57
C ALA A 65 -1.10 7.42 -5.15
N SER A 66 -2.18 7.91 -5.72
CA SER A 66 -2.21 9.24 -6.32
C SER A 66 -3.23 10.14 -5.63
N THR A 67 -2.91 11.42 -5.50
CA THR A 67 -3.81 12.37 -4.87
C THR A 67 -3.92 13.65 -5.68
N LEU A 68 -5.00 14.39 -5.49
CA LEU A 68 -5.24 15.63 -6.21
C LEU A 68 -5.90 16.67 -5.30
N ASN A 69 -5.59 16.61 -4.01
CA ASN A 69 -6.14 17.55 -3.04
C ASN A 69 -5.05 18.11 -2.14
N GLN A 70 -5.39 19.13 -1.37
CA GLN A 70 -4.45 19.75 -0.45
C GLN A 70 -4.87 19.55 1.00
N GLY A 71 -4.97 18.28 1.41
CA GLY A 71 -5.37 17.97 2.76
C GLY A 71 -4.57 16.82 3.35
N ASN A 72 -5.25 15.98 4.14
CA ASN A 72 -4.60 14.83 4.76
C ASN A 72 -5.27 13.53 4.33
N VAL A 73 -4.47 12.58 3.86
CA VAL A 73 -4.99 11.30 3.41
C VAL A 73 -4.49 10.17 4.31
N LYS A 74 -5.38 9.23 4.63
CA LYS A 74 -5.03 8.10 5.48
C LYS A 74 -4.89 6.83 4.65
N VAL A 75 -3.65 6.38 4.46
CA VAL A 75 -3.38 5.17 3.69
C VAL A 75 -3.25 3.95 4.60
N THR A 76 -4.14 2.98 4.42
CA THR A 76 -4.12 1.77 5.24
C THR A 76 -4.24 0.52 4.36
N ALA A 77 -3.37 -0.45 4.60
CA ALA A 77 -3.38 -1.69 3.83
C ALA A 77 -3.47 -2.91 4.76
N SER A 78 -4.09 -3.97 4.26
CA SER A 78 -4.25 -5.19 5.05
C SER A 78 -3.90 -6.43 4.22
N ILE A 79 -3.17 -7.35 4.82
CA ILE A 79 -2.77 -8.57 4.13
C ILE A 79 -2.88 -9.78 5.05
N GLY A 80 -3.31 -10.91 4.49
CA GLY A 80 -3.44 -12.12 5.28
C GLY A 80 -2.31 -12.29 6.28
N GLY A 81 -1.08 -12.17 5.80
CA GLY A 81 0.08 -12.31 6.67
C GLY A 81 0.13 -11.24 7.74
N ILE A 82 0.29 -9.99 7.31
CA ILE A 82 0.36 -8.87 8.24
C ILE A 82 -0.27 -7.62 7.64
N GLN A 83 -0.74 -6.72 8.51
CA GLN A 83 -1.37 -5.48 8.06
C GLN A 83 -0.71 -4.27 8.72
N GLY A 84 -0.93 -3.10 8.14
CA GLY A 84 -0.35 -1.88 8.68
C GLY A 84 -1.04 -0.63 8.17
N SER A 85 -0.61 0.53 8.65
CA SER A 85 -1.19 1.80 8.24
C SER A 85 -0.12 2.88 8.14
N THR A 86 -0.41 3.91 7.36
CA THR A 86 0.52 5.02 7.17
C THR A 86 -0.21 6.34 7.01
N ASP A 87 0.46 7.44 7.37
CA ASP A 87 -0.13 8.77 7.27
C ASP A 87 0.53 9.56 6.15
N PHE A 88 -0.29 10.08 5.23
CA PHE A 88 0.20 10.86 4.11
C PHE A 88 -0.51 12.21 4.02
N LYS A 89 0.24 13.29 4.25
CA LYS A 89 -0.32 14.63 4.19
C LYS A 89 0.04 15.32 2.88
N VAL A 90 -0.96 15.49 2.02
CA VAL A 90 -0.76 16.13 0.72
C VAL A 90 -1.14 17.60 0.78
N THR A 91 -0.13 18.47 0.74
CA THR A 91 -0.36 19.91 0.79
C THR A 91 0.47 20.63 -0.26
N GLN A 92 -0.10 21.66 -0.86
CA GLN A 92 0.59 22.45 -1.88
C GLN A 92 1.91 22.98 -1.35
N MET A 1 4.53 -24.84 -4.74
CA MET A 1 3.92 -25.80 -3.81
C MET A 1 2.96 -25.11 -2.87
N PRO A 2 2.05 -25.90 -2.26
CA PRO A 2 1.05 -25.37 -1.33
C PRO A 2 1.68 -24.92 -0.01
N ALA A 3 1.05 -23.93 0.62
CA ALA A 3 1.54 -23.39 1.88
C ALA A 3 0.59 -22.34 2.45
N ALA A 4 0.92 -21.82 3.62
CA ALA A 4 0.10 -20.80 4.26
C ALA A 4 0.92 -19.56 4.59
N LEU A 5 0.37 -18.39 4.30
CA LEU A 5 1.05 -17.13 4.58
C LEU A 5 1.54 -17.08 6.01
N VAL A 6 2.40 -16.12 6.30
CA VAL A 6 2.94 -15.95 7.65
C VAL A 6 3.30 -14.49 7.92
N SER A 7 4.40 -14.03 7.32
CA SER A 7 4.84 -12.66 7.50
C SER A 7 4.86 -11.91 6.18
N ILE A 8 5.08 -10.59 6.24
CA ILE A 8 5.11 -9.77 5.05
C ILE A 8 6.10 -8.61 5.21
N SER A 9 6.61 -8.12 4.09
CA SER A 9 7.56 -7.02 4.10
C SER A 9 7.01 -5.80 3.35
N VAL A 10 6.65 -4.77 4.10
CA VAL A 10 6.11 -3.55 3.50
C VAL A 10 6.97 -2.34 3.85
N SER A 11 7.23 -1.50 2.85
CA SER A 11 8.05 -0.31 3.04
C SER A 11 7.22 0.96 2.85
N PRO A 12 6.29 1.20 3.79
CA PRO A 12 5.42 2.38 3.74
C PRO A 12 6.17 3.67 4.01
N THR A 13 5.62 4.79 3.51
CA THR A 13 6.25 6.09 3.69
C THR A 13 5.35 7.01 4.51
N ASN A 14 5.82 7.35 5.71
CA ASN A 14 5.05 8.23 6.60
C ASN A 14 5.58 9.66 6.51
N SER A 15 5.25 10.33 5.41
CA SER A 15 5.69 11.71 5.20
C SER A 15 4.62 12.51 4.47
N THR A 16 4.98 13.71 4.03
CA THR A 16 4.05 14.58 3.32
C THR A 16 4.55 14.89 1.92
N VAL A 17 3.62 15.19 1.01
CA VAL A 17 3.97 15.50 -0.36
C VAL A 17 3.19 16.72 -0.87
N ALA A 18 3.75 17.40 -1.87
CA ALA A 18 3.11 18.57 -2.44
C ALA A 18 1.84 18.21 -3.19
N LYS A 19 0.94 19.18 -3.34
CA LYS A 19 -0.32 18.95 -4.04
C LYS A 19 -0.06 18.33 -5.41
N GLY A 20 -0.86 17.32 -5.75
CA GLY A 20 -0.72 16.66 -7.03
C GLY A 20 0.52 15.80 -7.10
N LEU A 21 0.36 14.50 -6.86
CA LEU A 21 1.47 13.56 -6.90
C LEU A 21 1.01 12.14 -6.62
N GLN A 22 1.83 11.16 -6.97
CA GLN A 22 1.50 9.76 -6.76
C GLN A 22 2.59 9.07 -5.94
N GLU A 23 2.28 7.87 -5.45
CA GLU A 23 3.23 7.10 -4.66
C GLU A 23 3.11 5.61 -4.97
N ASN A 24 4.24 4.91 -4.90
CA ASN A 24 4.27 3.48 -5.17
C ASN A 24 4.48 2.68 -3.89
N PHE A 25 3.77 1.56 -3.76
CA PHE A 25 3.87 0.71 -2.58
C PHE A 25 4.14 -0.74 -2.98
N LYS A 26 5.14 -1.33 -2.34
CA LYS A 26 5.51 -2.72 -2.62
C LYS A 26 5.44 -3.56 -1.35
N ALA A 27 4.87 -4.76 -1.48
CA ALA A 27 4.75 -5.66 -0.34
C ALA A 27 5.06 -7.10 -0.76
N THR A 28 5.85 -7.78 0.06
CA THR A 28 6.22 -9.16 -0.22
C THR A 28 5.60 -10.12 0.79
N GLY A 29 4.88 -11.13 0.29
CA GLY A 29 4.24 -12.09 1.15
C GLY A 29 5.15 -13.26 1.49
N ILE A 30 5.06 -13.73 2.73
CA ILE A 30 5.88 -14.86 3.18
C ILE A 30 5.02 -16.06 3.55
N PHE A 31 5.57 -17.26 3.34
CA PHE A 31 4.84 -18.48 3.66
C PHE A 31 5.56 -19.27 4.75
N THR A 32 4.81 -20.13 5.44
CA THR A 32 5.37 -20.95 6.51
C THR A 32 6.35 -21.98 5.96
N ASP A 33 6.34 -22.16 4.65
CA ASP A 33 7.24 -23.11 3.99
C ASP A 33 8.57 -22.47 3.66
N ASN A 34 8.86 -21.33 4.29
CA ASN A 34 10.11 -20.62 4.07
C ASN A 34 10.19 -20.11 2.63
N SER A 35 9.05 -20.12 1.95
CA SER A 35 8.98 -19.66 0.56
C SER A 35 8.35 -18.27 0.47
N ASN A 36 9.15 -17.30 0.04
CA ASN A 36 8.67 -15.93 -0.09
C ASN A 36 8.14 -15.66 -1.49
N SER A 37 7.05 -14.91 -1.58
CA SER A 37 6.44 -14.58 -2.86
C SER A 37 6.06 -13.11 -2.93
N ASP A 38 5.94 -12.59 -4.14
CA ASP A 38 5.59 -11.20 -4.35
C ASP A 38 4.07 -11.02 -4.41
N ILE A 39 3.55 -10.09 -3.63
CA ILE A 39 2.11 -9.84 -3.60
C ILE A 39 1.32 -11.11 -3.82
N THR A 40 1.71 -12.18 -3.12
CA THR A 40 1.03 -13.46 -3.24
C THR A 40 -0.45 -13.33 -2.92
N ASP A 41 -0.76 -12.63 -1.84
CA ASP A 41 -2.14 -12.43 -1.42
C ASP A 41 -2.67 -11.08 -1.92
N GLN A 42 -1.84 -10.38 -2.68
CA GLN A 42 -2.24 -9.07 -3.22
C GLN A 42 -2.49 -8.07 -2.09
N VAL A 43 -1.49 -7.22 -1.85
CA VAL A 43 -1.60 -6.21 -0.80
C VAL A 43 -2.65 -5.17 -1.15
N THR A 44 -3.77 -5.17 -0.42
CA THR A 44 -4.84 -4.22 -0.65
C THR A 44 -4.73 -3.01 0.26
N TRP A 45 -4.43 -1.86 -0.33
CA TRP A 45 -4.30 -0.62 0.45
C TRP A 45 -5.13 0.50 -0.16
N ASP A 46 -5.84 1.23 0.68
CA ASP A 46 -6.69 2.34 0.22
C ASP A 46 -6.48 3.57 1.09
N SER A 47 -6.82 4.74 0.54
CA SER A 47 -6.67 5.99 1.27
C SER A 47 -7.96 6.37 1.97
N SER A 48 -7.85 7.05 3.10
CA SER A 48 -9.01 7.47 3.87
C SER A 48 -9.83 8.51 3.10
N ASN A 49 -9.23 9.05 2.04
CA ASN A 49 -9.91 10.04 1.22
C ASN A 49 -10.12 11.34 1.99
N THR A 50 -10.01 12.46 1.29
CA THR A 50 -10.18 13.77 1.92
C THR A 50 -10.98 14.70 1.02
N ASP A 51 -10.36 15.16 -0.07
CA ASP A 51 -11.01 16.06 -1.01
C ASP A 51 -11.25 15.36 -2.35
N ILE A 52 -10.25 14.63 -2.81
CA ILE A 52 -10.34 13.91 -4.08
C ILE A 52 -9.07 13.13 -4.37
N LEU A 53 -9.11 11.82 -4.16
CA LEU A 53 -7.97 10.95 -4.40
C LEU A 53 -8.41 9.56 -4.85
N SER A 54 -7.59 8.93 -5.67
CA SER A 54 -7.90 7.60 -6.18
C SER A 54 -6.65 6.71 -6.16
N ILE A 55 -6.82 5.47 -5.72
CA ILE A 55 -5.71 4.52 -5.66
C ILE A 55 -5.95 3.34 -6.60
N SER A 56 -4.92 2.98 -7.35
CA SER A 56 -5.01 1.87 -8.29
C SER A 56 -3.92 0.84 -8.02
N ASN A 57 -4.33 -0.33 -7.56
CA ASN A 57 -3.39 -1.41 -7.25
C ASN A 57 -3.61 -2.60 -8.18
N ALA A 58 -3.42 -2.37 -9.48
CA ALA A 58 -3.60 -3.42 -10.48
C ALA A 58 -3.30 -2.90 -11.87
N SER A 59 -2.34 -1.97 -11.97
CA SER A 59 -1.98 -1.39 -13.26
C SER A 59 -1.09 -2.36 -14.06
N ASP A 60 -0.52 -3.33 -13.36
CA ASP A 60 0.35 -4.31 -14.01
C ASP A 60 0.90 -5.30 -12.98
N SER A 61 1.15 -4.81 -11.77
CA SER A 61 1.68 -5.65 -10.71
C SER A 61 1.88 -4.84 -9.43
N HIS A 62 2.70 -3.79 -9.52
CA HIS A 62 2.97 -2.93 -8.36
C HIS A 62 1.79 -2.00 -8.09
N GLY A 63 1.60 -1.66 -6.82
CA GLY A 63 0.51 -0.78 -6.45
C GLY A 63 0.90 0.68 -6.50
N LEU A 64 -0.03 1.53 -6.90
CA LEU A 64 0.22 2.96 -7.00
C LEU A 64 -1.02 3.76 -6.62
N ALA A 65 -0.81 4.95 -6.06
CA ALA A 65 -1.92 5.81 -5.66
C ALA A 65 -1.69 7.24 -6.12
N SER A 66 -2.78 7.98 -6.33
CA SER A 66 -2.70 9.36 -6.78
C SER A 66 -3.61 10.26 -5.94
N THR A 67 -3.03 11.33 -5.41
CA THR A 67 -3.79 12.27 -4.58
C THR A 67 -3.97 13.61 -5.30
N LEU A 68 -5.04 14.31 -4.96
CA LEU A 68 -5.32 15.61 -5.57
C LEU A 68 -6.05 16.52 -4.58
N ASN A 69 -5.73 16.37 -3.30
CA ASN A 69 -6.35 17.19 -2.26
C ASN A 69 -5.30 17.97 -1.48
N GLN A 70 -5.75 18.82 -0.58
CA GLN A 70 -4.85 19.63 0.23
C GLN A 70 -5.13 19.44 1.72
N GLY A 71 -4.85 18.24 2.22
CA GLY A 71 -5.06 17.95 3.62
C GLY A 71 -4.33 16.72 4.08
N ASN A 72 -4.81 16.12 5.17
CA ASN A 72 -4.20 14.91 5.71
C ASN A 72 -5.10 13.70 5.53
N VAL A 73 -4.52 12.60 5.06
CA VAL A 73 -5.28 11.37 4.84
C VAL A 73 -4.59 10.18 5.49
N LYS A 74 -5.34 9.09 5.67
CA LYS A 74 -4.81 7.88 6.28
C LYS A 74 -4.63 6.78 5.24
N VAL A 75 -3.43 6.23 5.17
CA VAL A 75 -3.12 5.17 4.22
C VAL A 75 -2.87 3.84 4.93
N THR A 76 -3.71 2.85 4.65
CA THR A 76 -3.57 1.53 5.27
C THR A 76 -3.30 0.46 4.23
N ALA A 77 -2.45 -0.50 4.56
CA ALA A 77 -2.11 -1.58 3.65
C ALA A 77 -2.17 -2.93 4.37
N SER A 78 -2.68 -3.94 3.67
CA SER A 78 -2.80 -5.27 4.23
C SER A 78 -2.65 -6.34 3.15
N ILE A 79 -1.90 -7.39 3.47
CA ILE A 79 -1.67 -8.47 2.52
C ILE A 79 -1.75 -9.83 3.22
N GLY A 80 -2.79 -10.59 2.90
CA GLY A 80 -2.97 -11.90 3.50
C GLY A 80 -3.23 -11.83 4.99
N GLY A 81 -2.17 -11.83 5.78
CA GLY A 81 -2.31 -11.76 7.23
C GLY A 81 -1.77 -10.46 7.81
N ILE A 82 -0.44 -10.39 7.93
CA ILE A 82 0.21 -9.20 8.47
C ILE A 82 -0.26 -7.94 7.76
N GLN A 83 -0.34 -6.85 8.50
CA GLN A 83 -0.78 -5.57 7.94
C GLN A 83 -0.07 -4.40 8.61
N GLY A 84 -0.11 -3.24 7.97
CA GLY A 84 0.52 -2.06 8.53
C GLY A 84 -0.22 -0.78 8.19
N SER A 85 0.18 0.31 8.84
CA SER A 85 -0.46 1.60 8.61
C SER A 85 0.58 2.67 8.30
N THR A 86 0.15 3.73 7.62
CA THR A 86 1.04 4.83 7.25
C THR A 86 0.31 6.16 7.26
N ASP A 87 1.05 7.24 7.48
CA ASP A 87 0.46 8.58 7.50
C ASP A 87 0.82 9.35 6.24
N PHE A 88 -0.19 9.88 5.55
CA PHE A 88 0.03 10.64 4.34
C PHE A 88 -0.67 12.00 4.41
N LYS A 89 0.10 13.06 4.24
CA LYS A 89 -0.43 14.42 4.28
C LYS A 89 -0.02 15.21 3.05
N VAL A 90 -1.00 15.57 2.22
CA VAL A 90 -0.73 16.33 1.01
C VAL A 90 -1.08 17.80 1.20
N THR A 91 -0.12 18.68 0.92
CA THR A 91 -0.32 20.11 1.06
C THR A 91 -0.69 20.75 -0.27
N GLN A 92 -1.03 22.03 -0.23
CA GLN A 92 -1.41 22.76 -1.44
C GLN A 92 -0.18 23.22 -2.21
N MET A 1 4.79 -30.48 3.45
CA MET A 1 5.23 -29.14 3.74
C MET A 1 4.43 -28.12 2.94
N PRO A 2 3.17 -27.91 3.33
CA PRO A 2 2.26 -26.96 2.66
C PRO A 2 2.67 -25.51 2.88
N ALA A 3 2.46 -24.67 1.88
CA ALA A 3 2.79 -23.26 1.97
C ALA A 3 1.63 -22.45 2.54
N ALA A 4 1.88 -21.79 3.66
CA ALA A 4 0.86 -20.98 4.31
C ALA A 4 1.40 -19.60 4.68
N LEU A 5 0.53 -18.58 4.60
CA LEU A 5 0.93 -17.22 4.93
C LEU A 5 1.66 -17.17 6.27
N VAL A 6 2.55 -16.20 6.42
CA VAL A 6 3.31 -16.04 7.65
C VAL A 6 3.60 -14.58 7.93
N SER A 7 4.38 -13.95 7.05
CA SER A 7 4.74 -12.54 7.20
C SER A 7 5.01 -11.90 5.85
N ILE A 8 5.09 -10.57 5.84
CA ILE A 8 5.34 -9.84 4.60
C ILE A 8 6.28 -8.65 4.85
N SER A 9 6.96 -8.21 3.80
CA SER A 9 7.88 -7.09 3.91
C SER A 9 7.25 -5.81 3.37
N VAL A 10 6.91 -4.90 4.27
CA VAL A 10 6.30 -3.63 3.89
C VAL A 10 7.15 -2.45 4.32
N SER A 11 7.33 -1.49 3.42
CA SER A 11 8.13 -0.30 3.71
C SER A 11 7.26 0.96 3.70
N PRO A 12 6.39 1.07 4.71
CA PRO A 12 5.49 2.22 4.84
C PRO A 12 6.24 3.50 5.22
N THR A 13 5.89 4.60 4.53
CA THR A 13 6.53 5.87 4.80
C THR A 13 5.51 6.89 5.32
N ASN A 14 5.69 7.29 6.58
CA ASN A 14 4.80 8.26 7.20
C ASN A 14 5.33 9.68 7.04
N SER A 15 5.34 10.17 5.81
CA SER A 15 5.83 11.52 5.52
C SER A 15 4.76 12.35 4.83
N THR A 16 5.16 13.51 4.32
CA THR A 16 4.24 14.41 3.63
C THR A 16 4.58 14.52 2.15
N VAL A 17 3.60 14.93 1.34
CA VAL A 17 3.80 15.07 -0.09
C VAL A 17 3.36 16.45 -0.56
N ALA A 18 3.92 16.89 -1.69
CA ALA A 18 3.59 18.20 -2.24
C ALA A 18 2.23 18.16 -2.95
N LYS A 19 1.71 19.33 -3.28
CA LYS A 19 0.42 19.43 -3.96
C LYS A 19 0.39 18.54 -5.20
N GLY A 20 -0.68 17.77 -5.33
CA GLY A 20 -0.82 16.88 -6.48
C GLY A 20 0.40 16.00 -6.66
N LEU A 21 0.57 15.02 -5.79
CA LEU A 21 1.70 14.10 -5.86
C LEU A 21 1.27 12.68 -5.54
N GLN A 22 2.13 11.72 -5.85
CA GLN A 22 1.83 10.31 -5.60
C GLN A 22 3.07 9.58 -5.08
N GLU A 23 2.87 8.38 -4.55
CA GLU A 23 3.97 7.58 -4.01
C GLU A 23 3.76 6.10 -4.33
N ASN A 24 4.86 5.41 -4.64
CA ASN A 24 4.80 4.00 -4.96
C ASN A 24 5.08 3.15 -3.72
N PHE A 25 4.34 2.06 -3.58
CA PHE A 25 4.51 1.16 -2.43
C PHE A 25 4.98 -0.22 -2.89
N LYS A 26 5.60 -0.96 -1.98
CA LYS A 26 6.10 -2.28 -2.28
C LYS A 26 5.87 -3.24 -1.11
N ALA A 27 5.25 -4.37 -1.39
CA ALA A 27 4.96 -5.37 -0.37
C ALA A 27 5.26 -6.78 -0.87
N THR A 28 6.01 -7.55 -0.09
CA THR A 28 6.35 -8.91 -0.45
C THR A 28 5.80 -9.91 0.55
N GLY A 29 5.00 -10.86 0.06
CA GLY A 29 4.42 -11.86 0.91
C GLY A 29 5.34 -13.06 1.12
N ILE A 30 5.33 -13.59 2.34
CA ILE A 30 6.17 -14.75 2.67
C ILE A 30 5.32 -15.96 3.02
N PHE A 31 5.85 -17.15 2.77
CA PHE A 31 5.14 -18.39 3.08
C PHE A 31 5.93 -19.23 4.07
N THR A 32 5.24 -20.19 4.70
CA THR A 32 5.88 -21.07 5.67
C THR A 32 6.89 -21.98 5.01
N ASP A 33 6.83 -22.07 3.68
CA ASP A 33 7.74 -22.92 2.94
C ASP A 33 8.96 -22.12 2.46
N ASN A 34 9.20 -20.98 3.11
CA ASN A 34 10.32 -20.12 2.76
C ASN A 34 10.18 -19.59 1.33
N SER A 35 8.98 -19.71 0.78
CA SER A 35 8.71 -19.24 -0.58
C SER A 35 8.10 -17.83 -0.56
N ASN A 36 8.76 -16.91 -1.26
CA ASN A 36 8.28 -15.53 -1.34
C ASN A 36 7.37 -15.33 -2.53
N SER A 37 6.31 -14.55 -2.34
CA SER A 37 5.35 -14.27 -3.41
C SER A 37 5.00 -12.80 -3.45
N ASP A 38 5.10 -12.19 -4.62
CA ASP A 38 4.79 -10.79 -4.81
C ASP A 38 3.31 -10.60 -5.14
N ILE A 39 2.61 -9.81 -4.32
CA ILE A 39 1.20 -9.54 -4.53
C ILE A 39 0.50 -10.77 -5.13
N THR A 40 0.75 -11.93 -4.55
CA THR A 40 0.15 -13.17 -5.02
C THR A 40 -1.36 -13.17 -4.79
N ASP A 41 -1.78 -12.63 -3.65
CA ASP A 41 -3.20 -12.56 -3.31
C ASP A 41 -3.79 -11.21 -3.73
N GLN A 42 -2.99 -10.41 -4.43
CA GLN A 42 -3.44 -9.10 -4.88
C GLN A 42 -3.71 -8.19 -3.69
N VAL A 43 -2.72 -7.37 -3.32
CA VAL A 43 -2.86 -6.45 -2.21
C VAL A 43 -4.09 -5.56 -2.38
N THR A 44 -4.77 -5.27 -1.27
CA THR A 44 -5.96 -4.43 -1.30
C THR A 44 -5.61 -2.98 -1.02
N TRP A 45 -6.04 -2.09 -1.91
CA TRP A 45 -5.78 -0.66 -1.78
C TRP A 45 -6.97 0.05 -1.15
N ASP A 46 -6.70 0.88 -0.16
CA ASP A 46 -7.75 1.63 0.52
C ASP A 46 -7.21 2.95 1.07
N SER A 47 -8.02 3.99 1.01
CA SER A 47 -7.63 5.32 1.49
C SER A 47 -8.69 5.89 2.42
N SER A 48 -8.26 6.69 3.38
CA SER A 48 -9.18 7.31 4.34
C SER A 48 -10.10 8.30 3.64
N ASN A 49 -9.67 8.79 2.48
CA ASN A 49 -10.45 9.75 1.71
C ASN A 49 -10.56 11.07 2.45
N THR A 50 -10.67 12.16 1.69
CA THR A 50 -10.78 13.49 2.28
C THR A 50 -11.34 14.49 1.27
N ASP A 51 -10.56 14.78 0.23
CA ASP A 51 -10.99 15.72 -0.80
C ASP A 51 -11.03 15.04 -2.16
N ILE A 52 -9.92 14.43 -2.56
CA ILE A 52 -9.83 13.74 -3.84
C ILE A 52 -8.54 12.95 -3.95
N LEU A 53 -8.65 11.63 -3.90
CA LEU A 53 -7.49 10.75 -4.00
C LEU A 53 -7.89 9.37 -4.52
N SER A 54 -6.98 8.72 -5.22
CA SER A 54 -7.23 7.40 -5.77
C SER A 54 -6.02 6.48 -5.59
N ILE A 55 -6.28 5.23 -5.27
CA ILE A 55 -5.21 4.25 -5.06
C ILE A 55 -5.35 3.08 -6.02
N SER A 56 -4.27 2.77 -6.72
CA SER A 56 -4.27 1.66 -7.68
C SER A 56 -3.14 0.67 -7.37
N ASN A 57 -3.52 -0.58 -7.16
CA ASN A 57 -2.54 -1.63 -6.86
C ASN A 57 -2.74 -2.85 -7.76
N ALA A 58 -3.25 -2.60 -8.96
CA ALA A 58 -3.49 -3.67 -9.92
C ALA A 58 -3.27 -3.18 -11.35
N SER A 59 -2.61 -2.05 -11.49
CA SER A 59 -2.34 -1.47 -12.81
C SER A 59 -1.42 -2.39 -13.62
N ASP A 60 -0.71 -3.26 -12.93
CA ASP A 60 0.20 -4.20 -13.58
C ASP A 60 0.89 -5.09 -12.56
N SER A 61 1.17 -4.54 -11.38
CA SER A 61 1.82 -5.30 -10.32
C SER A 61 2.04 -4.42 -9.09
N HIS A 62 3.00 -3.52 -9.17
CA HIS A 62 3.31 -2.62 -8.06
C HIS A 62 2.13 -1.68 -7.79
N GLY A 63 1.99 -1.29 -6.52
CA GLY A 63 0.91 -0.39 -6.15
C GLY A 63 1.40 1.00 -5.81
N LEU A 64 0.48 1.97 -5.82
CA LEU A 64 0.82 3.35 -5.51
C LEU A 64 -0.41 4.12 -5.06
N ALA A 65 -0.21 5.41 -4.76
CA ALA A 65 -1.31 6.27 -4.32
C ALA A 65 -1.15 7.68 -4.87
N SER A 66 -2.22 8.20 -5.48
CA SER A 66 -2.19 9.53 -6.04
C SER A 66 -3.18 10.45 -5.32
N THR A 67 -2.73 11.67 -5.02
CA THR A 67 -3.58 12.63 -4.32
C THR A 67 -3.66 13.94 -5.10
N LEU A 68 -4.75 14.68 -4.89
CA LEU A 68 -4.95 15.95 -5.57
C LEU A 68 -5.69 16.94 -4.66
N ASN A 69 -5.26 17.03 -3.41
CA ASN A 69 -5.88 17.93 -2.45
C ASN A 69 -4.84 18.46 -1.46
N GLN A 70 -5.29 19.36 -0.58
CA GLN A 70 -4.40 19.94 0.42
C GLN A 70 -4.78 19.47 1.82
N GLY A 71 -4.88 18.15 1.99
CA GLY A 71 -5.23 17.60 3.28
C GLY A 71 -4.43 16.35 3.62
N ASN A 72 -4.81 15.68 4.71
CA ASN A 72 -4.12 14.48 5.13
C ASN A 72 -5.01 13.25 4.95
N VAL A 73 -4.41 12.14 4.55
CA VAL A 73 -5.15 10.90 4.33
C VAL A 73 -4.42 9.71 4.95
N LYS A 74 -5.10 8.58 5.05
CA LYS A 74 -4.52 7.37 5.62
C LYS A 74 -4.56 6.22 4.62
N VAL A 75 -3.39 5.76 4.19
CA VAL A 75 -3.30 4.67 3.24
C VAL A 75 -3.20 3.33 3.96
N THR A 76 -3.93 2.34 3.46
CA THR A 76 -3.91 1.01 4.05
C THR A 76 -3.80 -0.08 2.98
N ALA A 77 -2.80 -0.93 3.12
CA ALA A 77 -2.58 -2.01 2.17
C ALA A 77 -2.46 -3.35 2.87
N SER A 78 -3.16 -4.36 2.35
CA SER A 78 -3.14 -5.69 2.95
C SER A 78 -3.02 -6.76 1.86
N ILE A 79 -2.17 -7.75 2.10
CA ILE A 79 -1.97 -8.83 1.14
C ILE A 79 -1.87 -10.18 1.86
N GLY A 80 -2.66 -11.14 1.41
CA GLY A 80 -2.64 -12.46 2.01
C GLY A 80 -3.19 -12.46 3.42
N GLY A 81 -2.29 -12.40 4.39
CA GLY A 81 -2.71 -12.41 5.79
C GLY A 81 -2.36 -11.11 6.49
N ILE A 82 -1.08 -10.84 6.64
CA ILE A 82 -0.62 -9.61 7.30
C ILE A 82 -0.94 -8.39 6.47
N GLN A 83 -1.09 -7.25 7.13
CA GLN A 83 -1.40 -5.99 6.45
C GLN A 83 -0.57 -4.84 7.01
N GLY A 84 -0.37 -3.80 6.21
CA GLY A 84 0.41 -2.66 6.65
C GLY A 84 -0.41 -1.38 6.66
N SER A 85 0.18 -0.31 7.17
CA SER A 85 -0.50 0.97 7.25
C SER A 85 0.49 2.12 7.03
N THR A 86 0.03 3.17 6.35
CA THR A 86 0.86 4.33 6.08
C THR A 86 0.04 5.62 6.11
N ASP A 87 0.67 6.70 6.56
CA ASP A 87 -0.01 8.00 6.64
C ASP A 87 0.74 9.04 5.81
N PHE A 88 0.03 9.69 4.89
CA PHE A 88 0.62 10.71 4.04
C PHE A 88 -0.22 11.97 4.05
N LYS A 89 0.45 13.12 4.14
CA LYS A 89 -0.24 14.41 4.16
C LYS A 89 0.15 15.24 2.94
N VAL A 90 -0.84 15.58 2.12
CA VAL A 90 -0.60 16.39 0.92
C VAL A 90 -1.01 17.84 1.15
N THR A 91 -0.08 18.76 0.89
CA THR A 91 -0.34 20.18 1.06
C THR A 91 0.14 20.98 -0.14
N GLN A 92 -0.38 22.18 -0.31
CA GLN A 92 -0.02 23.04 -1.42
C GLN A 92 1.50 23.20 -1.50
N MET A 1 2.53 -27.53 -4.90
CA MET A 1 3.30 -26.45 -4.31
C MET A 1 2.51 -25.73 -3.22
N PRO A 2 2.30 -26.41 -2.09
CA PRO A 2 1.55 -25.86 -0.95
C PRO A 2 2.31 -24.73 -0.26
N ALA A 3 1.55 -23.84 0.38
CA ALA A 3 2.16 -22.72 1.09
C ALA A 3 1.11 -21.99 1.95
N ALA A 4 1.55 -21.49 3.10
CA ALA A 4 0.66 -20.77 4.00
C ALA A 4 1.28 -19.46 4.46
N LEU A 5 0.44 -18.45 4.67
CA LEU A 5 0.91 -17.15 5.11
C LEU A 5 1.84 -17.28 6.30
N VAL A 6 2.72 -16.29 6.47
CA VAL A 6 3.68 -16.30 7.58
C VAL A 6 4.01 -14.88 8.01
N SER A 7 4.33 -14.03 7.04
CA SER A 7 4.69 -12.64 7.33
C SER A 7 4.93 -11.86 6.03
N ILE A 8 5.06 -10.55 6.16
CA ILE A 8 5.30 -9.69 5.01
C ILE A 8 6.07 -8.43 5.40
N SER A 9 7.04 -8.06 4.58
CA SER A 9 7.85 -6.87 4.85
C SER A 9 7.32 -5.67 4.07
N VAL A 10 6.75 -4.72 4.80
CA VAL A 10 6.19 -3.51 4.18
C VAL A 10 7.02 -2.29 4.57
N SER A 11 7.33 -1.46 3.57
CA SER A 11 8.11 -0.25 3.80
C SER A 11 7.29 1.00 3.50
N PRO A 12 6.31 1.28 4.37
CA PRO A 12 5.43 2.44 4.23
C PRO A 12 6.16 3.76 4.47
N THR A 13 5.67 4.82 3.83
CA THR A 13 6.28 6.14 3.97
C THR A 13 5.32 7.11 4.66
N ASN A 14 5.69 7.54 5.86
CA ASN A 14 4.86 8.49 6.62
C ASN A 14 5.42 9.90 6.52
N SER A 15 5.22 10.52 5.36
CA SER A 15 5.70 11.88 5.14
C SER A 15 4.64 12.73 4.44
N THR A 16 5.04 13.91 4.00
CA THR A 16 4.13 14.83 3.31
C THR A 16 4.49 14.97 1.85
N VAL A 17 3.51 15.35 1.03
CA VAL A 17 3.74 15.53 -0.40
C VAL A 17 3.08 16.81 -0.90
N ALA A 18 3.61 17.35 -2.00
CA ALA A 18 3.07 18.57 -2.58
C ALA A 18 1.74 18.31 -3.27
N LYS A 19 1.06 19.39 -3.66
CA LYS A 19 -0.23 19.28 -4.34
C LYS A 19 -0.10 18.46 -5.61
N GLY A 20 -0.89 17.39 -5.71
CA GLY A 20 -0.85 16.53 -6.87
C GLY A 20 0.44 15.75 -6.98
N LEU A 21 0.39 14.47 -6.63
CA LEU A 21 1.56 13.61 -6.68
C LEU A 21 1.18 12.15 -6.49
N GLN A 22 2.18 11.27 -6.43
CA GLN A 22 1.95 9.84 -6.25
C GLN A 22 3.12 9.19 -5.53
N GLU A 23 2.84 8.10 -4.83
CA GLU A 23 3.87 7.38 -4.09
C GLU A 23 3.85 5.89 -4.44
N ASN A 24 5.03 5.28 -4.46
CA ASN A 24 5.15 3.86 -4.78
C ASN A 24 5.34 3.04 -3.51
N PHE A 25 4.69 1.88 -3.47
CA PHE A 25 4.79 1.00 -2.31
C PHE A 25 5.17 -0.42 -2.74
N LYS A 26 5.90 -1.11 -1.88
CA LYS A 26 6.34 -2.47 -2.16
C LYS A 26 6.06 -3.40 -0.99
N ALA A 27 5.59 -4.60 -1.30
CA ALA A 27 5.27 -5.58 -0.25
C ALA A 27 5.74 -6.97 -0.66
N THR A 28 6.38 -7.67 0.27
CA THR A 28 6.88 -9.02 0.00
C THR A 28 6.23 -10.03 0.94
N GLY A 29 5.36 -10.87 0.38
CA GLY A 29 4.69 -11.88 1.18
C GLY A 29 5.52 -13.13 1.35
N ILE A 30 5.56 -13.65 2.57
CA ILE A 30 6.32 -14.85 2.88
C ILE A 30 5.40 -16.03 3.17
N PHE A 31 5.81 -17.21 2.74
CA PHE A 31 5.02 -18.43 2.95
C PHE A 31 5.77 -19.42 3.84
N THR A 32 5.03 -20.35 4.42
CA THR A 32 5.62 -21.35 5.30
C THR A 32 6.52 -22.31 4.53
N ASP A 33 6.42 -22.27 3.20
CA ASP A 33 7.23 -23.13 2.34
C ASP A 33 8.57 -22.47 2.02
N ASN A 34 8.91 -21.44 2.78
CA ASN A 34 10.16 -20.72 2.58
C ASN A 34 10.19 -20.03 1.21
N SER A 35 9.02 -19.94 0.59
CA SER A 35 8.90 -19.30 -0.72
C SER A 35 8.17 -17.97 -0.63
N ASN A 36 8.92 -16.88 -0.79
CA ASN A 36 8.36 -15.54 -0.71
C ASN A 36 7.93 -15.05 -2.10
N SER A 37 6.80 -14.36 -2.15
CA SER A 37 6.29 -13.83 -3.40
C SER A 37 5.80 -12.40 -3.24
N ASP A 38 5.62 -11.71 -4.36
CA ASP A 38 5.15 -10.33 -4.34
C ASP A 38 3.62 -10.27 -4.36
N ILE A 39 3.06 -9.47 -3.44
CA ILE A 39 1.62 -9.33 -3.35
C ILE A 39 0.90 -10.63 -3.72
N THR A 40 1.38 -11.73 -3.16
CA THR A 40 0.79 -13.04 -3.42
C THR A 40 -0.62 -13.13 -2.87
N ASP A 41 -0.85 -12.53 -1.70
CA ASP A 41 -2.15 -12.54 -1.07
C ASP A 41 -2.98 -11.35 -1.53
N GLN A 42 -2.46 -10.59 -2.48
CA GLN A 42 -3.14 -9.41 -3.00
C GLN A 42 -3.42 -8.40 -1.89
N VAL A 43 -2.37 -7.73 -1.44
CA VAL A 43 -2.49 -6.73 -0.38
C VAL A 43 -3.58 -5.72 -0.71
N THR A 44 -4.59 -5.64 0.15
CA THR A 44 -5.69 -4.70 -0.04
C THR A 44 -5.27 -3.28 0.29
N TRP A 45 -5.50 -2.37 -0.64
CA TRP A 45 -5.15 -0.96 -0.45
C TRP A 45 -6.38 -0.14 -0.05
N ASP A 46 -6.17 0.84 0.81
CA ASP A 46 -7.26 1.70 1.27
C ASP A 46 -6.74 3.08 1.66
N SER A 47 -7.53 4.11 1.37
CA SER A 47 -7.15 5.48 1.69
C SER A 47 -8.25 6.18 2.46
N SER A 48 -7.86 7.08 3.36
CA SER A 48 -8.82 7.83 4.16
C SER A 48 -9.67 8.74 3.29
N ASN A 49 -9.11 9.15 2.15
CA ASN A 49 -9.82 10.02 1.23
C ASN A 49 -10.07 11.39 1.85
N THR A 50 -10.17 12.41 1.00
CA THR A 50 -10.41 13.77 1.47
C THR A 50 -11.17 14.59 0.43
N ASP A 51 -10.50 14.88 -0.69
CA ASP A 51 -11.11 15.66 -1.76
C ASP A 51 -11.29 14.80 -3.01
N ILE A 52 -10.24 14.07 -3.37
CA ILE A 52 -10.28 13.22 -4.56
C ILE A 52 -8.95 12.49 -4.75
N LEU A 53 -8.84 11.30 -4.17
CA LEU A 53 -7.63 10.51 -4.28
C LEU A 53 -7.95 9.05 -4.57
N SER A 54 -7.14 8.41 -5.41
CA SER A 54 -7.34 7.02 -5.77
C SER A 54 -6.02 6.26 -5.81
N ILE A 55 -6.04 5.03 -5.33
CA ILE A 55 -4.84 4.20 -5.30
C ILE A 55 -4.99 2.99 -6.21
N SER A 56 -4.01 2.78 -7.09
CA SER A 56 -4.04 1.66 -8.02
C SER A 56 -2.92 0.67 -7.71
N ASN A 57 -3.30 -0.55 -7.33
CA ASN A 57 -2.33 -1.58 -7.00
C ASN A 57 -2.48 -2.78 -7.93
N ALA A 58 -3.71 -3.04 -8.35
CA ALA A 58 -4.00 -4.16 -9.24
C ALA A 58 -3.62 -3.83 -10.68
N SER A 59 -3.17 -2.60 -10.90
CA SER A 59 -2.79 -2.15 -12.24
C SER A 59 -1.75 -3.10 -12.85
N ASP A 60 -0.80 -3.54 -12.02
CA ASP A 60 0.24 -4.45 -12.48
C ASP A 60 1.03 -5.00 -11.30
N SER A 61 0.31 -5.48 -10.28
CA SER A 61 0.96 -6.03 -9.09
C SER A 61 1.53 -4.92 -8.22
N HIS A 62 2.47 -4.15 -8.78
CA HIS A 62 3.09 -3.06 -8.05
C HIS A 62 2.04 -2.14 -7.44
N GLY A 63 2.35 -1.59 -6.27
CA GLY A 63 1.41 -0.70 -5.60
C GLY A 63 1.71 0.76 -5.87
N LEU A 64 0.68 1.54 -6.16
CA LEU A 64 0.83 2.96 -6.44
C LEU A 64 -0.37 3.75 -5.94
N ALA A 65 -0.09 4.87 -5.28
CA ALA A 65 -1.16 5.72 -4.75
C ALA A 65 -1.09 7.11 -5.34
N SER A 66 -2.24 7.64 -5.74
CA SER A 66 -2.32 8.97 -6.35
C SER A 66 -3.25 9.87 -5.55
N THR A 67 -2.68 10.92 -4.96
CA THR A 67 -3.46 11.86 -4.17
C THR A 67 -3.64 13.18 -4.90
N LEU A 68 -4.82 13.78 -4.75
CA LEU A 68 -5.12 15.05 -5.40
C LEU A 68 -6.05 15.89 -4.54
N ASN A 69 -5.58 16.27 -3.36
CA ASN A 69 -6.36 17.08 -2.44
C ASN A 69 -5.47 18.00 -1.62
N GLN A 70 -6.09 18.90 -0.86
CA GLN A 70 -5.35 19.83 -0.02
C GLN A 70 -5.59 19.55 1.46
N GLY A 71 -5.32 18.33 1.88
CA GLY A 71 -5.52 17.96 3.27
C GLY A 71 -4.63 16.80 3.70
N ASN A 72 -5.02 16.13 4.77
CA ASN A 72 -4.25 15.00 5.28
C ASN A 72 -4.93 13.68 4.93
N VAL A 73 -4.17 12.77 4.31
CA VAL A 73 -4.69 11.48 3.92
C VAL A 73 -4.02 10.36 4.71
N LYS A 74 -4.77 9.29 4.95
CA LYS A 74 -4.25 8.14 5.69
C LYS A 74 -4.28 6.88 4.83
N VAL A 75 -3.09 6.32 4.59
CA VAL A 75 -2.98 5.11 3.78
C VAL A 75 -3.01 3.86 4.66
N THR A 76 -4.02 3.02 4.43
CA THR A 76 -4.17 1.79 5.21
C THR A 76 -4.37 0.59 4.28
N ALA A 77 -3.60 -0.47 4.54
CA ALA A 77 -3.69 -1.68 3.73
C ALA A 77 -3.66 -2.93 4.61
N SER A 78 -4.13 -4.04 4.06
CA SER A 78 -4.16 -5.31 4.80
C SER A 78 -3.92 -6.49 3.87
N ILE A 79 -3.14 -7.45 4.34
CA ILE A 79 -2.83 -8.64 3.54
C ILE A 79 -2.89 -9.89 4.39
N GLY A 80 -3.23 -11.02 3.77
CA GLY A 80 -3.31 -12.27 4.49
C GLY A 80 -2.20 -12.43 5.51
N GLY A 81 -1.01 -11.95 5.15
CA GLY A 81 0.13 -12.04 6.06
C GLY A 81 0.06 -11.05 7.20
N ILE A 82 0.44 -9.81 6.92
CA ILE A 82 0.43 -8.76 7.93
C ILE A 82 -0.07 -7.44 7.35
N GLN A 83 -0.69 -6.62 8.19
CA GLN A 83 -1.21 -5.33 7.76
C GLN A 83 -0.48 -4.19 8.46
N GLY A 84 -0.58 -2.99 7.90
CA GLY A 84 0.07 -1.84 8.48
C GLY A 84 -0.68 -0.55 8.22
N SER A 85 -0.07 0.58 8.58
CA SER A 85 -0.70 1.88 8.39
C SER A 85 0.34 2.94 8.04
N THR A 86 -0.10 4.00 7.37
CA THR A 86 0.80 5.09 6.98
C THR A 86 0.09 6.43 7.04
N ASP A 87 0.85 7.49 7.24
CA ASP A 87 0.30 8.84 7.32
C ASP A 87 0.85 9.71 6.20
N PHE A 88 -0.04 10.32 5.43
CA PHE A 88 0.35 11.19 4.33
C PHE A 88 -0.32 12.55 4.44
N LYS A 89 0.42 13.60 4.09
CA LYS A 89 -0.10 14.96 4.14
C LYS A 89 0.10 15.68 2.81
N VAL A 90 -1.00 15.93 2.11
CA VAL A 90 -0.95 16.62 0.82
C VAL A 90 -1.49 18.04 0.93
N THR A 91 -0.69 19.00 0.49
CA THR A 91 -1.08 20.40 0.54
C THR A 91 -1.65 20.86 -0.80
N GLN A 92 -2.19 22.08 -0.82
CA GLN A 92 -2.77 22.63 -2.04
C GLN A 92 -1.70 23.30 -2.91
N MET A 1 4.13 -29.67 -0.46
CA MET A 1 3.45 -29.42 0.80
C MET A 1 2.63 -28.13 0.72
N PRO A 2 1.67 -27.98 1.65
CA PRO A 2 0.80 -26.80 1.70
C PRO A 2 1.55 -25.56 2.17
N ALA A 3 1.11 -24.40 1.69
CA ALA A 3 1.73 -23.13 2.06
C ALA A 3 0.76 -22.23 2.80
N ALA A 4 1.22 -21.64 3.89
CA ALA A 4 0.39 -20.75 4.70
C ALA A 4 1.11 -19.44 4.99
N LEU A 5 0.34 -18.35 5.02
CA LEU A 5 0.90 -17.03 5.29
C LEU A 5 1.73 -17.04 6.56
N VAL A 6 2.77 -16.22 6.59
CA VAL A 6 3.64 -16.13 7.77
C VAL A 6 3.96 -14.67 8.10
N SER A 7 4.59 -13.99 7.16
CA SER A 7 4.96 -12.58 7.36
C SER A 7 4.96 -11.83 6.02
N ILE A 8 5.16 -10.52 6.09
CA ILE A 8 5.18 -9.69 4.90
C ILE A 8 6.18 -8.54 5.05
N SER A 9 6.67 -8.05 3.92
CA SER A 9 7.62 -6.95 3.92
C SER A 9 7.03 -5.70 3.27
N VAL A 10 6.74 -4.70 4.08
CA VAL A 10 6.16 -3.45 3.59
C VAL A 10 7.07 -2.26 3.92
N SER A 11 7.25 -1.38 2.95
CA SER A 11 8.09 -0.20 3.13
C SER A 11 7.26 1.08 3.06
N PRO A 12 6.38 1.29 4.06
CA PRO A 12 5.51 2.46 4.13
C PRO A 12 6.29 3.74 4.42
N THR A 13 5.82 4.85 3.87
CA THR A 13 6.47 6.15 4.07
C THR A 13 5.56 7.11 4.81
N ASN A 14 5.94 7.46 6.04
CA ASN A 14 5.16 8.37 6.85
C ASN A 14 5.70 9.80 6.75
N SER A 15 5.26 10.53 5.74
CA SER A 15 5.70 11.90 5.53
C SER A 15 4.61 12.73 4.86
N THR A 16 4.95 13.96 4.50
CA THR A 16 4.00 14.85 3.85
C THR A 16 4.41 15.15 2.41
N VAL A 17 3.43 15.45 1.57
CA VAL A 17 3.70 15.75 0.17
C VAL A 17 2.91 16.98 -0.29
N ALA A 18 3.40 17.64 -1.34
CA ALA A 18 2.74 18.82 -1.86
C ALA A 18 1.48 18.45 -2.64
N LYS A 19 0.69 19.46 -3.00
CA LYS A 19 -0.55 19.22 -3.74
C LYS A 19 -0.27 18.55 -5.07
N GLY A 20 -1.13 17.60 -5.44
CA GLY A 20 -0.95 16.89 -6.69
C GLY A 20 0.34 16.11 -6.74
N LEU A 21 0.24 14.80 -6.54
CA LEU A 21 1.41 13.93 -6.57
C LEU A 21 1.00 12.46 -6.49
N GLN A 22 1.97 11.57 -6.69
CA GLN A 22 1.71 10.14 -6.63
C GLN A 22 2.92 9.39 -6.09
N GLU A 23 2.67 8.30 -5.37
CA GLU A 23 3.73 7.49 -4.80
C GLU A 23 3.51 6.01 -5.07
N ASN A 24 4.60 5.27 -5.25
CA ASN A 24 4.52 3.84 -5.52
C ASN A 24 4.80 3.03 -4.25
N PHE A 25 4.04 1.95 -4.06
CA PHE A 25 4.21 1.09 -2.90
C PHE A 25 4.59 -0.32 -3.32
N LYS A 26 5.20 -1.06 -2.39
CA LYS A 26 5.61 -2.43 -2.67
C LYS A 26 5.47 -3.30 -1.42
N ALA A 27 4.93 -4.50 -1.61
CA ALA A 27 4.74 -5.43 -0.49
C ALA A 27 5.11 -6.85 -0.90
N THR A 28 5.85 -7.53 -0.03
CA THR A 28 6.27 -8.90 -0.30
C THR A 28 5.65 -9.87 0.70
N GLY A 29 4.98 -10.90 0.18
CA GLY A 29 4.35 -11.88 1.05
C GLY A 29 5.23 -13.08 1.30
N ILE A 30 5.20 -13.61 2.52
CA ILE A 30 6.01 -14.76 2.87
C ILE A 30 5.12 -15.95 3.24
N PHE A 31 5.55 -17.15 2.85
CA PHE A 31 4.80 -18.36 3.14
C PHE A 31 5.61 -19.30 4.03
N THR A 32 4.92 -20.20 4.72
CA THR A 32 5.57 -21.15 5.62
C THR A 32 6.41 -22.15 4.83
N ASP A 33 6.21 -22.19 3.52
CA ASP A 33 6.94 -23.11 2.65
C ASP A 33 8.24 -22.47 2.18
N ASN A 34 8.65 -21.40 2.85
CA ASN A 34 9.88 -20.70 2.49
C ASN A 34 9.78 -20.11 1.08
N SER A 35 8.57 -20.03 0.56
CA SER A 35 8.34 -19.49 -0.77
C SER A 35 7.64 -18.13 -0.70
N ASN A 36 8.44 -17.07 -0.77
CA ASN A 36 7.90 -15.72 -0.71
C ASN A 36 7.63 -15.18 -2.11
N SER A 37 6.55 -14.41 -2.25
CA SER A 37 6.18 -13.84 -3.54
C SER A 37 5.80 -12.37 -3.39
N ASP A 38 5.85 -11.64 -4.50
CA ASP A 38 5.52 -10.22 -4.49
C ASP A 38 4.02 -10.01 -4.67
N ILE A 39 3.41 -9.26 -3.76
CA ILE A 39 1.98 -9.00 -3.82
C ILE A 39 1.21 -10.22 -4.28
N THR A 40 1.60 -11.39 -3.77
CA THR A 40 0.94 -12.64 -4.13
C THR A 40 -0.56 -12.56 -3.90
N ASP A 41 -0.95 -11.96 -2.78
CA ASP A 41 -2.36 -11.81 -2.43
C ASP A 41 -2.91 -10.48 -2.94
N GLN A 42 -2.10 -9.76 -3.70
CA GLN A 42 -2.50 -8.47 -4.24
C GLN A 42 -2.79 -7.48 -3.12
N VAL A 43 -1.73 -7.03 -2.45
CA VAL A 43 -1.88 -6.07 -1.36
C VAL A 43 -2.70 -4.87 -1.79
N THR A 44 -3.90 -4.74 -1.23
CA THR A 44 -4.79 -3.64 -1.55
C THR A 44 -4.67 -2.52 -0.52
N TRP A 45 -4.42 -1.31 -1.00
CA TRP A 45 -4.29 -0.15 -0.11
C TRP A 45 -5.37 0.88 -0.40
N ASP A 46 -6.04 1.35 0.65
CA ASP A 46 -7.10 2.35 0.49
C ASP A 46 -6.71 3.65 1.19
N SER A 47 -7.13 4.77 0.61
CA SER A 47 -6.82 6.09 1.16
C SER A 47 -8.09 6.75 1.69
N SER A 48 -7.93 7.57 2.73
CA SER A 48 -9.06 8.27 3.32
C SER A 48 -9.53 9.42 2.42
N ASN A 49 -8.59 10.03 1.72
CA ASN A 49 -8.91 11.13 0.81
C ASN A 49 -9.50 12.31 1.59
N THR A 50 -9.55 13.47 0.94
CA THR A 50 -10.09 14.67 1.56
C THR A 50 -10.97 15.44 0.58
N ASP A 51 -10.55 15.51 -0.67
CA ASP A 51 -11.31 16.22 -1.69
C ASP A 51 -11.33 15.42 -3.00
N ILE A 52 -10.18 14.84 -3.34
CA ILE A 52 -10.07 14.05 -4.56
C ILE A 52 -8.82 13.18 -4.54
N LEU A 53 -9.02 11.87 -4.55
CA LEU A 53 -7.91 10.93 -4.53
C LEU A 53 -8.29 9.61 -5.21
N SER A 54 -7.34 9.03 -5.92
CA SER A 54 -7.58 7.77 -6.63
C SER A 54 -6.41 6.81 -6.43
N ILE A 55 -6.73 5.53 -6.27
CA ILE A 55 -5.71 4.50 -6.07
C ILE A 55 -5.70 3.51 -7.23
N SER A 56 -4.50 3.21 -7.74
CA SER A 56 -4.34 2.27 -8.84
C SER A 56 -3.39 1.14 -8.47
N ASN A 57 -3.82 -0.09 -8.75
CA ASN A 57 -3.01 -1.26 -8.44
C ASN A 57 -3.48 -2.47 -9.23
N ALA A 58 -3.62 -2.29 -10.55
CA ALA A 58 -4.07 -3.36 -11.42
C ALA A 58 -3.60 -3.14 -12.86
N SER A 59 -2.58 -2.30 -13.01
CA SER A 59 -2.04 -1.98 -14.32
C SER A 59 -1.11 -3.10 -14.81
N ASP A 60 -0.67 -3.94 -13.88
CA ASP A 60 0.22 -5.05 -14.22
C ASP A 60 0.59 -5.83 -12.96
N SER A 61 0.71 -5.13 -11.84
CA SER A 61 1.08 -5.75 -10.58
C SER A 61 1.28 -4.70 -9.49
N HIS A 62 2.40 -3.99 -9.56
CA HIS A 62 2.71 -2.95 -8.58
C HIS A 62 1.57 -1.94 -8.48
N GLY A 63 1.41 -1.36 -7.29
CA GLY A 63 0.36 -0.38 -7.09
C GLY A 63 0.89 0.95 -6.58
N LEU A 64 0.05 1.97 -6.64
CA LEU A 64 0.44 3.30 -6.19
C LEU A 64 -0.78 4.11 -5.76
N ALA A 65 -0.54 5.33 -5.29
CA ALA A 65 -1.62 6.21 -4.84
C ALA A 65 -1.43 7.62 -5.38
N SER A 66 -2.51 8.20 -5.91
CA SER A 66 -2.46 9.55 -6.46
C SER A 66 -3.40 10.48 -5.71
N THR A 67 -2.82 11.42 -4.95
CA THR A 67 -3.61 12.37 -4.18
C THR A 67 -3.83 13.66 -4.96
N LEU A 68 -4.86 14.41 -4.58
CA LEU A 68 -5.17 15.68 -5.24
C LEU A 68 -5.94 16.61 -4.30
N ASN A 69 -5.76 16.41 -3.00
CA ASN A 69 -6.43 17.23 -2.00
C ASN A 69 -5.42 17.98 -1.14
N GLN A 70 -5.93 18.85 -0.26
CA GLN A 70 -5.07 19.62 0.62
C GLN A 70 -5.37 19.31 2.08
N GLY A 71 -5.23 18.04 2.46
CA GLY A 71 -5.48 17.64 3.83
C GLY A 71 -4.64 16.45 4.25
N ASN A 72 -5.19 15.63 5.15
CA ASN A 72 -4.48 14.45 5.64
C ASN A 72 -5.14 13.17 5.14
N VAL A 73 -4.33 12.26 4.61
CA VAL A 73 -4.84 11.00 4.10
C VAL A 73 -4.23 9.81 4.85
N LYS A 74 -5.06 8.83 5.15
CA LYS A 74 -4.61 7.64 5.86
C LYS A 74 -4.43 6.46 4.91
N VAL A 75 -3.19 6.02 4.76
CA VAL A 75 -2.89 4.90 3.87
C VAL A 75 -2.82 3.59 4.65
N THR A 76 -3.66 2.64 4.26
CA THR A 76 -3.71 1.34 4.92
C THR A 76 -3.95 0.21 3.92
N ALA A 77 -3.18 -0.86 4.03
CA ALA A 77 -3.31 -1.99 3.13
C ALA A 77 -3.21 -3.31 3.90
N SER A 78 -3.60 -4.40 3.24
CA SER A 78 -3.55 -5.72 3.86
C SER A 78 -3.28 -6.79 2.82
N ILE A 79 -2.39 -7.72 3.16
CA ILE A 79 -2.04 -8.81 2.25
C ILE A 79 -1.88 -10.13 3.01
N GLY A 80 -2.69 -11.12 2.64
CA GLY A 80 -2.61 -12.41 3.29
C GLY A 80 -3.08 -12.36 4.74
N GLY A 81 -2.12 -12.33 5.66
CA GLY A 81 -2.45 -12.28 7.07
C GLY A 81 -2.01 -10.98 7.72
N ILE A 82 -0.73 -10.68 7.63
CA ILE A 82 -0.18 -9.46 8.21
C ILE A 82 -0.66 -8.22 7.46
N GLN A 83 -0.73 -7.09 8.15
CA GLN A 83 -1.16 -5.84 7.55
C GLN A 83 -0.26 -4.69 7.97
N GLY A 84 -0.33 -3.59 7.23
CA GLY A 84 0.49 -2.44 7.54
C GLY A 84 -0.30 -1.13 7.46
N SER A 85 0.28 -0.07 8.00
CA SER A 85 -0.37 1.23 8.00
C SER A 85 0.65 2.36 7.77
N THR A 86 0.18 3.45 7.18
CA THR A 86 1.05 4.59 6.91
C THR A 86 0.29 5.90 7.03
N ASP A 87 1.02 6.97 7.35
CA ASP A 87 0.42 8.29 7.50
C ASP A 87 0.95 9.27 6.46
N PHE A 88 0.04 9.88 5.71
CA PHE A 88 0.43 10.83 4.66
C PHE A 88 -0.33 12.14 4.82
N LYS A 89 0.35 13.24 4.56
CA LYS A 89 -0.25 14.57 4.68
C LYS A 89 -0.03 15.38 3.40
N VAL A 90 -1.11 15.57 2.65
CA VAL A 90 -1.05 16.33 1.40
C VAL A 90 -1.46 17.77 1.62
N THR A 91 -0.59 18.70 1.21
CA THR A 91 -0.87 20.13 1.35
C THR A 91 -1.21 20.77 0.01
N GLN A 92 -1.60 22.03 0.04
CA GLN A 92 -1.95 22.76 -1.17
C GLN A 92 -0.71 23.42 -1.79
#